data_9JPT
#
_entry.id   9JPT
#
_cell.length_a   1.00
_cell.length_b   1.00
_cell.length_c   1.00
_cell.angle_alpha   90.00
_cell.angle_beta   90.00
_cell.angle_gamma   90.00
#
_symmetry.space_group_name_H-M   'P 1'
#
_entity_poly.entity_id   1
_entity_poly.type   'polypeptide(L)'
_entity_poly.pdbx_seq_one_letter_code
;MALVTVPTATTRLRNFCVFSSVKPLDFCDQYSSPCSSDATVDDGWFVCEYHASRFFKMEKLALAIPDGTGNNYYRTVGKS
LVDDKAEGIERILIPSQNNYETVLNLSLLGPAERLVFYMIYDNKEKQNEICQQLRMYERFRPEVVEELYNSTLRVLALTN
PDAYCAQTNTNESRSFGLSVEDDLAFNVLPTFIQNLIRKCVAPESLTIGTEDLQLRNCNTCRITSEGLLASVRLYNSVQP
KYLYGVNENRLQIRNVLQFQGNANALQQKLSRYELYQINIPLFLGKQIISTGR
;
_entity_poly.pdbx_strand_id   A,B,C,D,E,F,G,H
#
# COMPACT_ATOMS: atom_id res chain seq x y z
N LEU A 13 66.47 27.28 17.94
CA LEU A 13 67.12 27.83 16.77
C LEU A 13 66.14 28.62 15.91
N ARG A 14 66.50 29.85 15.57
CA ARG A 14 65.66 30.65 14.69
C ARG A 14 65.72 30.18 13.24
N ASN A 15 66.74 29.39 12.89
CA ASN A 15 66.96 28.99 11.50
C ASN A 15 67.54 27.59 11.50
N PHE A 16 66.70 26.59 11.24
CA PHE A 16 67.15 25.21 11.14
C PHE A 16 67.66 24.84 9.75
N CYS A 17 67.50 25.72 8.76
CA CYS A 17 67.97 25.43 7.43
C CYS A 17 69.49 25.35 7.41
N VAL A 18 70.02 24.29 6.79
CA VAL A 18 71.47 24.17 6.64
C VAL A 18 72.00 25.28 5.75
N PHE A 19 71.27 25.60 4.68
CA PHE A 19 71.66 26.65 3.75
C PHE A 19 71.17 28.02 4.18
N SER A 20 70.82 28.17 5.45
CA SER A 20 70.47 29.49 5.99
C SER A 20 71.66 30.43 5.95
N SER A 21 72.85 29.94 6.28
CA SER A 21 74.07 30.74 6.21
C SER A 21 74.74 30.52 4.85
N VAL A 22 74.11 31.08 3.82
CA VAL A 22 74.64 31.10 2.46
C VAL A 22 74.64 32.56 2.03
N LYS A 23 75.80 33.19 2.10
CA LYS A 23 75.90 34.62 1.89
C LYS A 23 77.01 34.95 0.90
N PRO A 24 76.80 35.91 0.00
CA PRO A 24 77.91 36.43 -0.81
C PRO A 24 78.79 37.35 0.03
N LEU A 25 79.75 37.98 -0.66
CA LEU A 25 80.64 38.91 0.03
C LEU A 25 79.88 40.10 0.60
N ASP A 26 79.07 40.77 -0.22
CA ASP A 26 78.15 41.80 0.23
C ASP A 26 76.75 41.20 0.17
N PHE A 27 76.25 40.73 1.30
CA PHE A 27 75.15 39.77 1.30
C PHE A 27 73.82 40.48 1.50
N CYS A 28 73.04 40.54 0.43
CA CYS A 28 71.59 40.62 0.48
C CYS A 28 71.11 39.33 -0.18
N ASP A 29 70.91 38.29 0.64
CA ASP A 29 70.97 36.91 0.18
C ASP A 29 70.11 36.70 -1.06
N GLN A 30 70.62 35.83 -1.95
CA GLN A 30 70.09 35.67 -3.30
C GLN A 30 68.56 35.54 -3.28
N TYR A 31 68.07 34.43 -2.70
CA TYR A 31 66.70 34.27 -2.23
C TYR A 31 65.67 35.01 -3.09
N SER A 32 65.61 34.70 -4.38
CA SER A 32 64.59 35.29 -5.25
C SER A 32 63.22 35.08 -4.63
N SER A 33 63.00 33.87 -4.09
CA SER A 33 61.92 33.60 -3.18
C SER A 33 62.50 33.49 -1.77
N PRO A 34 62.11 34.36 -0.85
CA PRO A 34 62.71 34.33 0.49
C PRO A 34 62.44 33.01 1.20
N CYS A 35 63.40 32.63 2.05
CA CYS A 35 63.29 31.37 2.77
C CYS A 35 62.03 31.34 3.61
N SER A 36 61.29 30.24 3.53
CA SER A 36 60.04 30.10 4.26
C SER A 36 60.30 30.00 5.75
N SER A 37 59.25 30.27 6.53
CA SER A 37 59.33 30.15 7.98
C SER A 37 59.46 28.71 8.45
N ASP A 38 59.53 27.75 7.53
CA ASP A 38 59.74 26.35 7.92
C ASP A 38 61.10 26.13 8.54
N ALA A 39 62.11 26.92 8.14
CA ALA A 39 63.42 26.82 8.77
C ALA A 39 63.36 27.19 10.24
N THR A 40 62.39 28.02 10.63
CA THR A 40 62.30 28.42 12.03
C THR A 40 61.90 27.26 12.93
N VAL A 41 61.01 26.40 12.46
CA VAL A 41 60.49 25.29 13.26
C VAL A 41 61.33 24.05 13.01
N ASP A 42 61.24 23.10 13.94
CA ASP A 42 62.00 21.85 13.88
C ASP A 42 61.10 20.72 13.38
N ASP A 43 60.95 20.66 12.05
CA ASP A 43 60.27 19.52 11.44
C ASP A 43 61.22 18.37 11.11
N GLY A 44 62.52 18.59 11.22
CA GLY A 44 63.50 17.55 11.03
C GLY A 44 64.19 17.53 9.68
N TRP A 45 63.60 18.16 8.67
CA TRP A 45 64.26 18.23 7.37
C TRP A 45 65.53 19.06 7.45
N PHE A 46 65.52 20.12 8.26
CA PHE A 46 66.64 21.03 8.42
C PHE A 46 67.00 21.76 7.13
N VAL A 47 66.06 21.80 6.18
CA VAL A 47 66.19 22.57 4.95
C VAL A 47 64.88 23.30 4.72
N CYS A 48 64.97 24.55 4.27
CA CYS A 48 63.76 25.30 3.98
C CYS A 48 63.16 24.84 2.65
N GLU A 49 61.93 25.31 2.39
CA GLU A 49 61.24 24.90 1.17
C GLU A 49 61.98 25.36 -0.07
N TYR A 50 62.52 26.58 -0.05
CA TYR A 50 63.23 27.10 -1.21
C TYR A 50 64.47 26.26 -1.52
N HIS A 51 65.26 25.94 -0.49
CA HIS A 51 66.47 25.16 -0.72
C HIS A 51 66.15 23.71 -1.10
N ALA A 52 65.07 23.16 -0.52
CA ALA A 52 64.65 21.82 -0.90
C ALA A 52 64.22 21.76 -2.36
N SER A 53 63.47 22.77 -2.82
CA SER A 53 63.02 22.78 -4.20
C SER A 53 64.16 23.06 -5.17
N ARG A 54 65.08 23.96 -4.78
CA ARG A 54 66.14 24.36 -5.69
C ARG A 54 67.19 23.25 -5.86
N PHE A 55 67.60 22.63 -4.77
CA PHE A 55 68.67 21.64 -4.79
C PHE A 55 68.15 20.21 -4.96
N PHE A 56 67.31 19.76 -4.03
CA PHE A 56 66.80 18.40 -4.05
C PHE A 56 65.58 18.23 -4.96
N LYS A 57 65.10 19.31 -5.57
CA LYS A 57 63.99 19.25 -6.52
C LYS A 57 62.76 18.60 -5.92
N MET A 58 62.45 18.94 -4.67
CA MET A 58 61.26 18.44 -4.01
C MET A 58 60.67 19.52 -3.13
N GLU A 59 59.37 19.42 -2.90
CA GLU A 59 58.64 20.31 -2.02
C GLU A 59 58.16 19.53 -0.79
N LYS A 60 57.51 20.24 0.13
CA LYS A 60 57.08 19.67 1.39
C LYS A 60 55.56 19.58 1.43
N LEU A 61 55.03 18.44 1.88
CA LEU A 61 53.60 18.21 1.95
C LEU A 61 53.22 17.70 3.33
N ALA A 62 52.06 18.13 3.80
CA ALA A 62 51.53 17.72 5.11
C ALA A 62 50.64 16.51 4.92
N LEU A 63 51.20 15.33 5.18
CA LEU A 63 50.47 14.07 5.09
C LEU A 63 49.53 13.98 6.28
N ALA A 64 48.22 13.99 6.01
CA ALA A 64 47.20 13.92 7.05
C ALA A 64 46.57 12.54 7.07
N ILE A 65 46.50 11.94 8.24
CA ILE A 65 45.97 10.58 8.38
C ILE A 65 44.68 10.63 9.21
N PRO A 66 43.51 10.61 8.58
CA PRO A 66 42.26 10.61 9.35
C PRO A 66 42.03 9.28 10.04
N ASP A 67 41.25 9.33 11.12
CA ASP A 67 40.90 8.14 11.89
C ASP A 67 39.42 8.02 12.19
N GLY A 68 38.58 8.90 11.65
CA GLY A 68 37.15 8.85 11.86
C GLY A 68 36.60 9.79 12.91
N THR A 69 37.43 10.68 13.45
CA THR A 69 36.99 11.61 14.48
C THR A 69 37.18 13.07 14.08
N GLY A 70 38.26 13.40 13.41
CA GLY A 70 38.52 14.77 13.00
C GLY A 70 39.96 15.18 13.16
N ASN A 71 40.65 14.60 14.16
CA ASN A 71 42.08 14.84 14.32
C ASN A 71 42.88 13.98 13.37
N ASN A 72 43.96 14.53 12.84
CA ASN A 72 44.80 13.85 11.85
C ASN A 72 46.23 13.75 12.36
N TYR A 73 46.79 12.56 12.26
CA TYR A 73 48.19 12.33 12.63
C TYR A 73 49.06 12.92 11.53
N TYR A 74 49.39 14.21 11.69
CA TYR A 74 50.14 14.93 10.67
C TYR A 74 51.56 14.38 10.54
N ARG A 75 52.09 14.47 9.33
CA ARG A 75 53.44 14.02 9.03
C ARG A 75 53.97 14.87 7.88
N THR A 76 55.29 14.84 7.70
CA THR A 76 55.94 15.55 6.61
C THR A 76 56.36 14.56 5.53
N VAL A 77 56.06 14.89 4.27
CA VAL A 77 56.41 14.02 3.15
C VAL A 77 56.98 14.88 2.03
N GLY A 78 57.76 14.24 1.16
CA GLY A 78 58.34 14.91 0.02
C GLY A 78 57.45 14.82 -1.20
N LYS A 79 57.37 15.93 -1.93
CA LYS A 79 56.57 16.04 -3.15
C LYS A 79 57.52 16.21 -4.33
N SER A 80 57.42 15.29 -5.29
CA SER A 80 58.34 15.29 -6.43
C SER A 80 58.07 16.47 -7.34
N LEU A 81 59.15 17.06 -7.86
CA LEU A 81 59.06 18.18 -8.79
C LEU A 81 59.58 17.84 -10.18
N VAL A 82 60.12 16.65 -10.39
CA VAL A 82 60.62 16.24 -11.70
C VAL A 82 59.46 15.77 -12.55
N ASP A 83 59.62 15.89 -13.86
CA ASP A 83 58.60 15.50 -14.82
C ASP A 83 58.85 14.08 -15.32
N ASP A 84 57.77 13.46 -15.83
CA ASP A 84 57.89 12.11 -16.37
C ASP A 84 58.77 12.06 -17.60
N LYS A 85 58.85 13.17 -18.34
CA LYS A 85 59.67 13.21 -19.56
C LYS A 85 61.16 13.21 -19.27
N ALA A 86 61.58 13.47 -18.04
CA ALA A 86 63.00 13.59 -17.72
C ALA A 86 63.72 12.25 -17.76
N GLU A 87 65.03 12.31 -17.98
CA GLU A 87 65.94 11.16 -17.97
C GLU A 87 67.32 11.63 -17.54
N GLY A 88 68.07 10.73 -16.91
CA GLY A 88 69.47 11.00 -16.59
C GLY A 88 69.71 11.48 -15.17
N ILE A 89 70.67 12.40 -15.02
CA ILE A 89 70.98 12.97 -13.71
C ILE A 89 69.88 13.90 -13.24
N GLU A 90 68.89 14.18 -14.09
CA GLU A 90 67.80 15.07 -13.69
C GLU A 90 66.74 14.36 -12.85
N ARG A 91 66.57 13.05 -13.03
CA ARG A 91 65.52 12.30 -12.34
C ARG A 91 65.88 11.95 -10.90
N ILE A 92 67.12 12.17 -10.48
CA ILE A 92 67.54 11.85 -9.12
C ILE A 92 67.13 12.99 -8.20
N LEU A 93 66.40 12.66 -7.14
CA LEU A 93 65.96 13.68 -6.19
C LEU A 93 67.08 14.04 -5.22
N ILE A 94 67.79 13.04 -4.70
CA ILE A 94 68.87 13.25 -3.74
C ILE A 94 70.06 12.40 -4.16
N PRO A 95 71.22 13.00 -4.43
CA PRO A 95 72.39 12.21 -4.86
C PRO A 95 73.20 11.70 -3.68
N SER A 96 74.04 10.71 -3.99
CA SER A 96 74.98 10.13 -3.03
C SER A 96 76.37 10.67 -3.30
N GLN A 97 77.37 10.11 -2.61
CA GLN A 97 78.75 10.57 -2.78
C GLN A 97 79.29 10.29 -4.18
N ASN A 98 78.64 9.40 -4.94
CA ASN A 98 79.19 8.98 -6.23
C ASN A 98 79.20 10.13 -7.23
N ASN A 99 78.07 10.81 -7.40
CA ASN A 99 77.95 11.81 -8.47
C ASN A 99 77.19 13.05 -8.01
N TYR A 100 77.28 13.42 -6.74
CA TYR A 100 76.55 14.59 -6.27
C TYR A 100 77.09 15.88 -6.86
N GLU A 101 78.38 15.91 -7.23
CA GLU A 101 78.94 17.10 -7.85
C GLU A 101 78.24 17.42 -9.16
N THR A 102 78.00 16.41 -10.00
CA THR A 102 77.33 16.63 -11.27
C THR A 102 75.83 16.83 -11.07
N VAL A 103 75.24 16.14 -10.10
CA VAL A 103 73.79 16.25 -9.87
C VAL A 103 73.44 17.65 -9.40
N LEU A 104 74.15 18.15 -8.39
CA LEU A 104 73.87 19.48 -7.85
C LEU A 104 74.52 20.59 -8.65
N ASN A 105 75.38 20.25 -9.61
CA ASN A 105 76.08 21.23 -10.45
C ASN A 105 76.84 22.23 -9.58
N LEU A 106 77.73 21.69 -8.75
CA LEU A 106 78.49 22.50 -7.81
C LEU A 106 79.58 23.34 -8.47
N SER A 107 79.81 23.15 -9.77
CA SER A 107 80.91 23.86 -10.44
C SER A 107 80.71 25.36 -10.42
N LEU A 108 79.47 25.83 -10.68
CA LEU A 108 79.20 27.25 -10.78
C LEU A 108 78.41 27.79 -9.59
N LEU A 109 78.21 26.99 -8.55
CA LEU A 109 77.47 27.45 -7.39
C LEU A 109 78.32 28.39 -6.54
N GLY A 110 77.63 29.20 -5.72
CA GLY A 110 78.30 30.13 -4.84
C GLY A 110 79.16 29.42 -3.82
N PRO A 111 80.27 30.05 -3.43
CA PRO A 111 81.24 29.36 -2.55
C PRO A 111 80.65 28.89 -1.24
N ALA A 112 79.71 29.63 -0.66
CA ALA A 112 79.05 29.16 0.56
C ALA A 112 78.29 27.87 0.31
N GLU A 113 77.55 27.81 -0.81
CA GLU A 113 76.81 26.60 -1.17
C GLU A 113 77.76 25.43 -1.40
N ARG A 114 78.86 25.68 -2.11
CA ARG A 114 79.87 24.65 -2.34
C ARG A 114 80.41 24.11 -1.03
N LEU A 115 80.80 25.01 -0.12
CA LEU A 115 81.31 24.59 1.17
C LEU A 115 80.28 23.75 1.92
N VAL A 116 79.04 24.24 2.00
CA VAL A 116 78.01 23.54 2.77
C VAL A 116 77.80 22.14 2.21
N PHE A 117 77.64 22.03 0.89
CA PHE A 117 77.39 20.73 0.29
C PHE A 117 78.59 19.80 0.47
N TYR A 118 79.81 20.31 0.29
CA TYR A 118 81.00 19.47 0.38
C TYR A 118 81.19 18.94 1.80
N MET A 119 81.00 19.76 2.82
CA MET A 119 81.19 19.25 4.17
C MET A 119 79.96 18.50 4.68
N ILE A 120 78.81 18.62 4.00
CA ILE A 120 77.73 17.68 4.24
C ILE A 120 78.10 16.30 3.72
N TYR A 121 78.70 16.25 2.53
CA TYR A 121 79.16 14.98 1.98
C TYR A 121 80.53 14.58 2.49
N ASP A 122 81.23 15.47 3.21
CA ASP A 122 82.44 15.15 3.96
C ASP A 122 83.54 14.60 3.05
N ASN A 123 84.01 15.47 2.17
CA ASN A 123 85.19 15.21 1.34
C ASN A 123 86.26 16.29 1.59
N LYS A 124 87.25 15.95 2.41
CA LYS A 124 88.10 16.95 3.06
C LYS A 124 88.76 17.89 2.07
N GLU A 125 89.35 17.34 1.01
CA GLU A 125 90.18 18.14 0.11
C GLU A 125 89.38 19.26 -0.56
N LYS A 126 88.08 19.04 -0.80
CA LYS A 126 87.29 20.05 -1.50
C LYS A 126 87.12 21.31 -0.65
N GLN A 127 86.68 21.17 0.60
CA GLN A 127 86.60 22.37 1.43
C GLN A 127 87.97 22.88 1.83
N ASN A 128 89.00 22.03 1.81
CA ASN A 128 90.36 22.53 2.00
C ASN A 128 90.74 23.52 0.90
N GLU A 129 90.51 23.13 -0.37
CA GLU A 129 90.85 24.05 -1.46
C GLU A 129 89.90 25.23 -1.50
N ILE A 130 88.66 25.06 -1.03
CA ILE A 130 87.76 26.20 -0.87
C ILE A 130 88.35 27.20 0.12
N CYS A 131 88.90 26.72 1.24
CA CYS A 131 89.54 27.61 2.19
C CYS A 131 90.76 28.28 1.58
N GLN A 132 91.55 27.52 0.81
CA GLN A 132 92.73 28.12 0.18
C GLN A 132 92.34 29.23 -0.79
N GLN A 133 91.30 29.02 -1.59
CA GLN A 133 90.84 30.06 -2.51
C GLN A 133 90.08 31.18 -1.80
N LEU A 134 89.55 30.91 -0.60
CA LEU A 134 88.83 31.89 0.19
C LEU A 134 89.75 32.73 1.07
N ARG A 135 91.02 32.35 1.17
CA ARG A 135 91.99 33.13 1.93
C ARG A 135 92.05 34.57 1.45
N MET A 136 91.90 34.80 0.15
CA MET A 136 91.92 36.16 -0.38
C MET A 136 90.75 36.98 0.14
N TYR A 137 89.56 36.37 0.18
CA TYR A 137 88.40 37.04 0.76
C TYR A 137 88.56 37.21 2.27
N GLU A 138 89.33 36.33 2.90
CA GLU A 138 89.43 36.31 4.35
C GLU A 138 89.93 37.64 4.93
N ARG A 139 90.77 38.36 4.19
CA ARG A 139 91.32 39.61 4.70
C ARG A 139 90.26 40.70 4.83
N PHE A 140 89.14 40.60 4.11
CA PHE A 140 88.05 41.56 4.23
C PHE A 140 87.03 41.17 5.29
N ARG A 141 86.68 39.90 5.37
CA ARG A 141 85.62 39.41 6.26
C ARG A 141 86.14 38.22 7.05
N PRO A 142 87.00 38.46 8.05
CA PRO A 142 87.63 37.35 8.78
C PRO A 142 86.78 36.73 9.88
N GLU A 143 85.50 37.05 9.96
CA GLU A 143 84.65 36.54 11.04
C GLU A 143 83.47 35.71 10.59
N VAL A 144 82.98 35.91 9.36
CA VAL A 144 81.80 35.17 8.91
C VAL A 144 82.11 33.71 8.67
N VAL A 145 83.33 33.38 8.25
CA VAL A 145 83.66 32.01 7.87
C VAL A 145 83.58 31.09 9.07
N GLU A 146 84.18 31.49 10.20
CA GLU A 146 84.20 30.63 11.37
C GLU A 146 82.80 30.40 11.92
N GLU A 147 81.98 31.45 12.01
CA GLU A 147 80.63 31.28 12.53
C GLU A 147 79.77 30.46 11.58
N LEU A 148 79.94 30.65 10.27
CA LEU A 148 79.22 29.83 9.30
C LEU A 148 79.58 28.35 9.45
N TYR A 149 80.88 28.06 9.54
CA TYR A 149 81.32 26.68 9.72
C TYR A 149 80.80 26.10 11.01
N ASN A 150 80.84 26.88 12.10
CA ASN A 150 80.35 26.39 13.39
C ASN A 150 78.87 26.08 13.33
N SER A 151 78.07 26.96 12.75
CA SER A 151 76.63 26.74 12.68
C SER A 151 76.30 25.51 11.83
N THR A 152 76.94 25.40 10.67
CA THR A 152 76.66 24.25 9.80
C THR A 152 77.13 22.95 10.44
N LEU A 153 78.29 22.97 11.09
CA LEU A 153 78.80 21.77 11.74
C LEU A 153 77.92 21.36 12.91
N ARG A 154 77.40 22.32 13.68
CA ARG A 154 76.50 21.96 14.77
C ARG A 154 75.17 21.45 14.25
N VAL A 155 74.70 21.96 13.11
CA VAL A 155 73.50 21.40 12.50
C VAL A 155 73.73 19.95 12.08
N LEU A 156 74.88 19.68 11.43
CA LEU A 156 75.21 18.31 11.05
C LEU A 156 75.33 17.41 12.28
N ALA A 157 75.93 17.91 13.36
CA ALA A 157 76.03 17.12 14.58
C ALA A 157 74.66 16.83 15.17
N LEU A 158 73.76 17.81 15.14
CA LEU A 158 72.40 17.61 15.64
C LEU A 158 71.67 16.55 14.81
N THR A 159 71.83 16.58 13.49
CA THR A 159 71.21 15.58 12.64
C THR A 159 72.04 14.30 12.56
N ASN A 160 73.21 14.26 13.18
CA ASN A 160 74.04 13.06 13.18
C ASN A 160 73.46 12.03 14.14
N PRO A 161 73.18 10.80 13.70
CA PRO A 161 72.69 9.78 14.63
C PRO A 161 73.66 9.48 15.76
N ASP A 162 74.96 9.58 15.52
CA ASP A 162 75.97 9.38 16.56
C ASP A 162 76.67 10.70 16.88
N ALA A 163 76.66 11.06 18.16
CA ALA A 163 77.26 12.28 18.66
C ALA A 163 77.41 12.15 20.17
N TYR A 164 77.71 13.25 20.85
CA TYR A 164 77.67 13.24 22.31
C TYR A 164 76.27 12.90 22.82
N CYS A 165 75.29 13.73 22.52
CA CYS A 165 73.93 13.44 22.97
C CYS A 165 73.38 12.20 22.27
N ALA A 166 73.51 12.14 20.94
CA ALA A 166 73.08 10.99 20.13
C ALA A 166 71.65 10.59 20.47
N GLN A 167 70.75 11.56 20.35
CA GLN A 167 69.34 11.32 20.64
C GLN A 167 68.80 10.28 19.67
N THR A 168 68.49 9.09 20.19
CA THR A 168 68.08 7.96 19.37
C THR A 168 66.70 7.49 19.81
N ASN A 169 65.83 7.26 18.83
CA ASN A 169 64.49 6.73 19.04
C ASN A 169 64.40 5.40 18.30
N THR A 170 64.76 4.31 18.98
CA THR A 170 64.77 3.00 18.34
C THR A 170 63.36 2.51 18.05
N ASN A 171 62.35 3.08 18.71
CA ASN A 171 60.98 2.64 18.51
C ASN A 171 60.51 2.82 17.07
N GLU A 172 60.84 3.95 16.45
CA GLU A 172 60.59 4.13 15.02
C GLU A 172 61.62 3.34 14.21
N SER A 173 61.14 2.55 13.25
CA SER A 173 62.01 1.81 12.35
C SER A 173 61.57 2.10 10.91
N ARG A 174 62.54 2.28 10.02
CA ARG A 174 62.27 2.57 8.62
C ARG A 174 62.88 1.48 7.75
N SER A 175 62.07 0.92 6.86
CA SER A 175 62.52 -0.07 5.88
C SER A 175 62.38 0.53 4.49
N PHE A 176 63.43 0.41 3.68
CA PHE A 176 63.47 0.98 2.35
C PHE A 176 63.55 -0.11 1.28
N GLY A 177 62.77 -1.17 1.47
CA GLY A 177 62.73 -2.26 0.53
C GLY A 177 63.03 -3.61 1.16
N LEU A 178 62.59 -4.68 0.51
CA LEU A 178 62.83 -6.03 1.00
C LEU A 178 64.10 -6.65 0.44
N SER A 179 64.86 -5.89 -0.35
CA SER A 179 66.09 -6.39 -0.96
C SER A 179 67.31 -5.92 -0.18
N VAL A 180 68.37 -6.72 -0.26
CA VAL A 180 69.59 -6.42 0.49
C VAL A 180 70.29 -5.18 -0.08
N GLU A 181 70.30 -5.06 -1.41
CA GLU A 181 71.03 -3.96 -2.03
C GLU A 181 70.46 -2.60 -1.64
N ASP A 182 69.14 -2.49 -1.52
CA ASP A 182 68.52 -1.20 -1.24
C ASP A 182 68.96 -0.65 0.11
N ASP A 183 68.80 -1.43 1.18
CA ASP A 183 69.18 -0.92 2.50
C ASP A 183 70.69 -0.90 2.69
N LEU A 184 71.42 -1.82 2.06
CA LEU A 184 72.88 -1.77 2.14
C LEU A 184 73.42 -0.50 1.49
N ALA A 185 72.81 -0.07 0.38
CA ALA A 185 73.19 1.19 -0.23
C ALA A 185 72.74 2.37 0.61
N PHE A 186 71.53 2.30 1.17
CA PHE A 186 71.03 3.39 2.00
C PHE A 186 71.89 3.59 3.25
N ASN A 187 72.57 2.53 3.70
CA ASN A 187 73.40 2.65 4.89
C ASN A 187 74.55 3.62 4.68
N VAL A 188 75.15 3.64 3.48
CA VAL A 188 76.35 4.42 3.25
C VAL A 188 76.07 5.87 2.88
N LEU A 189 74.80 6.29 2.85
CA LEU A 189 74.49 7.69 2.63
C LEU A 189 74.94 8.54 3.83
N PRO A 190 75.21 9.83 3.59
CA PRO A 190 75.62 10.71 4.71
C PRO A 190 74.51 10.82 5.74
N THR A 191 74.93 11.18 6.96
CA THR A 191 74.01 11.21 8.09
C THR A 191 72.87 12.20 7.87
N PHE A 192 73.20 13.40 7.41
CA PHE A 192 72.15 14.37 7.10
C PHE A 192 71.29 13.89 5.94
N ILE A 193 71.92 13.30 4.92
CA ILE A 193 71.17 12.75 3.79
C ILE A 193 70.24 11.64 4.26
N GLN A 194 70.74 10.78 5.16
CA GLN A 194 69.90 9.70 5.69
C GLN A 194 68.73 10.27 6.47
N ASN A 195 68.97 11.28 7.30
CA ASN A 195 67.89 11.88 8.07
C ASN A 195 66.85 12.52 7.17
N LEU A 196 67.29 13.22 6.12
CA LEU A 196 66.36 13.83 5.18
C LEU A 196 65.56 12.76 4.43
N ILE A 197 66.22 11.68 4.01
CA ILE A 197 65.54 10.64 3.24
C ILE A 197 64.52 9.92 4.09
N ARG A 198 64.87 9.58 5.34
CA ARG A 198 63.94 8.84 6.20
C ARG A 198 62.68 9.64 6.48
N LYS A 199 62.76 10.97 6.46
CA LYS A 199 61.65 11.83 6.84
C LYS A 199 61.10 12.64 5.68
N CYS A 200 61.30 12.16 4.44
CA CYS A 200 60.68 12.77 3.27
C CYS A 200 59.80 11.80 2.48
N VAL A 201 60.05 10.50 2.59
CA VAL A 201 59.29 9.49 1.88
C VAL A 201 58.27 8.90 2.84
N ALA A 202 57.00 8.87 2.41
CA ALA A 202 55.97 8.27 3.25
C ALA A 202 56.06 6.74 3.19
N PRO A 203 55.75 6.07 4.28
CA PRO A 203 55.78 4.60 4.28
C PRO A 203 54.71 4.02 3.37
N GLU A 204 55.04 2.88 2.76
CA GLU A 204 54.06 2.13 1.98
C GLU A 204 52.95 1.62 2.88
N SER A 205 53.32 1.07 4.04
CA SER A 205 52.37 0.53 5.02
C SER A 205 52.84 0.96 6.40
N LEU A 206 52.17 1.96 6.97
CA LEU A 206 52.53 2.45 8.30
C LEU A 206 52.09 1.44 9.35
N THR A 207 53.05 0.71 9.92
CA THR A 207 52.77 -0.26 10.96
C THR A 207 52.83 0.46 12.30
N ILE A 208 51.67 0.73 12.89
CA ILE A 208 51.57 1.49 14.12
C ILE A 208 50.89 0.62 15.17
N GLY A 209 51.46 0.58 16.37
CA GLY A 209 50.89 -0.22 17.44
C GLY A 209 50.85 -1.68 17.05
N THR A 210 49.64 -2.25 17.08
CA THR A 210 49.43 -3.63 16.66
C THR A 210 48.69 -3.73 15.33
N GLU A 211 48.60 -2.65 14.58
CA GLU A 211 47.88 -2.65 13.31
C GLU A 211 48.74 -2.03 12.22
N ASP A 212 48.28 -2.18 10.98
CA ASP A 212 48.96 -1.64 9.81
C ASP A 212 47.96 -0.83 9.00
N LEU A 213 48.35 0.40 8.63
CA LEU A 213 47.56 1.28 7.78
C LEU A 213 48.23 1.32 6.41
N GLN A 214 47.56 0.80 5.39
CA GLN A 214 48.10 0.77 4.04
C GLN A 214 47.90 2.15 3.42
N LEU A 215 48.92 2.99 3.54
CA LEU A 215 48.85 4.32 2.95
C LEU A 215 48.88 4.25 1.41
N ARG A 216 49.73 3.39 0.86
CA ARG A 216 49.84 3.25 -0.58
C ARG A 216 50.43 1.89 -0.90
N ASN A 217 49.91 1.25 -1.96
CA ASN A 217 50.37 -0.06 -2.40
C ASN A 217 51.44 0.02 -3.49
N CYS A 218 51.83 1.23 -3.89
CA CYS A 218 52.79 1.41 -4.96
C CYS A 218 53.83 2.44 -4.55
N ASN A 219 55.07 2.18 -4.94
CA ASN A 219 56.19 3.06 -4.62
C ASN A 219 56.33 4.14 -5.69
N THR A 220 56.58 5.37 -5.24
CA THR A 220 56.72 6.52 -6.13
C THR A 220 58.17 6.97 -6.28
N CYS A 221 59.12 6.23 -5.71
CA CYS A 221 60.53 6.57 -5.79
C CYS A 221 61.34 5.28 -5.65
N ARG A 222 62.66 5.43 -5.49
CA ARG A 222 63.54 4.29 -5.33
C ARG A 222 64.82 4.74 -4.63
N ILE A 223 65.35 3.88 -3.77
CA ILE A 223 66.61 4.12 -3.10
C ILE A 223 67.65 3.17 -3.68
N THR A 224 68.70 3.73 -4.28
CA THR A 224 69.75 2.93 -4.89
C THR A 224 71.13 3.44 -4.46
N SER A 225 72.18 2.88 -5.06
CA SER A 225 73.55 3.22 -4.65
C SER A 225 73.85 4.70 -4.86
N GLU A 226 73.22 5.35 -5.83
CA GLU A 226 73.44 6.77 -6.08
C GLU A 226 72.48 7.66 -5.32
N GLY A 227 71.53 7.09 -4.57
CA GLY A 227 70.68 7.91 -3.73
C GLY A 227 69.19 7.70 -3.95
N LEU A 228 68.41 8.77 -3.78
CA LEU A 228 66.96 8.73 -3.89
C LEU A 228 66.56 9.26 -5.27
N LEU A 229 65.83 8.45 -6.02
CA LEU A 229 65.46 8.76 -7.40
C LEU A 229 63.95 8.66 -7.56
N ALA A 230 63.43 9.41 -8.54
CA ALA A 230 62.06 9.24 -8.99
C ALA A 230 62.06 8.25 -10.15
N SER A 231 62.24 6.97 -9.79
CA SER A 231 62.40 5.93 -10.81
C SER A 231 61.15 5.78 -11.67
N VAL A 232 59.98 5.80 -11.04
CA VAL A 232 58.73 5.63 -11.79
C VAL A 232 58.44 6.89 -12.59
N ARG A 233 57.97 6.71 -13.82
CA ARG A 233 57.58 7.82 -14.69
C ARG A 233 56.17 8.32 -14.40
N LEU A 234 55.88 8.56 -13.12
CA LEU A 234 54.60 9.14 -12.75
C LEU A 234 54.48 10.56 -13.32
N TYR A 235 53.31 10.88 -13.85
CA TYR A 235 53.12 12.15 -14.54
C TYR A 235 53.02 13.29 -13.53
N ASN A 236 53.93 14.25 -13.63
CA ASN A 236 53.98 15.41 -12.74
C ASN A 236 54.01 16.67 -13.58
N SER A 237 53.19 17.66 -13.19
CA SER A 237 53.14 18.92 -13.93
C SER A 237 52.92 20.12 -13.02
N VAL A 238 53.40 20.06 -11.78
CA VAL A 238 53.27 21.17 -10.85
C VAL A 238 54.45 22.11 -11.03
N GLN A 239 54.19 23.41 -10.97
CA GLN A 239 55.29 24.36 -11.10
C GLN A 239 55.80 24.80 -9.73
N PRO A 240 57.11 24.91 -9.55
CA PRO A 240 57.63 25.37 -8.26
C PRO A 240 57.36 26.85 -8.04
N LYS A 241 56.79 27.16 -6.88
CA LYS A 241 56.48 28.53 -6.52
C LYS A 241 57.68 29.27 -5.92
N TYR A 242 58.78 28.57 -5.66
CA TYR A 242 60.01 29.18 -5.17
C TYR A 242 61.15 28.97 -6.16
N LEU A 243 60.89 29.27 -7.44
CA LEU A 243 61.87 29.05 -8.48
C LEU A 243 63.11 29.91 -8.27
N TYR A 244 64.19 29.54 -8.97
CA TYR A 244 65.46 30.25 -8.80
C TYR A 244 65.35 31.69 -9.25
N GLY A 245 64.66 31.94 -10.36
CA GLY A 245 64.32 33.30 -10.77
C GLY A 245 65.48 34.18 -11.16
N VAL A 246 66.65 33.60 -11.38
CA VAL A 246 67.82 34.38 -11.76
C VAL A 246 67.79 34.66 -13.26
N ASN A 247 68.22 35.87 -13.64
CA ASN A 247 68.35 36.25 -15.05
C ASN A 247 69.13 35.20 -15.81
N GLU A 248 68.49 34.54 -16.78
CA GLU A 248 69.06 33.38 -17.44
C GLU A 248 69.57 33.80 -18.83
N ASN A 249 70.82 34.26 -18.87
CA ASN A 249 71.51 34.42 -20.14
C ASN A 249 71.96 33.08 -20.70
N ARG A 250 71.95 32.04 -19.86
CA ARG A 250 72.24 30.68 -20.27
C ARG A 250 70.91 29.94 -20.41
N LEU A 251 70.57 29.55 -21.63
CA LEU A 251 69.21 29.13 -21.97
C LEU A 251 69.05 27.63 -21.83
N GLN A 252 68.02 27.21 -21.08
CA GLN A 252 67.65 25.81 -20.94
C GLN A 252 66.33 25.59 -21.67
N ILE A 253 66.39 24.98 -22.85
CA ILE A 253 65.21 24.69 -23.65
C ILE A 253 64.68 23.33 -23.26
N ARG A 254 63.36 23.22 -23.14
CA ARG A 254 62.71 21.99 -22.68
C ARG A 254 61.51 21.68 -23.56
N ASN A 255 61.15 20.40 -23.60
CA ASN A 255 60.05 19.92 -24.44
C ASN A 255 58.77 19.96 -23.61
N VAL A 256 57.99 21.03 -23.79
CA VAL A 256 56.76 21.24 -23.04
C VAL A 256 55.61 20.51 -23.75
N LEU A 257 54.72 19.93 -22.96
CA LEU A 257 53.53 19.26 -23.47
C LEU A 257 52.32 20.13 -23.18
N GLN A 258 51.60 20.52 -24.25
CA GLN A 258 50.47 21.43 -24.15
C GLN A 258 49.33 20.90 -24.99
N PHE A 259 48.11 21.00 -24.46
CA PHE A 259 46.90 20.68 -25.20
C PHE A 259 45.99 21.90 -25.28
N GLN A 260 45.24 21.98 -26.38
CA GLN A 260 44.27 23.03 -26.58
C GLN A 260 42.92 22.59 -26.02
N GLY A 261 41.97 23.52 -25.99
CA GLY A 261 40.64 23.20 -25.51
C GLY A 261 39.75 24.42 -25.56
N ASN A 262 38.45 24.15 -25.61
CA ASN A 262 37.43 25.17 -25.58
C ASN A 262 36.80 25.21 -24.18
N ALA A 263 35.73 25.98 -24.03
CA ALA A 263 35.02 26.04 -22.75
C ALA A 263 34.36 24.70 -22.43
N ASN A 264 33.96 23.94 -23.45
CA ASN A 264 33.33 22.65 -23.21
C ASN A 264 34.33 21.61 -22.73
N ALA A 265 35.50 21.54 -23.36
CA ALA A 265 36.53 20.60 -22.92
C ALA A 265 37.09 20.98 -21.56
N LEU A 266 37.21 22.29 -21.28
CA LEU A 266 37.61 22.77 -19.97
C LEU A 266 36.35 22.85 -19.11
N GLN A 267 35.95 21.70 -18.57
CA GLN A 267 34.69 21.61 -17.85
C GLN A 267 34.76 22.35 -16.52
N GLN A 268 34.34 23.61 -16.52
CA GLN A 268 34.28 24.40 -15.29
C GLN A 268 33.22 23.86 -14.33
N LYS A 269 32.16 23.25 -14.85
CA LYS A 269 31.10 22.72 -14.01
C LYS A 269 31.58 21.58 -13.12
N LEU A 270 32.70 20.95 -13.49
CA LEU A 270 33.26 19.89 -12.65
C LEU A 270 34.06 20.44 -11.48
N SER A 271 34.28 21.76 -11.43
CA SER A 271 35.15 22.34 -10.42
C SER A 271 34.51 22.41 -9.03
N ARG A 272 33.19 22.26 -8.92
CA ARG A 272 32.56 22.39 -7.61
C ARG A 272 32.97 21.27 -6.67
N TYR A 273 33.20 20.07 -7.19
CA TYR A 273 33.74 18.99 -6.36
C TYR A 273 35.13 19.38 -5.89
N GLU A 274 35.48 18.99 -4.66
CA GLU A 274 36.80 19.27 -4.16
C GLU A 274 37.86 18.60 -5.03
N LEU A 275 38.90 19.36 -5.36
CA LEU A 275 39.85 18.92 -6.37
C LEU A 275 40.78 17.85 -5.83
N TYR A 276 41.15 16.91 -6.70
CA TYR A 276 42.14 15.88 -6.41
C TYR A 276 43.31 16.13 -7.36
N GLN A 277 44.26 16.95 -6.92
CA GLN A 277 45.39 17.33 -7.76
C GLN A 277 46.28 16.13 -8.02
N ILE A 278 46.83 16.05 -9.23
CA ILE A 278 47.79 15.02 -9.59
C ILE A 278 49.14 15.50 -9.07
N ASN A 279 49.44 15.12 -7.84
CA ASN A 279 50.73 15.36 -7.22
C ASN A 279 51.47 14.03 -7.08
N ILE A 280 52.75 14.10 -6.81
CA ILE A 280 53.57 12.90 -6.74
C ILE A 280 54.27 12.86 -5.38
N PRO A 281 53.57 12.49 -4.31
CA PRO A 281 54.23 12.35 -3.01
C PRO A 281 55.18 11.16 -3.01
N LEU A 282 56.22 11.27 -2.18
CA LEU A 282 57.23 10.23 -2.10
C LEU A 282 56.73 9.13 -1.16
N PHE A 283 56.46 7.94 -1.72
CA PHE A 283 55.99 6.80 -0.96
C PHE A 283 56.92 5.62 -1.19
N LEU A 284 57.52 5.12 -0.11
CA LEU A 284 58.41 3.98 -0.19
C LEU A 284 58.72 3.48 1.22
N GLY A 285 58.92 2.17 1.34
CA GLY A 285 59.33 1.57 2.59
C GLY A 285 58.18 1.37 3.56
N LYS A 286 58.51 0.73 4.68
CA LYS A 286 57.56 0.46 5.75
C LYS A 286 58.02 1.12 7.03
N GLN A 287 57.09 1.77 7.72
CA GLN A 287 57.37 2.42 8.99
C GLN A 287 56.86 1.56 10.13
N ILE A 288 57.77 0.95 10.87
CA ILE A 288 57.44 0.10 12.01
C ILE A 288 57.40 1.01 13.23
N ILE A 289 56.21 1.21 13.77
CA ILE A 289 56.02 1.99 14.99
C ILE A 289 55.48 1.08 16.08
N SER A 290 56.37 0.53 16.90
CA SER A 290 55.95 -0.29 18.02
C SER A 290 55.11 0.54 18.99
N THR A 291 54.02 -0.05 19.47
CA THR A 291 53.07 0.61 20.36
C THR A 291 52.47 1.87 19.71
N LEU B 13 17.71 17.66 -19.71
CA LEU B 13 17.08 17.02 -18.55
C LEU B 13 17.44 17.76 -17.27
N ARG B 14 16.41 18.10 -16.48
CA ARG B 14 16.66 18.73 -15.19
C ARG B 14 17.20 17.75 -14.16
N ASN B 15 17.05 16.45 -14.39
CA ASN B 15 17.42 15.44 -13.40
C ASN B 15 17.93 14.22 -14.15
N PHE B 16 19.26 14.07 -14.22
CA PHE B 16 19.86 12.89 -14.84
C PHE B 16 20.00 11.71 -13.89
N CYS B 17 19.72 11.90 -12.60
CA CYS B 17 19.82 10.79 -11.66
C CYS B 17 18.78 9.73 -11.97
N VAL B 18 19.21 8.48 -12.00
CA VAL B 18 18.28 7.38 -12.20
C VAL B 18 17.32 7.28 -11.01
N PHE B 19 17.83 7.47 -9.80
CA PHE B 19 17.03 7.41 -8.58
C PHE B 19 16.39 8.75 -8.25
N SER B 20 16.31 9.66 -9.23
CA SER B 20 15.59 10.91 -9.04
C SER B 20 14.10 10.67 -8.80
N SER B 21 13.51 9.74 -9.53
CA SER B 21 12.11 9.38 -9.34
C SER B 21 12.04 8.18 -8.37
N VAL B 22 12.30 8.48 -7.11
CA VAL B 22 12.16 7.51 -6.02
C VAL B 22 11.28 8.19 -4.98
N LYS B 23 10.00 7.83 -4.98
CA LYS B 23 9.02 8.52 -4.16
C LYS B 23 8.18 7.53 -3.36
N PRO B 24 7.87 7.83 -2.10
CA PRO B 24 6.87 7.05 -1.37
C PRO B 24 5.46 7.39 -1.85
N LEU B 25 4.47 6.82 -1.15
CA LEU B 25 3.09 7.10 -1.49
C LEU B 25 2.74 8.57 -1.31
N ASP B 26 3.03 9.13 -0.14
CA ASP B 26 2.94 10.56 0.11
C ASP B 26 4.36 11.10 0.16
N PHE B 27 4.82 11.66 -0.96
CA PHE B 27 6.25 11.82 -1.17
C PHE B 27 6.71 13.22 -0.79
N CYS B 28 7.44 13.28 0.32
CA CYS B 28 8.43 14.32 0.58
C CYS B 28 9.75 13.58 0.67
N ASP B 29 10.43 13.46 -0.47
CA ASP B 29 11.39 12.39 -0.71
C ASP B 29 12.38 12.26 0.44
N GLN B 30 12.76 11.01 0.74
CA GLN B 30 13.51 10.66 1.94
C GLN B 30 14.70 11.59 2.13
N TYR B 31 15.67 11.52 1.22
CA TYR B 31 16.69 12.55 1.00
C TYR B 31 17.10 13.29 2.27
N SER B 32 17.60 12.56 3.28
CA SER B 32 18.11 13.20 4.49
C SER B 32 19.12 14.26 4.11
N SER B 33 19.98 13.93 3.15
CA SER B 33 20.77 14.90 2.42
C SER B 33 20.17 15.08 1.04
N PRO B 34 19.69 16.28 0.70
CA PRO B 34 19.03 16.47 -0.59
C PRO B 34 19.96 16.18 -1.76
N CYS B 35 19.37 15.70 -2.84
CA CYS B 35 20.15 15.34 -4.03
C CYS B 35 20.91 16.55 -4.55
N SER B 36 22.20 16.34 -4.83
CA SER B 36 23.05 17.42 -5.28
C SER B 36 22.67 17.86 -6.69
N SER B 37 23.10 19.06 -7.05
CA SER B 37 22.84 19.60 -8.38
C SER B 37 23.62 18.87 -9.46
N ASP B 38 24.38 17.83 -9.11
CA ASP B 38 25.08 17.04 -10.12
C ASP B 38 24.11 16.29 -11.02
N ALA B 39 22.95 15.91 -10.49
CA ALA B 39 21.95 15.26 -11.34
C ALA B 39 21.46 16.19 -12.45
N THR B 40 21.54 17.50 -12.23
CA THR B 40 21.09 18.44 -13.25
C THR B 40 21.97 18.42 -14.49
N VAL B 41 23.28 18.28 -14.30
CA VAL B 41 24.24 18.33 -15.39
C VAL B 41 24.50 16.92 -15.90
N ASP B 42 25.03 16.82 -17.12
CA ASP B 42 25.30 15.54 -17.77
C ASP B 42 26.80 15.24 -17.68
N ASP B 43 27.20 14.71 -16.52
CA ASP B 43 28.56 14.21 -16.37
C ASP B 43 28.70 12.75 -16.77
N GLY B 44 27.59 12.05 -17.03
CA GLY B 44 27.60 10.70 -17.53
C GLY B 44 27.38 9.62 -16.48
N TRP B 45 27.58 9.94 -15.19
CA TRP B 45 27.30 8.95 -14.16
C TRP B 45 25.81 8.63 -14.09
N PHE B 46 24.97 9.64 -14.31
CA PHE B 46 23.51 9.51 -14.26
C PHE B 46 23.01 9.13 -12.87
N VAL B 47 23.85 9.34 -11.85
CA VAL B 47 23.48 9.16 -10.45
C VAL B 47 23.98 10.36 -9.67
N CYS B 48 23.17 10.84 -8.74
CA CYS B 48 23.60 11.96 -7.91
C CYS B 48 24.59 11.49 -6.85
N GLU B 49 25.22 12.46 -6.18
CA GLU B 49 26.22 12.14 -5.18
C GLU B 49 25.61 11.35 -4.02
N TYR B 50 24.41 11.73 -3.59
CA TYR B 50 23.76 11.04 -2.47
C TYR B 50 23.48 9.58 -2.81
N HIS B 51 22.94 9.33 -4.00
CA HIS B 51 22.61 7.95 -4.38
C HIS B 51 23.88 7.14 -4.65
N ALA B 52 24.92 7.78 -5.20
CA ALA B 52 26.18 7.08 -5.41
C ALA B 52 26.81 6.68 -4.08
N SER B 53 26.77 7.57 -3.08
CA SER B 53 27.34 7.25 -1.79
C SER B 53 26.51 6.23 -1.03
N ARG B 54 25.18 6.32 -1.13
CA ARG B 54 24.31 5.44 -0.36
C ARG B 54 24.33 4.02 -0.90
N PHE B 55 24.24 3.87 -2.23
CA PHE B 55 24.12 2.56 -2.85
C PHE B 55 25.47 1.97 -3.25
N PHE B 56 26.21 2.68 -4.10
CA PHE B 56 27.48 2.19 -4.60
C PHE B 56 28.65 2.49 -3.66
N LYS B 57 28.40 3.18 -2.56
CA LYS B 57 29.42 3.45 -1.53
C LYS B 57 30.63 4.16 -2.12
N MET B 58 30.39 5.12 -3.00
CA MET B 58 31.47 5.91 -3.58
C MET B 58 31.01 7.35 -3.75
N GLU B 59 31.98 8.25 -3.75
CA GLU B 59 31.75 9.67 -3.98
C GLU B 59 32.38 10.08 -5.30
N LYS B 60 32.21 11.34 -5.67
CA LYS B 60 32.67 11.86 -6.95
C LYS B 60 33.81 12.84 -6.73
N LEU B 61 34.87 12.71 -7.54
CA LEU B 61 36.04 13.56 -7.43
C LEU B 61 36.40 14.13 -8.79
N ALA B 62 36.87 15.36 -8.80
CA ALA B 62 37.27 16.07 -10.02
C ALA B 62 38.76 15.84 -10.23
N LEU B 63 39.09 14.89 -11.11
CA LEU B 63 40.47 14.58 -11.46
C LEU B 63 41.00 15.69 -12.37
N ALA B 64 41.98 16.45 -11.88
CA ALA B 64 42.56 17.55 -12.63
C ALA B 64 43.94 17.15 -13.14
N ILE B 65 44.17 17.36 -14.43
CA ILE B 65 45.43 16.98 -15.07
C ILE B 65 46.17 18.23 -15.52
N PRO B 66 47.16 18.71 -14.76
CA PRO B 66 47.92 19.89 -15.19
C PRO B 66 48.83 19.56 -16.36
N ASP B 67 49.17 20.59 -17.12
CA ASP B 67 50.06 20.47 -18.27
C ASP B 67 51.15 21.52 -18.30
N GLY B 68 51.28 22.36 -17.27
CA GLY B 68 52.31 23.36 -17.21
C GLY B 68 51.89 24.76 -17.61
N THR B 69 50.60 24.99 -17.83
CA THR B 69 50.10 26.31 -18.23
C THR B 69 49.08 26.87 -17.25
N GLY B 70 48.19 26.04 -16.73
CA GLY B 70 47.18 26.50 -15.79
C GLY B 70 45.82 25.86 -16.03
N ASN B 71 45.53 25.51 -17.28
CA ASN B 71 44.31 24.79 -17.58
C ASN B 71 44.48 23.30 -17.30
N ASN B 72 43.42 22.67 -16.78
CA ASN B 72 43.45 21.27 -16.38
C ASN B 72 42.39 20.50 -17.14
N TYR B 73 42.79 19.35 -17.70
CA TYR B 73 41.87 18.46 -18.39
C TYR B 73 41.04 17.74 -17.33
N TYR B 74 39.92 18.37 -16.95
CA TYR B 74 39.09 17.84 -15.88
C TYR B 74 38.45 16.52 -16.29
N ARG B 75 38.23 15.67 -15.28
CA ARG B 75 37.62 14.37 -15.47
C ARG B 75 36.88 14.00 -14.19
N THR B 76 35.98 13.02 -14.30
CA THR B 76 35.24 12.53 -13.14
C THR B 76 35.79 11.17 -12.73
N VAL B 77 36.02 10.99 -11.43
CA VAL B 77 36.56 9.74 -10.91
C VAL B 77 35.80 9.36 -9.64
N GLY B 78 35.82 8.07 -9.33
CA GLY B 78 35.16 7.57 -8.14
C GLY B 78 36.10 7.55 -6.94
N LYS B 79 35.56 7.93 -5.79
CA LYS B 79 36.29 7.98 -4.53
C LYS B 79 35.72 6.92 -3.60
N SER B 80 36.58 6.00 -3.17
CA SER B 80 36.12 4.89 -2.35
C SER B 80 35.71 5.36 -0.96
N LEU B 81 34.63 4.75 -0.44
CA LEU B 81 34.14 5.05 0.88
C LEU B 81 34.24 3.87 1.85
N VAL B 82 34.68 2.71 1.39
CA VAL B 82 34.82 1.55 2.24
C VAL B 82 36.14 1.65 3.00
N ASP B 83 36.19 1.02 4.17
CA ASP B 83 37.36 1.03 5.01
C ASP B 83 38.23 -0.20 4.77
N ASP B 84 39.51 -0.09 5.13
CA ASP B 84 40.43 -1.21 4.96
C ASP B 84 40.05 -2.38 5.86
N LYS B 85 39.39 -2.12 6.98
CA LYS B 85 39.00 -3.18 7.91
C LYS B 85 37.87 -4.05 7.38
N ALA B 86 37.17 -3.61 6.34
CA ALA B 86 36.00 -4.33 5.86
C ALA B 86 36.38 -5.63 5.15
N GLU B 87 35.42 -6.56 5.13
CA GLU B 87 35.53 -7.84 4.42
C GLU B 87 34.13 -8.28 4.00
N GLY B 88 34.06 -9.04 2.90
CA GLY B 88 32.81 -9.65 2.48
C GLY B 88 32.06 -8.89 1.42
N ILE B 89 30.72 -8.90 1.52
CA ILE B 89 29.88 -8.18 0.58
C ILE B 89 29.96 -6.68 0.79
N GLU B 90 30.65 -6.23 1.84
CA GLU B 90 30.78 -4.80 2.11
C GLU B 90 31.86 -4.15 1.26
N ARG B 91 32.89 -4.91 0.85
CA ARG B 91 34.01 -4.35 0.11
C ARG B 91 33.72 -4.13 -1.37
N ILE B 92 32.59 -4.63 -1.88
CA ILE B 92 32.24 -4.49 -3.29
C ILE B 92 31.61 -3.12 -3.50
N LEU B 93 32.17 -2.35 -4.44
CA LEU B 93 31.63 -1.03 -4.71
C LEU B 93 30.40 -1.12 -5.61
N ILE B 94 30.45 -1.95 -6.65
CA ILE B 94 29.35 -2.11 -7.58
C ILE B 94 29.13 -3.59 -7.83
N PRO B 95 27.94 -4.12 -7.54
CA PRO B 95 27.70 -5.55 -7.75
C PRO B 95 27.23 -5.87 -9.16
N SER B 96 27.34 -7.16 -9.50
CA SER B 96 26.86 -7.69 -10.76
C SER B 96 25.54 -8.43 -10.55
N GLN B 97 25.06 -9.11 -11.60
CA GLN B 97 23.79 -9.82 -11.50
C GLN B 97 23.84 -10.98 -10.50
N ASN B 98 25.04 -11.42 -10.12
CA ASN B 98 25.16 -12.63 -9.29
C ASN B 98 24.58 -12.40 -7.90
N ASN B 99 24.99 -11.31 -7.23
CA ASN B 99 24.61 -11.13 -5.83
C ASN B 99 24.26 -9.67 -5.52
N TYR B 100 23.70 -8.94 -6.48
CA TYR B 100 23.37 -7.54 -6.22
C TYR B 100 22.23 -7.40 -5.22
N GLU B 101 21.35 -8.40 -5.14
CA GLU B 101 20.27 -8.35 -4.17
C GLU B 101 20.80 -8.29 -2.74
N THR B 102 21.80 -9.11 -2.43
CA THR B 102 22.40 -9.11 -1.10
C THR B 102 23.30 -7.90 -0.89
N VAL B 103 24.01 -7.48 -1.94
CA VAL B 103 24.93 -6.35 -1.82
C VAL B 103 24.17 -5.07 -1.52
N LEU B 104 23.14 -4.78 -2.31
CA LEU B 104 22.37 -3.57 -2.14
C LEU B 104 21.30 -3.70 -1.05
N ASN B 105 21.09 -4.90 -0.53
CA ASN B 105 20.09 -5.17 0.50
C ASN B 105 18.71 -4.67 0.06
N LEU B 106 18.26 -5.21 -1.08
CA LEU B 106 17.00 -4.81 -1.68
C LEU B 106 15.78 -5.33 -0.92
N SER B 107 15.98 -6.19 0.09
CA SER B 107 14.85 -6.80 0.78
C SER B 107 13.99 -5.75 1.48
N LEU B 108 14.61 -4.78 2.14
CA LEU B 108 13.90 -3.78 2.93
C LEU B 108 13.89 -2.41 2.29
N LEU B 109 14.37 -2.28 1.06
CA LEU B 109 14.39 -0.99 0.39
C LEU B 109 12.99 -0.61 -0.08
N GLY B 110 12.79 0.70 -0.30
CA GLY B 110 11.53 1.20 -0.78
C GLY B 110 11.18 0.68 -2.15
N PRO B 111 9.88 0.50 -2.42
CA PRO B 111 9.48 -0.16 -3.67
C PRO B 111 9.97 0.54 -4.92
N ALA B 112 10.05 1.87 -4.92
CA ALA B 112 10.61 2.58 -6.07
C ALA B 112 12.07 2.20 -6.29
N GLU B 113 12.85 2.14 -5.20
CA GLU B 113 14.25 1.75 -5.30
C GLU B 113 14.38 0.32 -5.80
N ARG B 114 13.55 -0.59 -5.28
CA ARG B 114 13.56 -1.97 -5.72
C ARG B 114 13.27 -2.06 -7.22
N LEU B 115 12.23 -1.37 -7.67
CA LEU B 115 11.89 -1.37 -9.09
C LEU B 115 13.04 -0.85 -9.93
N VAL B 116 13.61 0.30 -9.53
CA VAL B 116 14.67 0.92 -10.33
C VAL B 116 15.86 -0.03 -10.44
N PHE B 117 16.29 -0.59 -9.31
CA PHE B 117 17.45 -1.48 -9.33
C PHE B 117 17.17 -2.74 -10.14
N TYR B 118 15.98 -3.33 -9.97
CA TYR B 118 15.67 -4.57 -10.66
C TYR B 118 15.61 -4.38 -12.17
N MET B 119 15.01 -3.30 -12.65
CA MET B 119 14.97 -3.13 -14.09
C MET B 119 16.25 -2.52 -14.65
N ILE B 120 17.12 -2.00 -13.78
CA ILE B 120 18.49 -1.73 -14.21
C ILE B 120 19.23 -3.03 -14.45
N TYR B 121 19.06 -4.01 -13.55
CA TYR B 121 19.66 -5.31 -13.73
C TYR B 121 18.85 -6.23 -14.62
N ASP B 122 17.62 -5.83 -14.98
CA ASP B 122 16.81 -6.49 -16.01
C ASP B 122 16.55 -7.96 -15.67
N ASN B 123 15.80 -8.15 -14.58
CA ASN B 123 15.27 -9.46 -14.21
C ASN B 123 13.73 -9.40 -14.14
N LYS B 124 13.09 -9.90 -15.19
CA LYS B 124 11.69 -9.58 -15.48
C LYS B 124 10.77 -9.90 -14.30
N GLU B 125 10.91 -11.10 -13.73
CA GLU B 125 9.95 -11.58 -12.74
C GLU B 125 9.90 -10.69 -11.51
N LYS B 126 11.03 -10.07 -11.15
CA LYS B 126 11.07 -9.25 -9.94
C LYS B 126 10.20 -8.01 -10.08
N GLN B 127 10.38 -7.23 -11.15
CA GLN B 127 9.48 -6.08 -11.32
C GLN B 127 8.07 -6.51 -11.68
N ASN B 128 7.90 -7.72 -12.25
CA ASN B 128 6.55 -8.22 -12.44
C ASN B 128 5.82 -8.39 -11.11
N GLU B 129 6.48 -9.04 -10.14
CA GLU B 129 5.83 -9.21 -8.84
C GLU B 129 5.74 -7.89 -8.09
N ILE B 130 6.67 -6.97 -8.35
CA ILE B 130 6.53 -5.61 -7.80
C ILE B 130 5.25 -4.96 -8.31
N CYS B 131 4.98 -5.11 -9.61
CA CYS B 131 3.73 -4.57 -10.16
C CYS B 131 2.51 -5.25 -9.55
N GLN B 132 2.59 -6.58 -9.38
CA GLN B 132 1.47 -7.29 -8.77
C GLN B 132 1.19 -6.81 -7.36
N GLN B 133 2.23 -6.60 -6.56
CA GLN B 133 2.04 -6.09 -5.20
C GLN B 133 1.72 -4.61 -5.17
N LEU B 134 2.05 -3.87 -6.24
CA LEU B 134 1.78 -2.45 -6.34
C LEU B 134 0.40 -2.16 -6.91
N ARG B 135 -0.29 -3.19 -7.41
CA ARG B 135 -1.66 -3.02 -7.90
C ARG B 135 -2.56 -2.41 -6.84
N MET B 136 -2.36 -2.78 -5.57
CA MET B 136 -3.19 -2.21 -4.50
C MET B 136 -2.97 -0.71 -4.37
N TYR B 137 -1.71 -0.26 -4.44
CA TYR B 137 -1.43 1.17 -4.44
C TYR B 137 -1.94 1.84 -5.70
N GLU B 138 -2.04 1.09 -6.80
CA GLU B 138 -2.37 1.67 -8.09
C GLU B 138 -3.71 2.39 -8.08
N ARG B 139 -4.66 1.94 -7.26
CA ARG B 139 -5.99 2.55 -7.26
C ARG B 139 -5.97 3.96 -6.67
N PHE B 140 -4.96 4.31 -5.88
CA PHE B 140 -4.83 5.65 -5.34
C PHE B 140 -4.03 6.58 -6.26
N ARG B 141 -2.94 6.09 -6.84
CA ARG B 141 -2.03 6.91 -7.64
C ARG B 141 -1.76 6.21 -8.96
N PRO B 142 -2.73 6.24 -9.89
CA PRO B 142 -2.59 5.49 -11.14
C PRO B 142 -1.76 6.17 -12.22
N GLU B 143 -1.05 7.25 -11.91
CA GLU B 143 -0.32 8.00 -12.93
C GLU B 143 1.18 8.08 -12.68
N VAL B 144 1.64 7.96 -11.43
CA VAL B 144 3.06 8.11 -11.15
C VAL B 144 3.86 6.92 -11.66
N VAL B 145 3.26 5.73 -11.67
CA VAL B 145 4.00 4.52 -12.01
C VAL B 145 4.45 4.56 -13.47
N GLU B 146 3.53 4.93 -14.38
CA GLU B 146 3.88 4.93 -15.79
C GLU B 146 4.94 5.97 -16.12
N GLU B 147 4.82 7.18 -15.56
CA GLU B 147 5.81 8.21 -15.84
C GLU B 147 7.16 7.86 -15.22
N LEU B 148 7.15 7.26 -14.03
CA LEU B 148 8.40 6.82 -13.42
C LEU B 148 9.08 5.76 -14.28
N TYR B 149 8.32 4.77 -14.74
CA TYR B 149 8.89 3.73 -15.59
C TYR B 149 9.41 4.32 -16.89
N ASN B 150 8.66 5.25 -17.49
CA ASN B 150 9.09 5.86 -18.74
C ASN B 150 10.39 6.64 -18.56
N SER B 151 10.49 7.43 -17.50
CA SER B 151 11.69 8.21 -17.27
C SER B 151 12.89 7.32 -17.02
N THR B 152 12.73 6.30 -16.18
CA THR B 152 13.86 5.43 -15.89
C THR B 152 14.26 4.62 -17.12
N LEU B 153 13.29 4.15 -17.90
CA LEU B 153 13.59 3.39 -19.11
C LEU B 153 14.29 4.26 -20.15
N ARG B 154 13.88 5.52 -20.28
CA ARG B 154 14.57 6.40 -21.24
C ARG B 154 15.97 6.74 -20.76
N VAL B 155 16.18 6.84 -19.44
CA VAL B 155 17.54 7.04 -18.93
C VAL B 155 18.41 5.82 -19.27
N LEU B 156 17.88 4.62 -19.04
CA LEU B 156 18.62 3.40 -19.39
C LEU B 156 18.90 3.33 -20.90
N ALA B 157 17.93 3.73 -21.72
CA ALA B 157 18.15 3.73 -23.16
C ALA B 157 19.22 4.74 -23.55
N LEU B 158 19.23 5.91 -22.91
CA LEU B 158 20.25 6.92 -23.19
C LEU B 158 21.64 6.40 -22.80
N THR B 159 21.75 5.72 -21.67
CA THR B 159 23.02 5.13 -21.27
C THR B 159 23.30 3.79 -21.92
N ASN B 160 22.36 3.28 -22.71
CA ASN B 160 22.56 2.01 -23.40
C ASN B 160 23.47 2.21 -24.60
N PRO B 161 24.58 1.46 -24.71
CA PRO B 161 25.44 1.60 -25.90
C PRO B 161 24.71 1.28 -27.20
N ASP B 162 23.75 0.37 -27.19
CA ASP B 162 22.96 0.06 -28.37
C ASP B 162 21.52 0.52 -28.20
N ALA B 163 21.05 1.32 -29.15
CA ALA B 163 19.70 1.89 -29.13
C ALA B 163 19.40 2.39 -30.55
N TYR B 164 18.33 3.15 -30.69
CA TYR B 164 18.09 3.84 -31.96
C TYR B 164 19.23 4.78 -32.30
N CYS B 165 19.45 5.80 -31.47
CA CYS B 165 20.55 6.73 -31.74
C CYS B 165 21.90 6.04 -31.59
N ALA B 166 22.09 5.32 -30.48
CA ALA B 166 23.31 4.55 -30.22
C ALA B 166 24.56 5.41 -30.42
N GLN B 167 24.58 6.54 -29.72
CA GLN B 167 25.71 7.45 -29.81
C GLN B 167 26.98 6.77 -29.33
N THR B 168 27.88 6.49 -30.27
CA THR B 168 29.09 5.72 -29.99
C THR B 168 30.32 6.55 -30.32
N ASN B 169 31.28 6.54 -29.41
CA ASN B 169 32.57 7.22 -29.59
C ASN B 169 33.65 6.15 -29.52
N THR B 170 33.99 5.56 -30.67
CA THR B 170 34.97 4.49 -30.71
C THR B 170 36.37 5.00 -30.42
N ASN B 171 36.60 6.31 -30.54
CA ASN B 171 37.92 6.87 -30.31
C ASN B 171 38.41 6.63 -28.88
N GLU B 172 37.54 6.80 -27.89
CA GLU B 172 37.88 6.44 -26.52
C GLU B 172 37.80 4.92 -26.36
N SER B 173 38.85 4.33 -25.79
CA SER B 173 38.88 2.91 -25.50
C SER B 173 39.28 2.71 -24.04
N ARG B 174 38.63 1.78 -23.35
CA ARG B 174 38.89 1.50 -21.95
C ARG B 174 39.34 0.04 -21.81
N SER B 175 40.47 -0.15 -21.13
CA SER B 175 40.97 -1.48 -20.81
C SER B 175 40.94 -1.66 -19.30
N PHE B 176 40.42 -2.80 -18.85
CA PHE B 176 40.25 -3.09 -17.43
C PHE B 176 41.12 -4.26 -17.01
N GLY B 177 42.35 -4.30 -17.51
CA GLY B 177 43.27 -5.36 -17.17
C GLY B 177 43.84 -6.06 -18.39
N LEU B 178 45.00 -6.71 -18.22
CA LEU B 178 45.63 -7.46 -19.30
C LEU B 178 45.21 -8.92 -19.33
N SER B 179 44.31 -9.33 -18.46
CA SER B 179 43.87 -10.72 -18.37
C SER B 179 42.52 -10.89 -19.06
N VAL B 180 42.30 -12.11 -19.57
CA VAL B 180 41.07 -12.40 -20.31
C VAL B 180 39.86 -12.38 -19.38
N GLU B 181 40.02 -12.91 -18.16
CA GLU B 181 38.87 -13.03 -17.26
C GLU B 181 38.31 -11.67 -16.89
N ASP B 182 39.19 -10.67 -16.70
CA ASP B 182 38.71 -9.36 -16.23
C ASP B 182 37.78 -8.71 -17.25
N ASP B 183 38.20 -8.59 -18.50
CA ASP B 183 37.35 -7.94 -19.49
C ASP B 183 36.20 -8.84 -19.94
N LEU B 184 36.41 -10.16 -19.95
CA LEU B 184 35.30 -11.05 -20.26
C LEU B 184 34.20 -10.96 -19.22
N ALA B 185 34.56 -10.80 -17.94
CA ALA B 185 33.55 -10.58 -16.91
C ALA B 185 32.94 -9.19 -17.04
N PHE B 186 33.76 -8.18 -17.32
CA PHE B 186 33.24 -6.81 -17.46
C PHE B 186 32.26 -6.71 -18.62
N ASN B 187 32.38 -7.58 -19.62
CA ASN B 187 31.48 -7.53 -20.77
C ASN B 187 30.04 -7.81 -20.36
N VAL B 188 29.82 -8.73 -19.42
CA VAL B 188 28.47 -9.17 -19.08
C VAL B 188 27.79 -8.29 -18.05
N LEU B 189 28.42 -7.20 -17.60
CA LEU B 189 27.76 -6.27 -16.72
C LEU B 189 26.64 -5.52 -17.46
N PRO B 190 25.64 -5.04 -16.73
CA PRO B 190 24.57 -4.28 -17.38
C PRO B 190 25.09 -3.01 -18.02
N THR B 191 24.32 -2.51 -19.00
CA THR B 191 24.75 -1.38 -19.80
C THR B 191 24.96 -0.14 -18.94
N PHE B 192 24.01 0.16 -18.06
CA PHE B 192 24.18 1.29 -17.15
C PHE B 192 25.35 1.05 -16.19
N ILE B 193 25.48 -0.18 -15.69
CA ILE B 193 26.59 -0.51 -14.81
C ILE B 193 27.91 -0.35 -15.56
N GLN B 194 27.96 -0.80 -16.82
CA GLN B 194 29.18 -0.64 -17.61
C GLN B 194 29.52 0.84 -17.82
N ASN B 195 28.51 1.65 -18.12
CA ASN B 195 28.75 3.08 -18.33
C ASN B 195 29.25 3.74 -17.05
N LEU B 196 28.65 3.38 -15.91
CA LEU B 196 29.11 3.93 -14.64
C LEU B 196 30.53 3.50 -14.31
N ILE B 197 30.85 2.23 -14.57
CA ILE B 197 32.17 1.70 -14.23
C ILE B 197 33.25 2.34 -15.11
N ARG B 198 32.97 2.47 -16.42
CA ARG B 198 33.96 3.03 -17.32
C ARG B 198 34.31 4.47 -16.97
N LYS B 199 33.36 5.20 -16.37
CA LYS B 199 33.53 6.62 -16.10
C LYS B 199 33.61 6.94 -14.61
N CYS B 200 34.01 5.97 -13.79
CA CYS B 200 34.28 6.22 -12.38
C CYS B 200 35.70 5.86 -11.97
N VAL B 201 36.37 4.96 -12.70
CA VAL B 201 37.73 4.55 -12.38
C VAL B 201 38.68 5.31 -13.30
N ALA B 202 39.69 5.93 -12.71
CA ALA B 202 40.67 6.63 -13.51
C ALA B 202 41.64 5.64 -14.16
N PRO B 203 42.11 5.95 -15.37
CA PRO B 203 43.05 5.05 -16.03
C PRO B 203 44.39 5.00 -15.30
N GLU B 204 45.02 3.81 -15.34
CA GLU B 204 46.38 3.68 -14.82
C GLU B 204 47.36 4.52 -15.63
N SER B 205 47.23 4.46 -16.96
CA SER B 205 48.09 5.22 -17.87
C SER B 205 47.21 5.79 -18.97
N LEU B 206 46.92 7.08 -18.90
CA LEU B 206 46.09 7.74 -19.89
C LEU B 206 46.88 7.90 -21.19
N THR B 207 46.56 7.09 -22.19
CA THR B 207 47.21 7.17 -23.49
C THR B 207 46.44 8.17 -24.35
N ILE B 208 46.99 9.36 -24.52
CA ILE B 208 46.33 10.44 -25.23
C ILE B 208 47.20 10.86 -26.41
N GLY B 209 46.59 10.98 -27.58
CA GLY B 209 47.32 11.37 -28.77
C GLY B 209 48.40 10.35 -29.08
N THR B 210 49.65 10.82 -29.14
CA THR B 210 50.79 9.95 -29.36
C THR B 210 51.65 9.79 -28.10
N GLU B 211 51.13 10.15 -26.93
CA GLU B 211 51.90 10.05 -25.70
C GLU B 211 51.07 9.35 -24.63
N ASP B 212 51.74 9.01 -23.53
CA ASP B 212 51.10 8.36 -22.39
C ASP B 212 51.44 9.12 -21.12
N LEU B 213 50.41 9.43 -20.34
CA LEU B 213 50.57 10.10 -19.05
C LEU B 213 50.29 9.07 -17.96
N GLN B 214 51.33 8.73 -17.18
CA GLN B 214 51.21 7.74 -16.11
C GLN B 214 50.56 8.41 -14.91
N LEU B 215 49.23 8.30 -14.83
CA LEU B 215 48.51 8.86 -13.69
C LEU B 215 48.83 8.12 -12.40
N ARG B 216 48.88 6.79 -12.46
CA ARG B 216 49.18 5.98 -11.29
C ARG B 216 49.72 4.63 -11.73
N ASN B 217 50.70 4.12 -11.00
CA ASN B 217 51.32 2.84 -11.30
C ASN B 217 50.71 1.69 -10.52
N CYS B 218 49.69 1.97 -9.69
CA CYS B 218 49.07 0.95 -8.85
C CYS B 218 47.56 1.05 -8.95
N ASN B 219 46.90 -0.10 -8.96
CA ASN B 219 45.45 -0.16 -9.05
C ASN B 219 44.83 -0.10 -7.65
N THR B 220 43.76 0.67 -7.53
CA THR B 220 43.06 0.85 -6.26
C THR B 220 41.74 0.10 -6.21
N CYS B 221 41.44 -0.72 -7.22
CA CYS B 221 40.21 -1.48 -7.26
C CYS B 221 40.44 -2.72 -8.11
N ARG B 222 39.36 -3.44 -8.43
CA ARG B 222 39.45 -4.64 -9.26
C ARG B 222 38.10 -4.90 -9.90
N ILE B 223 38.12 -5.37 -11.14
CA ILE B 223 36.91 -5.76 -11.86
C ILE B 223 36.90 -7.28 -11.98
N THR B 224 35.89 -7.91 -11.40
CA THR B 224 35.77 -9.37 -11.42
C THR B 224 34.36 -9.77 -11.82
N SER B 225 34.07 -11.07 -11.76
CA SER B 225 32.78 -11.59 -12.21
C SER B 225 31.61 -11.02 -11.41
N GLU B 226 31.83 -10.65 -10.16
CA GLU B 226 30.78 -10.07 -9.34
C GLU B 226 30.73 -8.54 -9.42
N GLY B 227 31.65 -7.91 -10.16
CA GLY B 227 31.58 -6.48 -10.36
C GLY B 227 32.83 -5.71 -9.97
N LEU B 228 32.65 -4.48 -9.50
CA LEU B 228 33.76 -3.61 -9.14
C LEU B 228 33.95 -3.64 -7.63
N LEU B 229 35.16 -3.98 -7.20
CA LEU B 229 35.48 -4.17 -5.79
C LEU B 229 36.67 -3.31 -5.40
N ALA B 230 36.74 -2.97 -4.12
CA ALA B 230 37.93 -2.35 -3.54
C ALA B 230 38.80 -3.47 -2.99
N SER B 231 39.45 -4.19 -3.91
CA SER B 231 40.21 -5.38 -3.53
C SER B 231 41.38 -5.03 -2.61
N VAL B 232 42.10 -3.95 -2.91
CA VAL B 232 43.25 -3.56 -2.11
C VAL B 232 42.78 -2.98 -0.79
N ARG B 233 43.48 -3.33 0.29
CA ARG B 233 43.18 -2.80 1.63
C ARG B 233 43.82 -1.45 1.85
N LEU B 234 43.62 -0.53 0.91
CA LEU B 234 44.10 0.84 1.10
C LEU B 234 43.36 1.50 2.25
N TYR B 235 44.09 2.23 3.08
CA TYR B 235 43.50 2.80 4.29
C TYR B 235 42.63 4.01 3.94
N ASN B 236 41.35 3.92 4.28
CA ASN B 236 40.39 4.98 4.03
C ASN B 236 39.69 5.35 5.33
N SER B 237 39.55 6.66 5.60
CA SER B 237 38.89 7.10 6.82
C SER B 237 38.09 8.37 6.61
N VAL B 238 37.54 8.58 5.41
CA VAL B 238 36.72 9.76 5.13
C VAL B 238 35.28 9.44 5.48
N GLN B 239 34.59 10.42 6.06
CA GLN B 239 33.19 10.19 6.41
C GLN B 239 32.27 10.75 5.32
N PRO B 240 31.21 10.02 4.96
CA PRO B 240 30.30 10.52 3.93
C PRO B 240 29.48 11.69 4.47
N LYS B 241 29.46 12.78 3.70
CA LYS B 241 28.70 13.97 4.07
C LYS B 241 27.24 13.88 3.65
N TYR B 242 26.85 12.85 2.90
CA TYR B 242 25.46 12.62 2.52
C TYR B 242 24.96 11.30 3.08
N LEU B 243 25.19 11.07 4.37
CA LEU B 243 24.82 9.81 5.01
C LEU B 243 23.32 9.60 4.97
N TYR B 244 22.90 8.35 5.22
CA TYR B 244 21.49 8.00 5.14
C TYR B 244 20.69 8.74 6.21
N GLY B 245 21.24 8.85 7.42
CA GLY B 245 20.66 9.69 8.45
C GLY B 245 19.31 9.27 8.97
N VAL B 246 18.88 8.04 8.69
CA VAL B 246 17.58 7.56 9.16
C VAL B 246 17.71 7.07 10.59
N ASN B 247 16.67 7.34 11.39
CA ASN B 247 16.59 6.85 12.76
C ASN B 247 16.85 5.34 12.81
N GLU B 248 17.94 4.95 13.47
CA GLU B 248 18.42 3.57 13.42
C GLU B 248 18.04 2.85 14.71
N ASN B 249 16.83 2.29 14.72
CA ASN B 249 16.47 1.35 15.78
C ASN B 249 17.14 -0.01 15.58
N ARG B 250 17.68 -0.23 14.38
CA ARG B 250 18.45 -1.42 14.07
C ARG B 250 19.93 -1.04 14.10
N LEU B 251 20.66 -1.59 15.05
CA LEU B 251 21.98 -1.09 15.41
C LEU B 251 23.08 -1.84 14.64
N GLN B 252 23.94 -1.06 14.00
CA GLN B 252 25.13 -1.58 13.31
C GLN B 252 26.36 -1.17 14.09
N ILE B 253 26.94 -2.11 14.84
CA ILE B 253 28.14 -1.85 15.63
C ILE B 253 29.36 -2.15 14.77
N ARG B 254 30.37 -1.28 14.86
CA ARG B 254 31.56 -1.36 14.03
C ARG B 254 32.80 -1.16 14.88
N ASN B 255 33.92 -1.70 14.40
CA ASN B 255 35.19 -1.64 15.13
C ASN B 255 35.94 -0.39 14.67
N VAL B 256 35.83 0.68 15.46
CA VAL B 256 36.45 1.96 15.13
C VAL B 256 37.88 1.96 15.63
N LEU B 257 38.77 2.57 14.84
CA LEU B 257 40.18 2.73 15.21
C LEU B 257 40.41 4.18 15.59
N GLN B 258 40.87 4.40 16.81
CA GLN B 258 41.08 5.75 17.36
C GLN B 258 42.41 5.81 18.06
N PHE B 259 43.13 6.92 17.88
CA PHE B 259 44.36 7.20 18.61
C PHE B 259 44.22 8.49 19.40
N GLN B 260 44.92 8.54 20.53
CA GLN B 260 44.97 9.72 21.37
C GLN B 260 46.13 10.60 20.93
N GLY B 261 46.19 11.79 21.50
CA GLY B 261 47.28 12.70 21.20
C GLY B 261 47.13 14.00 21.95
N ASN B 262 48.26 14.68 22.12
CA ASN B 262 48.31 15.98 22.75
C ASN B 262 48.48 17.05 21.67
N ALA B 263 48.71 18.29 22.09
CA ALA B 263 48.95 19.37 21.13
C ALA B 263 50.25 19.16 20.37
N ASN B 264 51.24 18.51 21.00
CA ASN B 264 52.51 18.27 20.32
C ASN B 264 52.38 17.21 19.24
N ALA B 265 51.70 16.10 19.55
CA ALA B 265 51.49 15.06 18.53
C ALA B 265 50.58 15.53 17.41
N LEU B 266 49.57 16.34 17.74
CA LEU B 266 48.72 16.96 16.74
C LEU B 266 49.42 18.24 16.26
N GLN B 267 50.37 18.06 15.35
CA GLN B 267 51.21 19.17 14.92
C GLN B 267 50.42 20.17 14.08
N GLN B 268 49.88 21.20 14.73
CA GLN B 268 49.18 22.25 14.02
C GLN B 268 50.11 23.07 13.14
N LYS B 269 51.39 23.18 13.53
CA LYS B 269 52.35 23.96 12.74
C LYS B 269 52.58 23.35 11.37
N LEU B 270 52.27 22.07 11.19
CA LEU B 270 52.41 21.44 9.88
C LEU B 270 51.25 21.77 8.96
N SER B 271 50.20 22.43 9.47
CA SER B 271 49.00 22.66 8.69
C SER B 271 49.15 23.74 7.63
N ARG B 272 50.19 24.59 7.71
CA ARG B 272 50.32 25.68 6.75
C ARG B 272 50.57 25.16 5.34
N TYR B 273 51.30 24.05 5.21
CA TYR B 273 51.47 23.44 3.90
C TYR B 273 50.11 22.96 3.40
N GLU B 274 49.91 23.05 2.09
CA GLU B 274 48.65 22.57 1.52
C GLU B 274 48.50 21.07 1.78
N LEU B 275 47.30 20.68 2.22
CA LEU B 275 47.09 19.33 2.72
C LEU B 275 47.02 18.31 1.59
N TYR B 276 47.56 17.13 1.86
CA TYR B 276 47.46 15.98 0.96
C TYR B 276 46.62 14.92 1.68
N GLN B 277 45.31 14.99 1.49
CA GLN B 277 44.40 14.09 2.17
C GLN B 277 44.60 12.66 1.69
N ILE B 278 44.48 11.71 2.62
CA ILE B 278 44.53 10.29 2.28
C ILE B 278 43.14 9.90 1.79
N ASN B 279 42.95 10.04 0.48
CA ASN B 279 41.74 9.61 -0.19
C ASN B 279 42.06 8.40 -1.05
N ILE B 280 41.03 7.71 -1.50
CA ILE B 280 41.22 6.48 -2.27
C ILE B 280 40.49 6.62 -3.59
N PRO B 281 41.04 7.33 -4.56
CA PRO B 281 40.41 7.39 -5.89
C PRO B 281 40.50 6.05 -6.60
N LEU B 282 39.53 5.81 -7.46
CA LEU B 282 39.47 4.55 -8.21
C LEU B 282 40.39 4.66 -9.42
N PHE B 283 41.47 3.87 -9.42
CA PHE B 283 42.43 3.85 -10.52
C PHE B 283 42.58 2.43 -11.01
N LEU B 284 42.29 2.22 -12.29
CA LEU B 284 42.40 0.90 -12.92
C LEU B 284 42.25 1.04 -14.42
N GLY B 285 42.96 0.18 -15.16
CA GLY B 285 42.81 0.12 -16.60
C GLY B 285 43.60 1.20 -17.32
N LYS B 286 43.57 1.11 -18.65
CA LYS B 286 44.25 2.06 -19.52
C LYS B 286 43.22 2.73 -20.43
N GLN B 287 43.34 4.04 -20.57
CA GLN B 287 42.47 4.82 -21.43
C GLN B 287 43.20 5.16 -22.71
N ILE B 288 42.80 4.54 -23.81
CA ILE B 288 43.38 4.76 -25.11
C ILE B 288 42.58 5.88 -25.77
N ILE B 289 43.22 7.04 -25.92
CA ILE B 289 42.61 8.18 -26.60
C ILE B 289 43.41 8.48 -27.86
N SER B 290 42.97 7.93 -28.99
CA SER B 290 43.61 8.24 -30.25
C SER B 290 43.47 9.73 -30.56
N THR B 291 44.58 10.30 -31.05
CA THR B 291 44.65 11.74 -31.35
C THR B 291 44.37 12.59 -30.10
N LEU C 13 -1.99 13.55 -21.34
CA LEU C 13 -1.28 13.83 -22.59
C LEU C 13 -2.05 14.86 -23.42
N ARG C 14 -1.34 15.91 -23.85
CA ARG C 14 -1.96 16.90 -24.72
C ARG C 14 -2.16 16.38 -26.14
N ASN C 15 -1.46 15.31 -26.51
CA ASN C 15 -1.48 14.82 -27.90
C ASN C 15 -1.37 13.30 -27.85
N PHE C 16 -2.50 12.61 -28.00
CA PHE C 16 -2.50 11.15 -28.07
C PHE C 16 -2.24 10.60 -29.46
N CYS C 17 -2.20 11.46 -30.48
CA CYS C 17 -1.94 10.98 -31.83
C CYS C 17 -0.53 10.44 -31.93
N VAL C 18 -0.40 9.25 -32.53
CA VAL C 18 0.92 8.69 -32.76
C VAL C 18 1.70 9.55 -33.75
N PHE C 19 1.03 10.04 -34.79
CA PHE C 19 1.65 10.89 -35.80
C PHE C 19 1.65 12.35 -35.41
N SER C 20 1.45 12.65 -34.12
CA SER C 20 1.56 14.03 -33.64
C SER C 20 2.98 14.55 -33.80
N SER C 21 3.98 13.73 -33.52
CA SER C 21 5.38 14.11 -33.72
C SER C 21 5.83 13.64 -35.10
N VAL C 22 5.33 14.34 -36.11
CA VAL C 22 5.73 14.14 -37.50
C VAL C 22 6.15 15.52 -38.01
N LYS C 23 7.46 15.77 -38.04
CA LYS C 23 7.98 17.09 -38.35
C LYS C 23 9.06 17.03 -39.42
N PRO C 24 9.08 17.97 -40.35
CA PRO C 24 10.24 18.10 -41.25
C PRO C 24 11.42 18.72 -40.52
N LEU C 25 12.47 19.00 -41.30
CA LEU C 25 13.65 19.63 -40.73
C LEU C 25 13.33 21.02 -40.17
N ASP C 26 12.72 21.88 -40.97
CA ASP C 26 12.20 23.16 -40.52
C ASP C 26 10.68 23.02 -40.47
N PHE C 27 10.14 22.76 -39.27
CA PHE C 27 8.81 22.20 -39.16
C PHE C 27 7.78 23.29 -38.90
N CYS C 28 6.98 23.55 -39.93
CA CYS C 28 5.63 24.07 -39.80
C CYS C 28 4.73 22.99 -40.35
N ASP C 29 4.29 22.09 -39.46
CA ASP C 29 3.88 20.74 -39.85
C ASP C 29 2.90 20.76 -41.03
N GLN C 30 3.05 19.76 -41.90
CA GLN C 30 2.39 19.74 -43.20
C GLN C 30 0.91 20.08 -43.08
N TYR C 31 0.15 19.20 -42.40
CA TYR C 31 -1.17 19.48 -41.84
C TYR C 31 -1.98 20.48 -42.67
N SER C 32 -2.25 20.17 -43.93
CA SER C 32 -3.09 21.02 -44.77
C SER C 32 -4.41 21.26 -44.05
N SER C 33 -4.94 20.20 -43.44
CA SER C 33 -5.99 20.30 -42.44
C SER C 33 -5.36 20.06 -41.07
N PRO C 34 -5.39 21.04 -40.18
CA PRO C 34 -4.72 20.87 -38.88
C PRO C 34 -5.34 19.72 -38.08
N CYS C 35 -4.48 19.09 -37.28
CA CYS C 35 -4.91 17.94 -36.49
C CYS C 35 -6.05 18.33 -35.56
N SER C 36 -7.09 17.51 -35.54
CA SER C 36 -8.26 17.80 -34.74
C SER C 36 -7.95 17.67 -33.25
N SER C 37 -8.80 18.27 -32.43
CA SER C 37 -8.65 18.18 -30.98
C SER C 37 -8.93 16.78 -30.44
N ASP C 38 -9.23 15.82 -31.30
CA ASP C 38 -9.43 14.45 -30.86
C ASP C 38 -8.15 13.83 -30.31
N ALA C 39 -7.00 14.26 -30.83
CA ALA C 39 -5.74 13.77 -30.28
C ALA C 39 -5.56 14.18 -28.82
N THR C 40 -6.19 15.28 -28.41
CA THR C 40 -6.05 15.75 -27.03
C THR C 40 -6.71 14.79 -26.05
N VAL C 41 -7.86 14.23 -26.41
CA VAL C 41 -8.64 13.37 -25.54
C VAL C 41 -8.23 11.92 -25.77
N ASP C 42 -8.55 11.08 -24.79
CA ASP C 42 -8.20 9.64 -24.83
C ASP C 42 -9.45 8.85 -25.20
N ASP C 43 -9.72 8.79 -26.51
CA ASP C 43 -10.76 7.90 -27.02
C ASP C 43 -10.24 6.51 -27.35
N GLY C 44 -8.91 6.31 -27.33
CA GLY C 44 -8.32 5.00 -27.52
C GLY C 44 -7.79 4.74 -28.92
N TRP C 45 -8.24 5.48 -29.93
CA TRP C 45 -7.69 5.31 -31.26
C TRP C 45 -6.21 5.70 -31.31
N PHE C 46 -5.83 6.74 -30.56
CA PHE C 46 -4.47 7.26 -30.51
C PHE C 46 -4.02 7.80 -31.87
N VAL C 47 -4.96 8.09 -32.75
CA VAL C 47 -4.70 8.75 -34.02
C VAL C 47 -5.74 9.85 -34.22
N CYS C 48 -5.30 10.99 -34.73
CA CYS C 48 -6.23 12.07 -34.99
C CYS C 48 -7.06 11.77 -36.24
N GLU C 49 -8.09 12.60 -36.46
CA GLU C 49 -8.97 12.40 -37.60
C GLU C 49 -8.22 12.56 -38.91
N TYR C 50 -7.34 13.55 -38.99
CA TYR C 50 -6.58 13.79 -40.22
C TYR C 50 -5.69 12.60 -40.57
N HIS C 51 -4.98 12.07 -39.58
CA HIS C 51 -4.07 10.95 -39.83
C HIS C 51 -4.86 9.67 -40.12
N ALA C 52 -6.00 9.50 -39.45
CA ALA C 52 -6.84 8.34 -39.72
C ALA C 52 -7.38 8.37 -41.14
N SER C 53 -7.82 9.54 -41.60
CA SER C 53 -8.35 9.65 -42.96
C SER C 53 -7.25 9.54 -44.00
N ARG C 54 -6.07 10.11 -43.73
CA ARG C 54 -5.01 10.14 -44.72
C ARG C 54 -4.38 8.76 -44.90
N PHE C 55 -4.10 8.06 -43.80
CA PHE C 55 -3.39 6.80 -43.84
C PHE C 55 -4.33 5.60 -43.90
N PHE C 56 -5.20 5.46 -42.91
CA PHE C 56 -6.10 4.32 -42.82
C PHE C 56 -7.38 4.50 -43.63
N LYS C 57 -7.55 5.67 -44.26
CA LYS C 57 -8.69 5.93 -45.14
C LYS C 57 -10.02 5.72 -44.43
N MET C 58 -10.11 6.17 -43.18
CA MET C 58 -11.34 6.08 -42.43
C MET C 58 -11.50 7.32 -41.56
N GLU C 59 -12.75 7.64 -41.25
CA GLU C 59 -13.09 8.74 -40.36
C GLU C 59 -13.69 8.18 -39.08
N LYS C 60 -14.03 9.08 -38.16
CA LYS C 60 -14.51 8.71 -36.84
C LYS C 60 -15.97 9.11 -36.70
N LEU C 61 -16.78 8.20 -36.16
CA LEU C 61 -18.21 8.44 -35.98
C LEU C 61 -18.63 8.11 -34.56
N ALA C 62 -19.56 8.89 -34.03
CA ALA C 62 -20.08 8.71 -32.69
C ALA C 62 -21.31 7.82 -32.75
N LEU C 63 -21.13 6.54 -32.45
CA LEU C 63 -22.22 5.57 -32.43
C LEU C 63 -23.05 5.81 -31.18
N ALA C 64 -24.30 6.23 -31.36
CA ALA C 64 -25.20 6.51 -30.27
C ALA C 64 -26.23 5.38 -30.14
N ILE C 65 -26.40 4.87 -28.93
CA ILE C 65 -27.31 3.75 -28.68
C ILE C 65 -28.44 4.23 -27.78
N PRO C 66 -29.61 4.55 -28.33
CA PRO C 66 -30.74 4.96 -27.49
C PRO C 66 -31.31 3.79 -26.71
N ASP C 67 -31.96 4.12 -25.59
CA ASP C 67 -32.59 3.12 -24.73
C ASP C 67 -34.01 3.48 -24.34
N GLY C 68 -34.57 4.56 -24.87
CA GLY C 68 -35.93 4.96 -24.57
C GLY C 68 -36.08 6.05 -23.52
N THR C 69 -34.99 6.66 -23.08
CA THR C 69 -35.03 7.72 -22.08
C THR C 69 -34.44 9.03 -22.57
N GLY C 70 -33.36 8.99 -23.33
CA GLY C 70 -32.72 10.20 -23.82
C GLY C 70 -31.21 10.14 -23.78
N ASN C 71 -30.67 9.42 -22.81
CA ASN C 71 -29.23 9.20 -22.74
C ASN C 71 -28.81 8.10 -23.69
N ASN C 72 -27.64 8.27 -24.33
CA ASN C 72 -27.14 7.35 -25.33
C ASN C 72 -25.78 6.82 -24.91
N TYR C 73 -25.61 5.50 -24.98
CA TYR C 73 -24.33 4.86 -24.69
C TYR C 73 -23.41 5.13 -25.87
N TYR C 74 -22.69 6.25 -25.80
CA TYR C 74 -21.83 6.66 -26.89
C TYR C 74 -20.67 5.70 -27.09
N ARG C 75 -20.23 5.59 -28.33
CA ARG C 75 -19.11 4.72 -28.70
C ARG C 75 -18.44 5.33 -29.92
N THR C 76 -17.21 4.89 -30.18
CA THR C 76 -16.46 5.33 -31.35
C THR C 76 -16.44 4.22 -32.40
N VAL C 77 -16.71 4.59 -33.65
CA VAL C 77 -16.75 3.62 -34.73
C VAL C 77 -16.04 4.22 -35.94
N GLY C 78 -15.56 3.34 -36.82
CA GLY C 78 -14.88 3.76 -38.03
C GLY C 78 -15.85 3.92 -39.19
N LYS C 79 -15.64 4.97 -39.98
CA LYS C 79 -16.45 5.29 -41.14
C LYS C 79 -15.61 5.12 -42.38
N SER C 80 -16.05 4.24 -43.28
CA SER C 80 -15.27 3.93 -44.48
C SER C 80 -15.23 5.11 -45.44
N LEU C 81 -14.07 5.31 -46.06
CA LEU C 81 -13.88 6.37 -47.03
C LEU C 81 -13.59 5.84 -48.43
N VAL C 82 -13.47 4.53 -48.61
CA VAL C 82 -13.21 3.96 -49.92
C VAL C 82 -14.52 3.84 -50.68
N ASP C 83 -14.44 3.85 -52.00
CA ASP C 83 -15.60 3.78 -52.87
C ASP C 83 -15.84 2.34 -53.31
N ASP C 84 -17.08 2.07 -53.71
CA ASP C 84 -17.44 0.73 -54.18
C ASP C 84 -16.71 0.37 -55.47
N LYS C 85 -16.35 1.38 -56.27
CA LYS C 85 -15.66 1.13 -57.53
C LYS C 85 -14.22 0.66 -57.35
N ALA C 86 -13.64 0.82 -56.16
CA ALA C 86 -12.23 0.51 -55.93
C ALA C 86 -11.97 -0.99 -55.95
N GLU C 87 -10.72 -1.35 -56.26
CA GLU C 87 -10.21 -2.71 -56.24
C GLU C 87 -8.73 -2.69 -55.93
N GLY C 88 -8.24 -3.76 -55.30
CA GLY C 88 -6.81 -3.93 -55.08
C GLY C 88 -6.33 -3.51 -53.71
N ILE C 89 -5.13 -2.92 -53.66
CA ILE C 89 -4.56 -2.44 -52.41
C ILE C 89 -5.27 -1.19 -51.93
N GLU C 90 -6.19 -0.64 -52.72
CA GLU C 90 -6.93 0.55 -52.30
C GLU C 90 -8.08 0.22 -51.38
N ARG C 91 -8.66 -0.97 -51.46
CA ARG C 91 -9.82 -1.34 -50.67
C ARG C 91 -9.49 -1.72 -49.24
N ILE C 92 -8.21 -1.89 -48.90
CA ILE C 92 -7.80 -2.29 -47.55
C ILE C 92 -7.77 -1.05 -46.68
N LEU C 93 -8.49 -1.10 -45.55
CA LEU C 93 -8.52 0.03 -44.64
C LEU C 93 -7.27 0.06 -43.76
N ILE C 94 -6.86 -1.10 -43.24
CA ILE C 94 -5.70 -1.20 -42.37
C ILE C 94 -4.86 -2.39 -42.81
N PRO C 95 -3.60 -2.20 -43.18
CA PRO C 95 -2.77 -3.31 -43.63
C PRO C 95 -2.07 -4.02 -42.50
N SER C 96 -1.60 -5.23 -42.79
CA SER C 96 -0.82 -6.04 -41.88
C SER C 96 0.66 -5.98 -42.27
N GLN C 97 1.49 -6.80 -41.61
CA GLN C 97 2.92 -6.79 -41.89
C GLN C 97 3.24 -7.27 -43.30
N ASN C 98 2.29 -7.93 -43.97
CA ASN C 98 2.59 -8.55 -45.27
C ASN C 98 2.87 -7.49 -46.33
N ASN C 99 1.99 -6.50 -46.47
CA ASN C 99 2.11 -5.55 -47.57
C ASN C 99 1.80 -4.11 -47.14
N TYR C 100 2.11 -3.75 -45.89
CA TYR C 100 1.80 -2.40 -45.44
C TYR C 100 2.67 -1.36 -46.13
N GLU C 101 3.87 -1.75 -46.59
CA GLU C 101 4.72 -0.80 -47.30
C GLU C 101 4.06 -0.32 -48.58
N THR C 102 3.46 -1.24 -49.34
CA THR C 102 2.78 -0.86 -50.58
C THR C 102 1.44 -0.20 -50.30
N VAL C 103 0.74 -0.63 -49.26
CA VAL C 103 -0.58 -0.08 -48.94
C VAL C 103 -0.45 1.39 -48.53
N LEU C 104 0.46 1.66 -47.59
CA LEU C 104 0.64 3.03 -47.11
C LEU C 104 1.54 3.86 -48.01
N ASN C 105 2.17 3.24 -49.01
CA ASN C 105 3.08 3.92 -49.93
C ASN C 105 4.18 4.67 -49.16
N LEU C 106 4.92 3.91 -48.36
CA LEU C 106 5.96 4.47 -47.51
C LEU C 106 7.20 4.90 -48.29
N SER C 107 7.26 4.62 -49.60
CA SER C 107 8.46 4.92 -50.36
C SER C 107 8.74 6.42 -50.41
N LEU C 108 7.70 7.23 -50.62
CA LEU C 108 7.86 8.67 -50.78
C LEU C 108 7.37 9.46 -49.57
N LEU C 109 7.02 8.79 -48.48
CA LEU C 109 6.54 9.50 -47.30
C LEU C 109 7.70 10.16 -46.56
N GLY C 110 7.36 11.16 -45.75
CA GLY C 110 8.35 11.86 -44.97
C GLY C 110 9.03 10.95 -43.96
N PRO C 111 10.30 11.22 -43.67
CA PRO C 111 11.08 10.29 -42.83
C PRO C 111 10.48 10.06 -41.45
N ALA C 112 9.86 11.08 -40.85
CA ALA C 112 9.18 10.88 -39.57
C ALA C 112 8.04 9.89 -39.71
N GLU C 113 7.24 10.02 -40.76
CA GLU C 113 6.14 9.09 -41.01
C GLU C 113 6.66 7.68 -41.25
N ARG C 114 7.73 7.55 -42.04
CA ARG C 114 8.34 6.25 -42.28
C ARG C 114 8.80 5.61 -40.97
N LEU C 115 9.51 6.37 -40.14
CA LEU C 115 9.97 5.85 -38.85
C LEU C 115 8.80 5.40 -37.99
N VAL C 116 7.77 6.25 -37.87
CA VAL C 116 6.64 5.94 -37.01
C VAL C 116 5.96 4.66 -37.47
N PHE C 117 5.68 4.56 -38.77
CA PHE C 117 4.99 3.37 -39.28
C PHE C 117 5.86 2.13 -39.13
N TYR C 118 7.16 2.24 -39.42
CA TYR C 118 8.03 1.07 -39.35
C TYR C 118 8.16 0.54 -37.93
N MET C 119 8.32 1.43 -36.94
CA MET C 119 8.44 0.91 -35.59
C MET C 119 7.08 0.59 -34.96
N ILE C 120 5.98 1.06 -35.56
CA ILE C 120 4.68 0.50 -35.20
C ILE C 120 4.57 -0.94 -35.68
N TYR C 121 5.03 -1.21 -36.90
CA TYR C 121 5.03 -2.58 -37.41
C TYR C 121 6.25 -3.38 -36.96
N ASP C 122 7.23 -2.72 -36.33
CA ASP C 122 8.34 -3.38 -35.65
C ASP C 122 9.15 -4.28 -36.59
N ASN C 123 9.80 -3.62 -37.55
CA ASN C 123 10.78 -4.25 -38.43
C ASN C 123 12.13 -3.55 -38.31
N LYS C 124 13.03 -4.17 -37.54
CA LYS C 124 14.20 -3.46 -37.00
C LYS C 124 15.04 -2.80 -38.08
N GLU C 125 15.34 -3.54 -39.15
CA GLU C 125 16.31 -3.05 -40.13
C GLU C 125 15.84 -1.77 -40.81
N LYS C 126 14.53 -1.59 -40.97
CA LYS C 126 14.04 -0.40 -41.65
C LYS C 126 14.33 0.87 -40.87
N GLN C 127 13.97 0.91 -39.59
CA GLN C 127 14.32 2.10 -38.82
C GLN C 127 15.81 2.18 -38.55
N ASN C 128 16.52 1.04 -38.57
CA ASN C 128 17.98 1.11 -38.50
C ASN C 128 18.56 1.89 -39.68
N GLU C 129 18.13 1.57 -40.91
CA GLU C 129 18.65 2.29 -42.06
C GLU C 129 18.11 3.71 -42.10
N ILE C 130 16.92 3.95 -41.54
CA ILE C 130 16.42 5.31 -41.39
C ILE C 130 17.36 6.11 -40.49
N CYS C 131 17.81 5.52 -39.39
CA CYS C 131 18.77 6.20 -38.52
C CYS C 131 20.10 6.44 -39.25
N GLN C 132 20.56 5.45 -40.03
CA GLN C 132 21.80 5.62 -40.77
C GLN C 132 21.70 6.77 -41.76
N GLN C 133 20.58 6.88 -42.48
CA GLN C 133 20.41 7.98 -43.42
C GLN C 133 20.08 9.29 -42.73
N LEU C 134 19.59 9.24 -41.48
CA LEU C 134 19.26 10.43 -40.71
C LEU C 134 20.46 10.96 -39.94
N ARG C 135 21.56 10.21 -39.90
CA ARG C 135 22.77 10.67 -39.24
C ARG C 135 23.24 12.01 -39.80
N MET C 136 23.08 12.23 -41.10
CA MET C 136 23.47 13.50 -41.70
C MET C 136 22.65 14.66 -41.16
N TYR C 137 21.33 14.46 -41.01
CA TYR C 137 20.49 15.46 -40.39
C TYR C 137 20.80 15.63 -38.91
N GLU C 138 21.33 14.57 -38.28
CA GLU C 138 21.52 14.56 -36.83
C GLU C 138 22.44 15.68 -36.36
N ARG C 139 23.40 16.09 -37.20
CA ARG C 139 24.35 17.12 -36.78
C ARG C 139 23.70 18.50 -36.65
N PHE C 140 22.55 18.72 -37.29
CA PHE C 140 21.82 19.98 -37.15
C PHE C 140 20.82 19.96 -36.01
N ARG C 141 20.09 18.84 -35.83
CA ARG C 141 19.01 18.76 -34.85
C ARG C 141 19.20 17.49 -34.03
N PRO C 142 20.17 17.48 -33.11
CA PRO C 142 20.48 16.26 -32.36
C PRO C 142 19.57 15.96 -31.18
N GLU C 143 18.45 16.66 -31.03
CA GLU C 143 17.58 16.47 -29.87
C GLU C 143 16.17 16.04 -30.21
N VAL C 144 15.67 16.34 -31.42
CA VAL C 144 14.29 16.00 -31.75
C VAL C 144 14.11 14.50 -31.92
N VAL C 145 15.14 13.80 -32.41
CA VAL C 145 15.00 12.38 -32.73
C VAL C 145 14.73 11.56 -31.47
N GLU C 146 15.51 11.80 -30.42
CA GLU C 146 15.35 11.02 -29.20
C GLU C 146 13.99 11.24 -28.56
N GLU C 147 13.55 12.51 -28.47
CA GLU C 147 12.25 12.77 -27.85
C GLU C 147 11.11 12.24 -28.70
N LEU C 148 11.23 12.32 -30.03
CA LEU C 148 10.22 11.74 -30.91
C LEU C 148 10.12 10.23 -30.70
N TYR C 149 11.27 9.55 -30.68
CA TYR C 149 11.28 8.11 -30.47
C TYR C 149 10.70 7.76 -29.10
N ASN C 150 11.07 8.52 -28.07
CA ASN C 150 10.56 8.24 -26.72
C ASN C 150 9.04 8.41 -26.67
N SER C 151 8.51 9.48 -27.25
CA SER C 151 7.07 9.71 -27.21
C SER C 151 6.33 8.63 -27.97
N THR C 152 6.81 8.28 -29.17
CA THR C 152 6.12 7.26 -29.95
C THR C 152 6.20 5.89 -29.27
N LEU C 153 7.37 5.57 -28.70
CA LEU C 153 7.53 4.29 -28.02
C LEU C 153 6.65 4.21 -26.77
N ARG C 154 6.52 5.31 -26.03
CA ARG C 154 5.64 5.27 -24.86
C ARG C 154 4.18 5.18 -25.27
N VAL C 155 3.81 5.78 -26.41
CA VAL C 155 2.45 5.61 -26.91
C VAL C 155 2.19 4.14 -27.26
N LEU C 156 3.14 3.52 -27.96
CA LEU C 156 3.01 2.10 -28.29
C LEU C 156 2.94 1.24 -27.03
N ALA C 157 3.75 1.57 -26.02
CA ALA C 157 3.70 0.82 -24.76
C ALA C 157 2.35 0.99 -24.07
N LEU C 158 1.80 2.21 -24.10
CA LEU C 158 0.49 2.44 -23.51
C LEU C 158 -0.60 1.64 -24.23
N THR C 159 -0.53 1.59 -25.55
CA THR C 159 -1.49 0.79 -26.30
C THR C 159 -1.12 -0.69 -26.37
N ASN C 160 0.02 -1.07 -25.82
CA ASN C 160 0.45 -2.47 -25.81
C ASN C 160 -0.35 -3.23 -24.77
N PRO C 161 -1.03 -4.32 -25.12
CA PRO C 161 -1.73 -5.12 -24.11
C PRO C 161 -0.82 -5.67 -23.03
N ASP C 162 0.43 -5.99 -23.36
CA ASP C 162 1.40 -6.45 -22.37
C ASP C 162 2.50 -5.42 -22.17
N ALA C 163 2.70 -5.03 -20.91
CA ALA C 163 3.69 -4.03 -20.52
C ALA C 163 3.90 -4.16 -19.02
N TYR C 164 4.57 -3.18 -18.42
CA TYR C 164 4.65 -3.13 -16.96
C TYR C 164 3.25 -3.02 -16.35
N CYS C 165 2.55 -1.92 -16.63
CA CYS C 165 1.20 -1.77 -16.08
C CYS C 165 0.26 -2.80 -16.68
N ALA C 166 0.26 -2.93 -18.00
CA ALA C 166 -0.55 -3.92 -18.71
C ALA C 166 -2.02 -3.84 -18.27
N GLN C 167 -2.58 -2.64 -18.38
CA GLN C 167 -3.97 -2.43 -17.99
C GLN C 167 -4.89 -3.28 -18.87
N THR C 168 -5.49 -4.29 -18.27
CA THR C 168 -6.29 -5.27 -18.98
C THR C 168 -7.72 -5.27 -18.44
N ASN C 169 -8.68 -5.26 -19.36
CA ASN C 169 -10.11 -5.33 -19.03
C ASN C 169 -10.65 -6.58 -19.69
N THR C 170 -10.60 -7.70 -18.98
CA THR C 170 -11.04 -8.98 -19.54
C THR C 170 -12.55 -9.02 -19.72
N ASN C 171 -13.27 -8.14 -19.02
CA ASN C 171 -14.74 -8.14 -19.12
C ASN C 171 -15.23 -7.86 -20.54
N GLU C 172 -14.62 -6.91 -21.23
CA GLU C 172 -14.92 -6.71 -22.65
C GLU C 172 -14.25 -7.80 -23.49
N SER C 173 -15.01 -8.43 -24.36
CA SER C 173 -14.48 -9.43 -25.28
C SER C 173 -14.92 -9.08 -26.69
N ARG C 174 -14.02 -9.22 -27.65
CA ARG C 174 -14.30 -8.92 -29.05
C ARG C 174 -14.12 -10.16 -29.90
N SER C 175 -15.14 -10.48 -30.69
CA SER C 175 -15.08 -11.57 -31.66
C SER C 175 -15.14 -11.01 -33.06
N PHE C 176 -14.24 -11.48 -33.93
CA PHE C 176 -14.12 -10.98 -35.29
C PHE C 176 -14.47 -12.08 -36.29
N GLY C 177 -15.52 -12.85 -36.00
CA GLY C 177 -15.97 -13.91 -36.89
C GLY C 177 -16.05 -15.25 -36.20
N LEU C 178 -16.85 -16.15 -36.77
CA LEU C 178 -17.01 -17.49 -36.22
C LEU C 178 -16.03 -18.49 -36.84
N SER C 179 -15.13 -18.03 -37.70
CA SER C 179 -14.17 -18.91 -38.36
C SER C 179 -12.80 -18.81 -37.69
N VAL C 180 -12.05 -19.91 -37.78
CA VAL C 180 -10.74 -19.98 -37.14
C VAL C 180 -9.75 -19.05 -37.82
N GLU C 181 -9.80 -18.96 -39.16
CA GLU C 181 -8.82 -18.17 -39.88
C GLU C 181 -8.90 -16.69 -39.52
N ASP C 182 -10.12 -16.18 -39.32
CA ASP C 182 -10.29 -14.75 -39.07
C ASP C 182 -9.59 -14.31 -37.79
N ASP C 183 -9.91 -14.98 -36.67
CA ASP C 183 -9.29 -14.57 -35.41
C ASP C 183 -7.83 -15.01 -35.31
N LEU C 184 -7.48 -16.13 -35.94
CA LEU C 184 -6.07 -16.53 -35.95
C LEU C 184 -5.22 -15.52 -36.71
N ALA C 185 -5.74 -14.96 -37.80
CA ALA C 185 -5.04 -13.89 -38.50
C ALA C 185 -5.04 -12.61 -37.69
N PHE C 186 -6.18 -12.27 -37.06
CA PHE C 186 -6.24 -11.06 -36.24
C PHE C 186 -5.27 -11.11 -35.07
N ASN C 187 -4.92 -12.31 -34.60
CA ASN C 187 -4.00 -12.41 -33.47
C ASN C 187 -2.62 -11.86 -33.81
N VAL C 188 -2.15 -12.07 -35.04
CA VAL C 188 -0.78 -11.69 -35.40
C VAL C 188 -0.63 -10.24 -35.83
N LEU C 189 -1.71 -9.45 -35.79
CA LEU C 189 -1.59 -8.02 -36.07
C LEU C 189 -0.80 -7.33 -34.96
N PRO C 190 -0.17 -6.20 -35.27
CA PRO C 190 0.56 -5.45 -34.24
C PRO C 190 -0.36 -4.97 -33.14
N THR C 191 0.24 -4.72 -31.97
CA THR C 191 -0.55 -4.37 -30.78
C THR C 191 -1.33 -3.09 -30.99
N PHE C 192 -0.68 -2.05 -31.53
CA PHE C 192 -1.41 -0.82 -31.83
C PHE C 192 -2.45 -1.04 -32.91
N ILE C 193 -2.12 -1.83 -33.93
CA ILE C 193 -3.10 -2.15 -34.97
C ILE C 193 -4.27 -2.92 -34.38
N GLN C 194 -4.00 -3.86 -33.48
CA GLN C 194 -5.09 -4.60 -32.84
C GLN C 194 -5.97 -3.68 -32.01
N ASN C 195 -5.36 -2.75 -31.26
CA ASN C 195 -6.14 -1.83 -30.45
C ASN C 195 -7.00 -0.93 -31.33
N LEU C 196 -6.45 -0.44 -32.43
CA LEU C 196 -7.21 0.40 -33.35
C LEU C 196 -8.36 -0.38 -33.98
N ILE C 197 -8.11 -1.63 -34.38
CA ILE C 197 -9.12 -2.42 -35.05
C ILE C 197 -10.26 -2.77 -34.10
N ARG C 198 -9.93 -3.16 -32.87
CA ARG C 198 -10.96 -3.55 -31.91
C ARG C 198 -11.89 -2.39 -31.59
N LYS C 199 -11.40 -1.16 -31.69
CA LYS C 199 -12.18 0.01 -31.28
C LYS C 199 -12.53 0.93 -32.45
N CYS C 200 -12.58 0.38 -33.67
CA CYS C 200 -13.07 1.10 -34.83
C CYS C 200 -14.26 0.43 -35.50
N VAL C 201 -14.41 -0.87 -35.35
CA VAL C 201 -15.51 -1.62 -35.95
C VAL C 201 -16.59 -1.84 -34.90
N ALA C 202 -17.83 -1.48 -35.24
CA ALA C 202 -18.93 -1.71 -34.31
C ALA C 202 -19.31 -3.18 -34.30
N PRO C 203 -19.74 -3.70 -33.14
CA PRO C 203 -20.16 -5.10 -33.08
C PRO C 203 -21.42 -5.35 -33.88
N GLU C 204 -21.50 -6.55 -34.45
CA GLU C 204 -22.72 -6.98 -35.12
C GLU C 204 -23.88 -7.10 -34.13
N SER C 205 -23.60 -7.70 -32.97
CA SER C 205 -24.59 -7.88 -31.91
C SER C 205 -23.91 -7.58 -30.58
N LEU C 206 -24.19 -6.40 -30.01
CA LEU C 206 -23.59 -6.01 -28.75
C LEU C 206 -24.24 -6.80 -27.62
N THR C 207 -23.51 -7.77 -27.08
CA THR C 207 -24.00 -8.58 -25.96
C THR C 207 -23.61 -7.86 -24.67
N ILE C 208 -24.59 -7.23 -24.02
CA ILE C 208 -24.36 -6.44 -22.83
C ILE C 208 -25.19 -7.02 -21.69
N GLY C 209 -24.56 -7.20 -20.54
CA GLY C 209 -25.27 -7.74 -19.39
C GLY C 209 -25.78 -9.14 -19.69
N THR C 210 -27.10 -9.30 -19.57
CA THR C 210 -27.77 -10.55 -19.88
C THR C 210 -28.60 -10.46 -21.16
N GLU C 211 -28.41 -9.43 -21.97
CA GLU C 211 -29.19 -9.24 -23.18
C GLU C 211 -28.27 -8.97 -24.36
N ASP C 212 -28.84 -9.01 -25.56
CA ASP C 212 -28.13 -8.73 -26.80
C ASP C 212 -28.87 -7.68 -27.59
N LEU C 213 -28.17 -6.65 -28.04
CA LEU C 213 -28.71 -5.60 -28.88
C LEU C 213 -28.16 -5.80 -30.29
N GLN C 214 -29.03 -6.13 -31.23
CA GLN C 214 -28.63 -6.36 -32.61
C GLN C 214 -28.45 -5.01 -33.30
N LEU C 215 -27.21 -4.53 -33.29
CA LEU C 215 -26.92 -3.26 -33.96
C LEU C 215 -27.03 -3.38 -35.47
N ARG C 216 -26.53 -4.48 -36.04
CA ARG C 216 -26.59 -4.69 -37.47
C ARG C 216 -26.48 -6.19 -37.76
N ASN C 217 -27.24 -6.65 -38.74
CA ASN C 217 -27.24 -8.05 -39.14
C ASN C 217 -26.28 -8.34 -40.29
N CYS C 218 -25.57 -7.33 -40.78
CA CYS C 218 -24.68 -7.49 -41.92
C CYS C 218 -23.34 -6.83 -41.63
N ASN C 219 -22.27 -7.47 -42.09
CA ASN C 219 -20.92 -6.96 -41.88
C ASN C 219 -20.54 -6.02 -43.02
N THR C 220 -19.90 -4.92 -42.65
CA THR C 220 -19.48 -3.90 -43.61
C THR C 220 -17.98 -3.93 -43.87
N CYS C 221 -17.26 -4.91 -43.32
CA CYS C 221 -15.82 -5.03 -43.52
C CYS C 221 -15.44 -6.49 -43.36
N ARG C 222 -14.14 -6.75 -43.29
CA ARG C 222 -13.63 -8.11 -43.12
C ARG C 222 -12.23 -8.06 -42.53
N ILE C 223 -11.93 -9.01 -41.66
CA ILE C 223 -10.60 -9.16 -41.09
C ILE C 223 -9.96 -10.40 -41.68
N THR C 224 -8.83 -10.21 -42.37
CA THR C 224 -8.12 -11.31 -43.00
C THR C 224 -6.64 -11.24 -42.70
N SER C 225 -5.85 -12.13 -43.32
CA SER C 225 -4.42 -12.21 -43.04
C SER C 225 -3.69 -10.91 -43.34
N GLU C 226 -4.18 -10.12 -44.30
CA GLU C 226 -3.54 -8.86 -44.64
C GLU C 226 -4.12 -7.68 -43.86
N GLY C 227 -5.13 -7.90 -43.03
CA GLY C 227 -5.63 -6.84 -42.18
C GLY C 227 -7.12 -6.57 -42.30
N LEU C 228 -7.51 -5.31 -42.12
CA LEU C 228 -8.91 -4.91 -42.15
C LEU C 228 -9.23 -4.33 -43.52
N LEU C 229 -10.23 -4.89 -44.19
CA LEU C 229 -10.60 -4.52 -45.55
C LEU C 229 -12.07 -4.16 -45.62
N ALA C 230 -12.41 -3.32 -46.60
CA ALA C 230 -13.80 -3.06 -46.95
C ALA C 230 -14.19 -4.04 -48.05
N SER C 231 -14.38 -5.30 -47.64
CA SER C 231 -14.63 -6.37 -48.59
C SER C 231 -15.92 -6.15 -49.37
N VAL C 232 -16.98 -5.74 -48.68
CA VAL C 232 -18.28 -5.54 -49.33
C VAL C 232 -18.24 -4.28 -50.17
N ARG C 233 -18.83 -4.34 -51.37
CA ARG C 233 -18.92 -3.19 -52.26
C ARG C 233 -20.09 -2.28 -51.90
N LEU C 234 -20.18 -1.91 -50.64
CA LEU C 234 -21.19 -0.95 -50.21
C LEU C 234 -20.91 0.42 -50.84
N TYR C 235 -21.97 1.06 -51.31
CA TYR C 235 -21.80 2.31 -52.06
C TYR C 235 -21.47 3.45 -51.10
N ASN C 236 -20.31 4.08 -51.31
CA ASN C 236 -19.86 5.19 -50.49
C ASN C 236 -19.50 6.36 -51.40
N SER C 237 -19.94 7.57 -51.03
CA SER C 237 -19.66 8.75 -51.82
C SER C 237 -19.43 9.99 -50.96
N VAL C 238 -18.89 9.82 -49.75
CA VAL C 238 -18.60 10.95 -48.88
C VAL C 238 -17.20 11.46 -49.19
N GLN C 239 -17.05 12.78 -49.18
CA GLN C 239 -15.72 13.34 -49.43
C GLN C 239 -15.00 13.64 -48.11
N PRO C 240 -13.71 13.35 -48.03
CA PRO C 240 -12.97 13.65 -46.79
C PRO C 240 -12.76 15.15 -46.64
N LYS C 241 -13.12 15.66 -45.46
CA LYS C 241 -12.95 17.08 -45.16
C LYS C 241 -11.55 17.43 -44.68
N TYR C 242 -10.70 16.42 -44.46
CA TYR C 242 -9.31 16.64 -44.07
C TYR C 242 -8.37 16.06 -45.13
N LEU C 243 -8.62 16.39 -46.39
CA LEU C 243 -7.84 15.84 -47.49
C LEU C 243 -6.38 16.27 -47.39
N TYR C 244 -5.53 15.57 -48.15
CA TYR C 244 -4.09 15.84 -48.09
C TYR C 244 -3.78 17.24 -48.61
N GLY C 245 -4.46 17.65 -49.69
CA GLY C 245 -4.39 19.03 -50.14
C GLY C 245 -3.05 19.50 -50.65
N VAL C 246 -2.12 18.58 -50.93
CA VAL C 246 -0.80 18.95 -51.42
C VAL C 246 -0.87 19.18 -52.92
N ASN C 247 -0.11 20.18 -53.39
CA ASN C 247 0.01 20.45 -54.82
C ASN C 247 0.38 19.19 -55.58
N GLU C 248 -0.50 18.73 -56.47
CA GLU C 248 -0.37 17.42 -57.11
C GLU C 248 0.14 17.62 -58.53
N ASN C 249 1.46 17.68 -58.68
CA ASN C 249 2.06 17.57 -60.00
C ASN C 249 2.04 16.14 -60.51
N ARG C 250 1.76 15.19 -59.62
CA ARG C 250 1.58 13.78 -59.98
C ARG C 250 0.08 13.50 -59.99
N LEU C 251 -0.45 13.19 -61.17
CA LEU C 251 -1.89 13.21 -61.39
C LEU C 251 -2.49 11.84 -61.17
N GLN C 252 -3.53 11.78 -60.34
CA GLN C 252 -4.32 10.58 -60.10
C GLN C 252 -5.69 10.75 -60.72
N ILE C 253 -5.91 10.12 -61.87
CA ILE C 253 -7.18 10.18 -62.58
C ILE C 253 -8.08 9.06 -62.08
N ARG C 254 -9.36 9.37 -61.87
CA ARG C 254 -10.31 8.43 -61.31
C ARG C 254 -11.61 8.48 -62.09
N ASN C 255 -12.35 7.37 -62.04
CA ASN C 255 -13.60 7.23 -62.78
C ASN C 255 -14.74 7.70 -61.89
N VAL C 256 -15.16 8.94 -62.07
CA VAL C 256 -16.22 9.55 -61.26
C VAL C 256 -17.57 9.19 -61.84
N LEU C 257 -18.55 8.94 -60.96
CA LEU C 257 -19.92 8.66 -61.36
C LEU C 257 -20.77 9.87 -61.06
N GLN C 258 -21.41 10.43 -62.08
CA GLN C 258 -22.20 11.65 -61.97
C GLN C 258 -23.52 11.48 -62.70
N PHE C 259 -24.60 11.97 -62.10
CA PHE C 259 -25.90 12.02 -62.74
C PHE C 259 -26.39 13.45 -62.83
N GLN C 260 -27.16 13.73 -63.88
CA GLN C 260 -27.78 15.03 -64.09
C GLN C 260 -29.15 15.04 -63.40
N GLY C 261 -29.76 16.22 -63.37
CA GLY C 261 -31.09 16.34 -62.80
C GLY C 261 -31.56 17.78 -62.84
N ASN C 262 -32.88 17.92 -62.80
CA ASN C 262 -33.54 19.21 -62.76
C ASN C 262 -34.01 19.49 -61.34
N ALA C 263 -34.77 20.57 -61.16
CA ALA C 263 -35.32 20.87 -59.84
C ALA C 263 -36.35 19.82 -59.41
N ASN C 264 -37.03 19.19 -60.36
CA ASN C 264 -38.01 18.17 -60.00
C ASN C 264 -37.34 16.89 -59.53
N ALA C 265 -36.30 16.44 -60.23
CA ALA C 265 -35.58 15.24 -59.81
C ALA C 265 -34.83 15.47 -58.51
N LEU C 266 -34.29 16.67 -58.31
CA LEU C 266 -33.66 17.05 -57.05
C LEU C 266 -34.77 17.54 -56.12
N GLN C 267 -35.46 16.59 -55.49
CA GLN C 267 -36.63 16.92 -54.70
C GLN C 267 -36.24 17.65 -53.42
N GLN C 268 -36.25 18.98 -53.45
CA GLN C 268 -35.97 19.77 -52.27
C GLN C 268 -37.05 19.63 -51.22
N LYS C 269 -38.29 19.36 -51.63
CA LYS C 269 -39.39 19.22 -50.69
C LYS C 269 -39.21 18.01 -49.79
N LEU C 270 -38.39 17.05 -50.18
CA LEU C 270 -38.11 15.90 -49.33
C LEU C 270 -37.09 16.21 -48.25
N SER C 271 -36.47 17.40 -48.28
CA SER C 271 -35.39 17.71 -47.36
C SER C 271 -35.87 18.01 -45.94
N ARG C 272 -37.16 18.28 -45.74
CA ARG C 272 -37.62 18.64 -44.40
C ARG C 272 -37.50 17.47 -43.42
N TYR C 273 -37.69 16.25 -43.90
CA TYR C 273 -37.45 15.09 -43.05
C TYR C 273 -35.97 15.04 -42.69
N GLU C 274 -35.68 14.60 -41.46
CA GLU C 274 -34.28 14.48 -41.06
C GLU C 274 -33.56 13.49 -41.96
N LEU C 275 -32.36 13.86 -42.40
CA LEU C 275 -31.68 13.12 -43.44
C LEU C 275 -31.08 11.83 -42.91
N TYR C 276 -31.10 10.80 -43.75
CA TYR C 276 -30.45 9.52 -43.47
C TYR C 276 -29.33 9.36 -44.50
N GLN C 277 -28.14 9.87 -44.16
CA GLN C 277 -27.02 9.84 -45.08
C GLN C 277 -26.56 8.42 -45.34
N ILE C 278 -26.17 8.14 -46.58
CA ILE C 278 -25.60 6.85 -46.95
C ILE C 278 -24.13 6.90 -46.54
N ASN C 279 -23.86 6.48 -45.30
CA ASN C 279 -22.52 6.33 -44.78
C ASN C 279 -22.22 4.84 -44.62
N ILE C 280 -20.95 4.52 -44.43
CA ILE C 280 -20.54 3.13 -44.35
C ILE C 280 -19.79 2.92 -43.05
N PRO C 281 -20.49 2.81 -41.91
CA PRO C 281 -19.80 2.51 -40.65
C PRO C 281 -19.27 1.09 -40.65
N LEU C 282 -18.18 0.89 -39.90
CA LEU C 282 -17.54 -0.41 -39.82
C LEU C 282 -18.28 -1.26 -38.79
N PHE C 283 -18.94 -2.32 -39.27
CA PHE C 283 -19.69 -3.24 -38.42
C PHE C 283 -19.18 -4.66 -38.65
N LEU C 284 -18.69 -5.29 -37.59
CA LEU C 284 -18.19 -6.66 -37.66
C LEU C 284 -17.95 -7.18 -36.26
N GLY C 285 -18.16 -8.48 -36.08
CA GLY C 285 -17.85 -9.13 -34.82
C GLY C 285 -18.93 -8.94 -33.77
N LYS C 286 -18.72 -9.61 -32.64
CA LYS C 286 -19.64 -9.54 -31.50
C LYS C 286 -18.89 -9.01 -30.29
N GLN C 287 -19.52 -8.09 -29.58
CA GLN C 287 -18.95 -7.51 -28.37
C GLN C 287 -19.63 -8.14 -27.15
N ILE C 288 -18.89 -8.98 -26.44
CA ILE C 288 -19.37 -9.64 -25.24
C ILE C 288 -19.03 -8.74 -24.06
N ILE C 289 -20.07 -8.16 -23.46
CA ILE C 289 -19.91 -7.32 -22.28
C ILE C 289 -20.62 -7.99 -21.11
N SER C 290 -19.87 -8.75 -20.32
CA SER C 290 -20.45 -9.37 -19.13
C SER C 290 -20.91 -8.29 -18.16
N THR C 291 -22.09 -8.50 -17.58
CA THR C 291 -22.71 -7.55 -16.66
C THR C 291 -22.95 -6.19 -17.34
N LEU D 13 -54.07 18.39 -55.27
CA LEU D 13 -54.78 18.02 -54.05
C LEU D 13 -54.11 18.65 -52.83
N ARG D 14 -54.91 19.31 -52.00
CA ARG D 14 -54.39 19.88 -50.77
C ARG D 14 -54.09 18.81 -49.72
N ASN D 15 -54.66 17.62 -49.87
CA ASN D 15 -54.54 16.57 -48.86
C ASN D 15 -54.49 15.22 -49.56
N PHE D 16 -53.29 14.66 -49.72
CA PHE D 16 -53.11 13.35 -50.31
C PHE D 16 -53.28 12.21 -49.30
N CYS D 17 -53.39 12.52 -48.01
CA CYS D 17 -53.56 11.47 -47.02
C CYS D 17 -54.91 10.77 -47.20
N VAL D 18 -54.88 9.43 -47.20
CA VAL D 18 -56.12 8.69 -47.27
C VAL D 18 -56.96 8.92 -46.04
N PHE D 19 -56.33 8.98 -44.87
CA PHE D 19 -57.02 9.21 -43.60
C PHE D 19 -57.18 10.70 -43.30
N SER D 20 -57.05 11.55 -44.32
CA SER D 20 -57.34 12.97 -44.14
C SER D 20 -58.80 13.22 -43.80
N SER D 21 -59.71 12.49 -44.45
CA SER D 21 -61.13 12.58 -44.14
C SER D 21 -61.51 11.51 -43.12
N VAL D 22 -61.05 11.74 -41.89
CA VAL D 22 -61.40 10.91 -40.75
C VAL D 22 -61.95 11.85 -39.69
N LYS D 23 -63.28 11.91 -39.58
CA LYS D 23 -63.93 12.89 -38.74
C LYS D 23 -64.97 12.24 -37.84
N PRO D 24 -65.07 12.66 -36.58
CA PRO D 24 -66.20 12.25 -35.75
C PRO D 24 -67.47 12.99 -36.15
N LEU D 25 -68.52 12.78 -35.36
CA LEU D 25 -69.79 13.47 -35.63
C LEU D 25 -69.64 14.98 -35.50
N ASP D 26 -69.10 15.46 -34.38
CA ASP D 26 -68.74 16.86 -34.22
C ASP D 26 -67.22 16.93 -34.28
N PHE D 27 -66.70 17.28 -35.45
CA PHE D 27 -65.31 16.98 -35.77
C PHE D 27 -64.41 18.18 -35.48
N CYS D 28 -63.62 18.05 -34.42
CA CYS D 28 -62.34 18.73 -34.29
C CYS D 28 -61.31 17.61 -34.24
N ASP D 29 -60.80 17.26 -35.42
CA ASP D 29 -60.23 15.94 -35.66
C ASP D 29 -59.23 15.55 -34.58
N GLN D 30 -59.24 14.25 -34.24
CA GLN D 30 -58.54 13.73 -33.07
C GLN D 30 -57.11 14.24 -32.99
N TYR D 31 -56.28 13.85 -33.96
CA TYR D 31 -55.02 14.50 -34.30
C TYR D 31 -54.30 15.11 -33.10
N SER D 32 -53.98 14.30 -32.09
CA SER D 32 -53.21 14.78 -30.94
C SER D 32 -51.94 15.46 -31.45
N SER D 33 -51.31 14.85 -32.45
CA SER D 33 -50.31 15.51 -33.27
C SER D 33 -50.93 15.83 -34.62
N PRO D 34 -51.04 17.09 -34.99
CA PRO D 34 -51.73 17.43 -36.25
C PRO D 34 -51.01 16.85 -37.45
N CYS D 35 -51.80 16.54 -38.48
CA CYS D 35 -51.28 15.92 -39.69
C CYS D 35 -50.20 16.82 -40.31
N SER D 36 -49.08 16.20 -40.66
CA SER D 36 -47.96 16.95 -41.22
C SER D 36 -48.31 17.44 -42.63
N SER D 37 -47.55 18.45 -43.08
CA SER D 37 -47.73 18.99 -44.42
C SER D 37 -47.30 18.02 -45.51
N ASP D 38 -46.88 16.80 -45.15
CA ASP D 38 -46.53 15.80 -46.16
C ASP D 38 -47.75 15.36 -46.95
N ALA D 39 -48.94 15.38 -46.33
CA ALA D 39 -50.15 15.05 -47.08
C ALA D 39 -50.41 16.05 -48.19
N THR D 40 -49.92 17.28 -48.07
CA THR D 40 -50.14 18.28 -49.09
C THR D 40 -49.40 17.95 -50.38
N VAL D 41 -48.18 17.42 -50.27
CA VAL D 41 -47.33 17.13 -51.43
C VAL D 41 -47.57 15.69 -51.87
N ASP D 42 -47.19 15.40 -53.12
CA ASP D 42 -47.37 14.07 -53.72
C ASP D 42 -46.04 13.34 -53.70
N ASP D 43 -45.72 12.74 -52.55
CA ASP D 43 -44.58 11.84 -52.46
C ASP D 43 -44.94 10.39 -52.79
N GLY D 44 -46.22 10.07 -52.93
CA GLY D 44 -46.67 8.77 -53.36
C GLY D 44 -47.14 7.85 -52.24
N TRP D 45 -46.74 8.12 -50.99
CA TRP D 45 -47.24 7.31 -49.89
C TRP D 45 -48.74 7.47 -49.71
N PHE D 46 -49.25 8.68 -49.93
CA PHE D 46 -50.66 9.02 -49.78
C PHE D 46 -51.14 8.85 -48.34
N VAL D 47 -50.20 8.82 -47.40
CA VAL D 47 -50.51 8.81 -45.97
C VAL D 47 -49.60 9.82 -45.28
N CYS D 48 -50.14 10.56 -44.32
CA CYS D 48 -49.34 11.51 -43.59
C CYS D 48 -48.45 10.79 -42.57
N GLU D 49 -47.51 11.53 -42.00
CA GLU D 49 -46.58 10.95 -41.04
C GLU D 49 -47.31 10.42 -39.80
N TYR D 50 -48.30 11.17 -39.32
CA TYR D 50 -49.04 10.76 -38.14
C TYR D 50 -49.78 9.45 -38.38
N HIS D 51 -50.47 9.34 -39.52
CA HIS D 51 -51.22 8.12 -39.80
C HIS D 51 -50.30 6.95 -40.11
N ALA D 52 -49.16 7.21 -40.75
CA ALA D 52 -48.19 6.16 -41.00
C ALA D 52 -47.62 5.61 -39.69
N SER D 53 -47.30 6.51 -38.75
CA SER D 53 -46.75 6.07 -37.46
C SER D 53 -47.81 5.38 -36.61
N ARG D 54 -49.04 5.88 -36.64
CA ARG D 54 -50.08 5.34 -35.76
C ARG D 54 -50.55 3.97 -36.22
N PHE D 55 -50.78 3.80 -37.53
CA PHE D 55 -51.34 2.57 -38.07
C PHE D 55 -50.27 1.59 -38.52
N PHE D 56 -49.42 2.00 -39.46
CA PHE D 56 -48.39 1.13 -40.02
C PHE D 56 -47.13 1.08 -39.17
N LYS D 57 -47.06 1.85 -38.09
CA LYS D 57 -45.94 1.82 -37.15
C LYS D 57 -44.61 2.09 -37.85
N MET D 58 -44.62 3.06 -38.76
CA MET D 58 -43.40 3.46 -39.45
C MET D 58 -43.40 4.96 -39.67
N GLU D 59 -42.21 5.52 -39.77
CA GLU D 59 -42.01 6.94 -40.07
C GLU D 59 -41.39 7.08 -41.45
N LYS D 60 -41.19 8.32 -41.87
CA LYS D 60 -40.69 8.63 -43.21
C LYS D 60 -39.29 9.22 -43.12
N LEU D 61 -38.39 8.73 -43.97
CA LEU D 61 -37.01 9.17 -43.99
C LEU D 61 -36.60 9.56 -45.41
N ALA D 62 -35.76 10.60 -45.50
CA ALA D 62 -35.26 11.09 -46.78
C ALA D 62 -33.93 10.41 -47.08
N LEU D 63 -33.99 9.38 -47.92
CA LEU D 63 -32.79 8.65 -48.34
C LEU D 63 -32.03 9.51 -49.33
N ALA D 64 -30.83 9.94 -48.95
CA ALA D 64 -29.98 10.78 -49.79
C ALA D 64 -28.85 9.95 -50.37
N ILE D 65 -28.66 10.05 -51.68
CA ILE D 65 -27.63 9.27 -52.38
C ILE D 65 -26.58 10.21 -52.95
N PRO D 66 -25.44 10.39 -52.27
CA PRO D 66 -24.40 11.25 -52.81
C PRO D 66 -23.72 10.63 -54.01
N ASP D 67 -23.14 11.48 -54.85
CA ASP D 67 -22.42 11.04 -56.05
C ASP D 67 -21.05 11.70 -56.21
N GLY D 68 -20.61 12.49 -55.23
CA GLY D 68 -19.31 13.13 -55.29
C GLY D 68 -19.31 14.57 -55.74
N THR D 69 -20.48 15.19 -55.89
CA THR D 69 -20.58 16.57 -56.32
C THR D 69 -21.30 17.47 -55.32
N GLY D 70 -22.36 16.96 -54.68
CA GLY D 70 -23.10 17.75 -53.73
C GLY D 70 -24.60 17.55 -53.83
N ASN D 71 -25.08 17.27 -55.04
CA ASN D 71 -26.49 16.96 -55.23
C ASN D 71 -26.76 15.50 -54.87
N ASN D 72 -27.92 15.25 -54.26
CA ASN D 72 -28.29 13.93 -53.79
C ASN D 72 -29.59 13.49 -54.44
N TYR D 73 -29.61 12.27 -54.96
CA TYR D 73 -30.81 11.69 -55.54
C TYR D 73 -31.74 11.30 -54.39
N TYR D 74 -32.57 12.24 -53.98
CA TYR D 74 -33.44 12.03 -52.83
C TYR D 74 -34.49 10.96 -53.12
N ARG D 75 -34.88 10.26 -52.06
CA ARG D 75 -35.88 9.21 -52.14
C ARG D 75 -36.60 9.13 -50.80
N THR D 76 -37.75 8.48 -50.80
CA THR D 76 -38.51 8.27 -49.58
C THR D 76 -38.38 6.82 -49.13
N VAL D 77 -38.12 6.62 -47.83
CA VAL D 77 -37.95 5.28 -47.28
C VAL D 77 -38.70 5.20 -45.95
N GLY D 78 -39.05 3.98 -45.57
CA GLY D 78 -39.74 3.74 -44.31
C GLY D 78 -38.76 3.48 -43.19
N LYS D 79 -39.07 4.04 -42.02
CA LYS D 79 -38.27 3.89 -40.82
C LYS D 79 -39.06 3.09 -39.80
N SER D 80 -38.49 1.97 -39.36
CA SER D 80 -39.20 1.07 -38.46
C SER D 80 -39.35 1.69 -37.08
N LEU D 81 -40.51 1.46 -36.47
CA LEU D 81 -40.79 1.95 -35.13
C LEU D 81 -40.98 0.83 -34.10
N VAL D 82 -40.95 -0.42 -34.54
CA VAL D 82 -41.11 -1.56 -33.62
C VAL D 82 -39.77 -1.84 -32.96
N ASP D 83 -39.83 -2.42 -31.76
CA ASP D 83 -38.64 -2.75 -30.99
C ASP D 83 -38.22 -4.19 -31.23
N ASP D 84 -36.95 -4.47 -30.96
CA ASP D 84 -36.43 -5.83 -31.12
C ASP D 84 -37.09 -6.80 -30.14
N LYS D 85 -37.54 -6.31 -28.99
CA LYS D 85 -38.17 -7.16 -27.99
C LYS D 85 -39.55 -7.66 -28.40
N ALA D 86 -40.17 -7.05 -29.41
CA ALA D 86 -41.53 -7.38 -29.79
C ALA D 86 -41.63 -8.76 -30.45
N GLU D 87 -42.82 -9.35 -30.36
CA GLU D 87 -43.17 -10.62 -31.00
C GLU D 87 -44.66 -10.62 -31.30
N GLY D 88 -45.04 -11.35 -32.36
CA GLY D 88 -46.45 -11.56 -32.66
C GLY D 88 -47.01 -10.64 -33.72
N ILE D 89 -48.28 -10.23 -33.53
CA ILE D 89 -48.93 -9.31 -34.45
C ILE D 89 -48.37 -7.90 -34.31
N GLU D 90 -47.50 -7.66 -33.34
CA GLU D 90 -46.91 -6.34 -33.16
C GLU D 90 -45.74 -6.07 -34.12
N ARG D 91 -45.04 -7.12 -34.55
CA ARG D 91 -43.86 -6.96 -35.39
C ARG D 91 -44.18 -6.72 -36.85
N ILE D 92 -45.45 -6.86 -37.27
CA ILE D 92 -45.84 -6.66 -38.66
C ILE D 92 -46.03 -5.17 -38.89
N LEU D 93 -45.34 -4.63 -39.90
CA LEU D 93 -45.48 -3.22 -40.21
C LEU D 93 -46.73 -2.95 -41.03
N ILE D 94 -47.03 -3.78 -42.03
CA ILE D 94 -48.19 -3.62 -42.88
C ILE D 94 -48.88 -4.97 -43.03
N PRO D 95 -50.15 -5.10 -42.64
CA PRO D 95 -50.83 -6.39 -42.75
C PRO D 95 -51.47 -6.60 -44.12
N SER D 96 -51.80 -7.87 -44.39
CA SER D 96 -52.51 -8.26 -45.59
C SER D 96 -53.97 -8.54 -45.25
N GLN D 97 -54.72 -9.06 -46.23
CA GLN D 97 -56.13 -9.35 -46.01
C GLN D 97 -56.36 -10.44 -44.97
N ASN D 98 -55.33 -11.22 -44.64
CA ASN D 98 -55.52 -12.37 -43.76
C ASN D 98 -55.89 -11.93 -42.34
N ASN D 99 -55.13 -11.01 -41.76
CA ASN D 99 -55.32 -10.66 -40.35
C ASN D 99 -55.18 -9.17 -40.09
N TYR D 100 -55.57 -8.33 -41.05
CA TYR D 100 -55.43 -6.89 -40.85
C TYR D 100 -56.39 -6.37 -39.79
N GLU D 101 -57.52 -7.05 -39.59
CA GLU D 101 -58.46 -6.63 -38.55
C GLU D 101 -57.82 -6.68 -37.17
N THR D 102 -57.10 -7.78 -36.88
CA THR D 102 -56.43 -7.91 -35.60
C THR D 102 -55.19 -7.04 -35.52
N VAL D 103 -54.46 -6.90 -36.62
CA VAL D 103 -53.24 -6.11 -36.62
C VAL D 103 -53.54 -4.64 -36.36
N LEU D 104 -54.49 -4.08 -37.09
CA LEU D 104 -54.84 -2.67 -36.92
C LEU D 104 -55.80 -2.43 -35.77
N ASN D 105 -56.34 -3.50 -35.17
CA ASN D 105 -57.29 -3.41 -34.07
C ASN D 105 -58.48 -2.52 -34.45
N LEU D 106 -59.16 -2.93 -35.52
CA LEU D 106 -60.28 -2.17 -36.06
C LEU D 106 -61.52 -2.27 -35.21
N SER D 107 -61.52 -3.11 -34.16
CA SER D 107 -62.73 -3.31 -33.38
C SER D 107 -63.17 -2.03 -32.67
N LEU D 108 -62.23 -1.28 -32.10
CA LEU D 108 -62.55 -0.09 -31.33
C LEU D 108 -62.18 1.21 -32.04
N LEU D 109 -61.78 1.14 -33.31
CA LEU D 109 -61.41 2.33 -34.04
C LEU D 109 -62.67 3.12 -34.44
N GLY D 110 -62.46 4.40 -34.72
CA GLY D 110 -63.54 5.27 -35.14
C GLY D 110 -64.14 4.84 -36.46
N PRO D 111 -65.45 5.06 -36.63
CA PRO D 111 -66.13 4.51 -37.82
C PRO D 111 -65.55 4.99 -39.13
N ALA D 112 -65.05 6.23 -39.21
CA ALA D 112 -64.41 6.69 -40.43
C ALA D 112 -63.14 5.87 -40.72
N GLU D 113 -62.34 5.61 -39.69
CA GLU D 113 -61.14 4.80 -39.85
C GLU D 113 -61.49 3.38 -40.28
N ARG D 114 -62.52 2.80 -39.66
CA ARG D 114 -62.98 1.47 -40.03
C ARG D 114 -63.39 1.43 -41.50
N LEU D 115 -64.21 2.40 -41.91
CA LEU D 115 -64.64 2.46 -43.31
C LEU D 115 -63.44 2.57 -44.25
N VAL D 116 -62.52 3.49 -43.96
CA VAL D 116 -61.39 3.72 -44.85
C VAL D 116 -60.56 2.45 -44.98
N PHE D 117 -60.23 1.82 -43.85
CA PHE D 117 -59.41 0.61 -43.90
C PHE D 117 -60.13 -0.52 -44.61
N TYR D 118 -61.42 -0.70 -44.34
CA TYR D 118 -62.15 -1.81 -44.94
C TYR D 118 -62.27 -1.66 -46.45
N MET D 119 -62.54 -0.45 -46.95
CA MET D 119 -62.64 -0.32 -48.39
C MET D 119 -61.28 -0.17 -49.06
N ILE D 120 -60.22 0.09 -48.29
CA ILE D 120 -58.88 -0.09 -48.81
C ILE D 120 -58.60 -1.57 -49.02
N TYR D 121 -58.98 -2.41 -48.06
CA TYR D 121 -58.82 -3.86 -48.21
C TYR D 121 -59.96 -4.50 -49.00
N ASP D 122 -61.02 -3.75 -49.31
CA ASP D 122 -62.07 -4.16 -50.24
C ASP D 122 -62.74 -5.46 -49.81
N ASN D 123 -63.43 -5.37 -48.67
CA ASN D 123 -64.32 -6.44 -48.19
C ASN D 123 -65.75 -5.91 -48.03
N LYS D 124 -66.59 -6.22 -49.01
CA LYS D 124 -67.84 -5.48 -49.22
C LYS D 124 -68.72 -5.47 -47.98
N GLU D 125 -68.91 -6.64 -47.35
CA GLU D 125 -69.89 -6.75 -46.28
C GLU D 125 -69.57 -5.85 -45.10
N LYS D 126 -68.28 -5.61 -44.84
CA LYS D 126 -67.91 -4.80 -43.68
C LYS D 126 -68.35 -3.36 -43.83
N GLN D 127 -68.03 -2.70 -44.95
CA GLN D 127 -68.53 -1.35 -45.12
C GLN D 127 -70.03 -1.33 -45.37
N ASN D 128 -70.61 -2.43 -45.86
CA ASN D 128 -72.07 -2.51 -45.94
C ASN D 128 -72.70 -2.40 -44.57
N GLU D 129 -72.21 -3.18 -43.60
CA GLU D 129 -72.78 -3.10 -42.25
C GLU D 129 -72.39 -1.80 -41.56
N ILE D 130 -71.25 -1.21 -41.93
CA ILE D 130 -70.93 0.13 -41.46
C ILE D 130 -71.97 1.13 -41.92
N CYS D 131 -72.38 1.04 -43.19
CA CYS D 131 -73.43 1.92 -43.69
C CYS D 131 -74.75 1.67 -42.97
N GLN D 132 -75.08 0.39 -42.73
CA GLN D 132 -76.32 0.07 -42.01
C GLN D 132 -76.32 0.67 -40.61
N GLN D 133 -75.20 0.57 -39.90
CA GLN D 133 -75.13 1.15 -38.55
C GLN D 133 -74.96 2.66 -38.59
N LEU D 134 -74.51 3.22 -39.70
CA LEU D 134 -74.33 4.66 -39.88
C LEU D 134 -75.61 5.35 -40.36
N ARG D 135 -76.61 4.56 -40.76
CA ARG D 135 -77.89 5.13 -41.17
C ARG D 135 -78.49 6.03 -40.09
N MET D 136 -78.31 5.66 -38.82
CA MET D 136 -78.84 6.49 -37.73
C MET D 136 -78.15 7.85 -37.69
N TYR D 137 -76.84 7.88 -37.87
CA TYR D 137 -76.12 9.15 -37.97
C TYR D 137 -76.49 9.91 -39.23
N GLU D 138 -76.91 9.19 -40.27
CA GLU D 138 -77.14 9.80 -41.58
C GLU D 138 -78.19 10.91 -41.52
N ARG D 139 -79.17 10.79 -40.62
CA ARG D 139 -80.24 11.79 -40.55
C ARG D 139 -79.74 13.14 -40.05
N PHE D 140 -78.61 13.18 -39.34
CA PHE D 140 -78.04 14.44 -38.90
C PHE D 140 -77.06 15.04 -39.90
N ARG D 141 -76.22 14.22 -40.53
CA ARG D 141 -75.17 14.69 -41.42
C ARG D 141 -75.24 13.90 -42.72
N PRO D 142 -76.20 14.20 -43.58
CA PRO D 142 -76.41 13.40 -44.80
C PRO D 142 -75.50 13.76 -45.96
N GLU D 143 -74.47 14.59 -45.77
CA GLU D 143 -73.62 15.04 -46.86
C GLU D 143 -72.15 14.65 -46.71
N VAL D 144 -71.66 14.44 -45.48
CA VAL D 144 -70.24 14.15 -45.30
C VAL D 144 -69.89 12.75 -45.80
N VAL D 145 -70.83 11.80 -45.71
CA VAL D 145 -70.53 10.41 -46.04
C VAL D 145 -70.19 10.26 -47.52
N GLU D 146 -71.02 10.86 -48.38
CA GLU D 146 -70.81 10.72 -49.82
C GLU D 146 -69.50 11.36 -50.26
N GLU D 147 -69.20 12.57 -49.76
CA GLU D 147 -67.97 13.23 -50.17
C GLU D 147 -66.75 12.50 -49.62
N LEU D 148 -66.84 11.97 -48.39
CA LEU D 148 -65.75 11.18 -47.83
C LEU D 148 -65.49 9.94 -48.68
N TYR D 149 -66.56 9.22 -49.03
CA TYR D 149 -66.41 8.03 -49.87
C TYR D 149 -65.84 8.39 -51.24
N ASN D 150 -66.30 9.48 -51.83
CA ASN D 150 -65.80 9.89 -53.14
C ASN D 150 -64.32 10.22 -53.08
N SER D 151 -63.90 10.99 -52.07
CA SER D 151 -62.49 11.37 -51.97
C SER D 151 -61.61 10.15 -51.74
N THR D 152 -62.02 9.26 -50.83
CA THR D 152 -61.19 8.08 -50.57
C THR D 152 -61.15 7.16 -51.78
N LEU D 153 -62.29 6.99 -52.47
CA LEU D 153 -62.33 6.14 -53.65
C LEU D 153 -61.47 6.71 -54.78
N ARG D 154 -61.48 8.04 -54.95
CA ARG D 154 -60.64 8.62 -56.00
C ARG D 154 -59.16 8.53 -55.63
N VAL D 155 -58.83 8.60 -54.33
CA VAL D 155 -57.44 8.37 -53.93
C VAL D 155 -57.02 6.94 -54.25
N LEU D 156 -57.87 5.97 -53.93
CA LEU D 156 -57.58 4.57 -54.26
C LEU D 156 -57.45 4.37 -55.76
N ALA D 157 -58.31 5.02 -56.55
CA ALA D 157 -58.21 4.92 -58.01
C ALA D 157 -56.91 5.53 -58.52
N LEU D 158 -56.49 6.66 -57.94
CA LEU D 158 -55.23 7.28 -58.33
C LEU D 158 -54.05 6.38 -58.01
N THR D 159 -54.07 5.72 -56.85
CA THR D 159 -53.01 4.80 -56.49
C THR D 159 -53.21 3.41 -57.10
N ASN D 160 -54.32 3.19 -57.80
CA ASN D 160 -54.58 1.89 -58.43
C ASN D 160 -53.74 1.77 -59.69
N PRO D 161 -52.93 0.72 -59.83
CA PRO D 161 -52.17 0.54 -61.07
C PRO D 161 -53.04 0.43 -62.31
N ASP D 162 -54.23 -0.14 -62.20
CA ASP D 162 -55.18 -0.23 -63.31
C ASP D 162 -56.39 0.67 -63.07
N ALA D 163 -56.66 1.54 -64.02
CA ALA D 163 -57.76 2.50 -63.96
C ALA D 163 -58.00 3.02 -65.37
N TYR D 164 -58.80 4.08 -65.48
CA TYR D 164 -58.91 4.76 -66.77
C TYR D 164 -57.56 5.29 -67.24
N CYS D 165 -56.97 6.22 -66.48
CA CYS D 165 -55.67 6.75 -66.86
C CYS D 165 -54.60 5.68 -66.76
N ALA D 166 -54.55 4.96 -65.64
CA ALA D 166 -53.61 3.87 -65.41
C ALA D 166 -52.17 4.29 -65.73
N GLN D 167 -51.75 5.39 -65.10
CA GLN D 167 -50.41 5.89 -65.31
C GLN D 167 -49.38 4.86 -64.87
N THR D 168 -48.67 4.28 -65.86
CA THR D 168 -47.75 3.19 -65.61
C THR D 168 -46.35 3.59 -66.06
N ASN D 169 -45.36 3.31 -65.21
CA ASN D 169 -43.96 3.54 -65.51
C ASN D 169 -43.25 2.19 -65.45
N THR D 170 -43.20 1.50 -66.59
CA THR D 170 -42.60 0.17 -66.64
C THR D 170 -41.09 0.23 -66.46
N ASN D 171 -40.48 1.40 -66.67
CA ASN D 171 -39.04 1.53 -66.55
C ASN D 171 -38.54 1.19 -65.14
N GLU D 172 -39.24 1.67 -64.11
CA GLU D 172 -38.93 1.25 -62.74
C GLU D 172 -39.45 -0.17 -62.49
N SER D 173 -38.60 -1.03 -61.97
CA SER D 173 -38.98 -2.39 -61.59
C SER D 173 -38.55 -2.65 -60.16
N ARG D 174 -39.41 -3.31 -59.39
CA ARG D 174 -39.13 -3.61 -58.00
C ARG D 174 -39.14 -5.13 -57.79
N SER D 175 -38.08 -5.65 -57.19
CA SER D 175 -37.98 -7.06 -56.83
C SER D 175 -37.96 -7.17 -55.31
N PHE D 176 -38.77 -8.08 -54.77
CA PHE D 176 -38.90 -8.26 -53.33
C PHE D 176 -38.41 -9.63 -52.90
N GLY D 177 -37.29 -10.06 -53.48
CA GLY D 177 -36.71 -11.35 -53.14
C GLY D 177 -36.49 -12.23 -54.35
N LEU D 178 -35.58 -13.19 -54.22
CA LEU D 178 -35.29 -14.13 -55.30
C LEU D 178 -36.14 -15.40 -55.22
N SER D 179 -37.06 -15.48 -54.27
CA SER D 179 -37.90 -16.66 -54.08
C SER D 179 -39.28 -16.42 -54.68
N VAL D 180 -39.91 -17.52 -55.10
CA VAL D 180 -41.22 -17.44 -55.75
C VAL D 180 -42.29 -17.03 -54.75
N GLU D 181 -42.21 -17.54 -53.52
CA GLU D 181 -43.26 -17.27 -52.54
C GLU D 181 -43.34 -15.78 -52.21
N ASP D 182 -42.20 -15.10 -52.13
CA ASP D 182 -42.20 -13.70 -51.71
C ASP D 182 -42.97 -12.82 -52.69
N ASP D 183 -42.62 -12.88 -53.98
CA ASP D 183 -43.31 -12.02 -54.94
C ASP D 183 -44.70 -12.54 -55.26
N LEU D 184 -44.92 -13.86 -55.22
CA LEU D 184 -46.27 -14.37 -55.41
C LEU D 184 -47.22 -13.90 -54.30
N ALA D 185 -46.71 -13.83 -53.06
CA ALA D 185 -47.52 -13.27 -51.98
C ALA D 185 -47.68 -11.77 -52.14
N PHE D 186 -46.61 -11.07 -52.54
CA PHE D 186 -46.70 -9.62 -52.71
C PHE D 186 -47.69 -9.25 -53.81
N ASN D 187 -47.92 -10.14 -54.77
CA ASN D 187 -48.85 -9.85 -55.86
C ASN D 187 -50.27 -9.65 -55.35
N VAL D 188 -50.68 -10.44 -54.34
CA VAL D 188 -52.08 -10.42 -53.90
C VAL D 188 -52.37 -9.34 -52.87
N LEU D 189 -51.40 -8.49 -52.53
CA LEU D 189 -51.67 -7.37 -51.65
C LEU D 189 -52.56 -6.34 -52.36
N PRO D 190 -53.30 -5.54 -51.60
CA PRO D 190 -54.15 -4.51 -52.21
C PRO D 190 -53.31 -3.48 -52.95
N THR D 191 -53.96 -2.81 -53.91
CA THR D 191 -53.26 -1.89 -54.80
C THR D 191 -52.61 -0.75 -54.03
N PHE D 192 -53.35 -0.14 -53.10
CA PHE D 192 -52.77 0.91 -52.26
C PHE D 192 -51.67 0.35 -51.37
N ILE D 193 -51.89 -0.85 -50.81
CA ILE D 193 -50.86 -1.49 -49.99
C ILE D 193 -49.62 -1.77 -50.83
N GLN D 194 -49.81 -2.25 -52.06
CA GLN D 194 -48.66 -2.49 -52.94
C GLN D 194 -47.92 -1.20 -53.24
N ASN D 195 -48.64 -0.12 -53.54
CA ASN D 195 -47.99 1.15 -53.83
C ASN D 195 -47.21 1.66 -52.62
N LEU D 196 -47.79 1.54 -51.42
CA LEU D 196 -47.10 1.97 -50.22
C LEU D 196 -45.86 1.12 -49.95
N ILE D 197 -45.96 -0.19 -50.15
CA ILE D 197 -44.84 -1.09 -49.88
C ILE D 197 -43.70 -0.85 -50.86
N ARG D 198 -44.02 -0.68 -52.15
CA ARG D 198 -42.98 -0.49 -53.15
C ARG D 198 -42.19 0.79 -52.90
N LYS D 199 -42.80 1.79 -52.27
CA LYS D 199 -42.19 3.10 -52.10
C LYS D 199 -41.90 3.42 -50.64
N CYS D 200 -41.75 2.40 -49.79
CA CYS D 200 -41.32 2.60 -48.42
C CYS D 200 -40.04 1.83 -48.08
N VAL D 201 -39.74 0.75 -48.79
CA VAL D 201 -38.56 -0.06 -48.55
C VAL D 201 -37.49 0.34 -49.56
N ALA D 202 -36.29 0.63 -49.07
CA ALA D 202 -35.21 0.97 -49.97
C ALA D 202 -34.65 -0.29 -50.62
N PRO D 203 -34.21 -0.18 -51.87
CA PRO D 203 -33.63 -1.36 -52.54
C PRO D 203 -32.32 -1.80 -51.91
N GLU D 204 -32.10 -3.11 -51.93
CA GLU D 204 -30.81 -3.65 -51.47
C GLU D 204 -29.69 -3.19 -52.40
N SER D 205 -29.93 -3.24 -53.71
CA SER D 205 -28.95 -2.82 -54.71
C SER D 205 -29.70 -2.03 -55.79
N LEU D 206 -29.56 -0.71 -55.76
CA LEU D 206 -30.23 0.14 -56.73
C LEU D 206 -29.53 0.01 -58.08
N THR D 207 -30.16 -0.70 -59.01
CA THR D 207 -29.61 -0.86 -60.36
C THR D 207 -30.11 0.30 -61.21
N ILE D 208 -29.23 1.25 -61.49
CA ILE D 208 -29.58 2.46 -62.22
C ILE D 208 -28.72 2.55 -63.46
N GLY D 209 -29.35 2.82 -64.60
CA GLY D 209 -28.61 2.93 -65.85
C GLY D 209 -27.93 1.62 -66.17
N THR D 210 -26.62 1.67 -66.33
CA THR D 210 -25.81 0.48 -66.58
C THR D 210 -24.95 0.10 -65.38
N GLU D 211 -25.24 0.63 -64.20
CA GLU D 211 -24.45 0.35 -63.01
C GLU D 211 -25.37 -0.02 -61.85
N ASP D 212 -24.76 -0.52 -60.78
CA ASP D 212 -25.47 -0.91 -59.58
C ASP D 212 -24.82 -0.25 -58.37
N LEU D 213 -25.64 0.39 -57.53
CA LEU D 213 -25.19 1.02 -56.29
C LEU D 213 -25.68 0.15 -55.14
N GLN D 214 -24.74 -0.46 -54.41
CA GLN D 214 -25.07 -1.33 -53.29
C GLN D 214 -25.39 -0.45 -52.08
N LEU D 215 -26.69 -0.15 -51.91
CA LEU D 215 -27.10 0.65 -50.76
C LEU D 215 -26.93 -0.12 -49.46
N ARG D 216 -27.30 -1.40 -49.45
CA ARG D 216 -27.18 -2.22 -48.26
C ARG D 216 -27.12 -3.68 -48.66
N ASN D 217 -26.27 -4.46 -47.97
CA ASN D 217 -26.11 -5.87 -48.23
C ASN D 217 -27.00 -6.75 -47.35
N CYS D 218 -27.80 -6.14 -46.49
CA CYS D 218 -28.64 -6.90 -45.56
C CYS D 218 -30.05 -6.33 -45.56
N ASN D 219 -31.02 -7.22 -45.46
CA ASN D 219 -32.43 -6.84 -45.46
C ASN D 219 -32.89 -6.53 -44.04
N THR D 220 -33.66 -5.46 -43.89
CA THR D 220 -34.17 -5.03 -42.60
C THR D 220 -35.65 -5.34 -42.41
N CYS D 221 -36.26 -6.05 -43.35
CA CYS D 221 -37.67 -6.40 -43.27
C CYS D 221 -37.89 -7.68 -44.08
N ARG D 222 -39.16 -8.03 -44.29
CA ARG D 222 -39.51 -9.22 -45.05
C ARG D 222 -40.93 -9.07 -45.59
N ILE D 223 -41.14 -9.56 -46.80
CA ILE D 223 -42.47 -9.58 -47.42
C ILE D 223 -42.95 -11.02 -47.45
N THR D 224 -44.06 -11.30 -46.78
CA THR D 224 -44.63 -12.63 -46.72
C THR D 224 -46.13 -12.60 -47.01
N SER D 225 -46.79 -13.75 -46.85
CA SER D 225 -48.21 -13.85 -47.20
C SER D 225 -49.07 -12.92 -46.37
N GLU D 226 -48.66 -12.59 -45.14
CA GLU D 226 -49.42 -11.68 -44.29
C GLU D 226 -48.99 -10.23 -44.45
N GLY D 227 -47.99 -9.94 -45.28
CA GLY D 227 -47.63 -8.56 -45.55
C GLY D 227 -46.18 -8.21 -45.27
N LEU D 228 -45.94 -6.97 -44.87
CA LEU D 228 -44.59 -6.47 -44.63
C LEU D 228 -44.30 -6.51 -43.14
N LEU D 229 -43.22 -7.20 -42.76
CA LEU D 229 -42.87 -7.44 -41.36
C LEU D 229 -41.44 -6.98 -41.11
N ALA D 230 -41.18 -6.64 -39.85
CA ALA D 230 -39.81 -6.41 -39.38
C ALA D 230 -39.29 -7.72 -38.82
N SER D 231 -38.96 -8.63 -39.74
CA SER D 231 -38.57 -9.99 -39.35
C SER D 231 -37.30 -9.99 -38.53
N VAL D 232 -36.31 -9.19 -38.93
CA VAL D 232 -35.02 -9.17 -38.23
C VAL D 232 -35.19 -8.42 -36.91
N ARG D 233 -34.56 -8.94 -35.86
CA ARG D 233 -34.57 -8.31 -34.54
C ARG D 233 -33.53 -7.20 -34.43
N LEU D 234 -33.51 -6.29 -35.40
CA LEU D 234 -32.63 -5.14 -35.32
C LEU D 234 -33.04 -4.25 -34.16
N TYR D 235 -32.05 -3.75 -33.42
CA TYR D 235 -32.33 -2.99 -32.21
C TYR D 235 -32.81 -1.59 -32.57
N ASN D 236 -34.02 -1.26 -32.14
CA ASN D 236 -34.63 0.04 -32.39
C ASN D 236 -35.09 0.64 -31.06
N SER D 237 -34.80 1.93 -30.86
CA SER D 237 -35.19 2.60 -29.63
C SER D 237 -35.58 4.06 -29.85
N VAL D 238 -36.13 4.38 -31.02
CA VAL D 238 -36.56 5.74 -31.31
C VAL D 238 -38.00 5.91 -30.85
N GLN D 239 -38.31 7.07 -30.27
CA GLN D 239 -39.68 7.30 -29.84
C GLN D 239 -40.46 8.07 -30.90
N PRO D 240 -41.72 7.70 -31.14
CA PRO D 240 -42.52 8.44 -32.13
C PRO D 240 -42.89 9.81 -31.61
N LYS D 241 -42.63 10.83 -32.43
CA LYS D 241 -42.96 12.21 -32.09
C LYS D 241 -44.41 12.57 -32.39
N TYR D 242 -45.14 11.68 -33.06
CA TYR D 242 -46.56 11.88 -33.35
C TYR D 242 -47.40 10.81 -32.69
N LEU D 243 -47.15 10.56 -31.40
CA LEU D 243 -47.84 9.50 -30.67
C LEU D 243 -49.34 9.76 -30.61
N TYR D 244 -50.09 8.70 -30.27
CA TYR D 244 -51.55 8.82 -30.23
C TYR D 244 -52.00 9.80 -29.16
N GLY D 245 -51.35 9.77 -28.00
CA GLY D 245 -51.56 10.78 -26.98
C GLY D 245 -52.94 10.82 -26.35
N VAL D 246 -53.73 9.78 -26.54
CA VAL D 246 -55.08 9.74 -25.96
C VAL D 246 -55.00 9.28 -24.52
N ASN D 247 -55.84 9.87 -23.67
CA ASN D 247 -55.96 9.47 -22.27
C ASN D 247 -56.17 7.98 -22.16
N GLU D 248 -55.22 7.27 -21.55
CA GLU D 248 -55.18 5.82 -21.55
C GLU D 248 -55.67 5.30 -20.20
N ASN D 249 -56.99 5.13 -20.08
CA ASN D 249 -57.54 4.38 -18.95
C ASN D 249 -57.34 2.89 -19.13
N ARG D 250 -56.98 2.47 -20.35
CA ARG D 250 -56.65 1.09 -20.64
C ARG D 250 -55.13 0.99 -20.72
N LEU D 251 -54.52 0.26 -19.80
CA LEU D 251 -53.09 0.33 -19.55
C LEU D 251 -52.34 -0.72 -20.34
N GLN D 252 -51.33 -0.28 -21.07
CA GLN D 252 -50.42 -1.17 -21.81
C GLN D 252 -49.06 -1.13 -21.13
N ILE D 253 -48.74 -2.18 -20.38
CA ILE D 253 -47.46 -2.28 -19.68
C ILE D 253 -46.46 -2.97 -20.60
N ARG D 254 -45.24 -2.46 -20.62
CA ARG D 254 -44.20 -2.94 -21.52
C ARG D 254 -42.89 -3.10 -20.75
N ASN D 255 -42.03 -3.98 -21.27
CA ASN D 255 -40.75 -4.30 -20.64
C ASN D 255 -39.70 -3.35 -21.20
N VAL D 256 -39.41 -2.28 -20.48
CA VAL D 256 -38.46 -1.26 -20.91
C VAL D 256 -37.05 -1.68 -20.50
N LEU D 257 -36.08 -1.41 -21.37
CA LEU D 257 -34.68 -1.69 -21.11
C LEU D 257 -33.97 -0.37 -20.82
N GLN D 258 -33.37 -0.26 -19.64
CA GLN D 258 -32.73 0.96 -19.19
C GLN D 258 -31.38 0.63 -18.56
N PHE D 259 -30.38 1.45 -18.85
CA PHE D 259 -29.07 1.36 -18.22
C PHE D 259 -28.74 2.66 -17.49
N GLN D 260 -27.98 2.52 -16.41
CA GLN D 260 -27.50 3.66 -15.64
C GLN D 260 -26.16 4.12 -16.20
N GLY D 261 -25.69 5.25 -15.70
CA GLY D 261 -24.41 5.76 -16.12
C GLY D 261 -24.09 7.07 -15.43
N ASN D 262 -22.80 7.37 -15.37
CA ASN D 262 -22.30 8.61 -14.82
C ASN D 262 -21.89 9.54 -15.96
N ALA D 263 -21.25 10.66 -15.62
CA ALA D 263 -20.77 11.57 -16.65
C ALA D 263 -19.66 10.95 -17.48
N ASN D 264 -18.89 10.04 -16.89
CA ASN D 264 -17.80 9.40 -17.63
C ASN D 264 -18.34 8.39 -18.65
N ALA D 265 -19.30 7.56 -18.24
CA ALA D 265 -19.89 6.60 -19.17
C ALA D 265 -20.70 7.31 -20.25
N LEU D 266 -21.38 8.40 -19.90
CA LEU D 266 -22.07 9.23 -20.89
C LEU D 266 -21.05 10.21 -21.48
N GLN D 267 -20.29 9.71 -22.44
CA GLN D 267 -19.18 10.49 -22.98
C GLN D 267 -19.69 11.66 -23.81
N GLN D 268 -19.82 12.83 -23.19
CA GLN D 268 -20.22 14.03 -23.91
C GLN D 268 -19.15 14.49 -24.88
N LYS D 269 -17.88 14.20 -24.59
CA LYS D 269 -16.79 14.62 -25.48
C LYS D 269 -16.85 13.92 -26.83
N LEU D 270 -17.56 12.80 -26.92
CA LEU D 270 -17.72 12.11 -28.20
C LEU D 270 -18.80 12.77 -29.06
N SER D 271 -19.54 13.73 -28.52
CA SER D 271 -20.68 14.30 -29.23
C SER D 271 -20.28 15.25 -30.36
N ARG D 272 -19.03 15.72 -30.39
CA ARG D 272 -18.65 16.69 -31.41
C ARG D 272 -18.67 16.08 -32.81
N TYR D 273 -18.32 14.80 -32.92
CA TYR D 273 -18.46 14.12 -34.21
C TYR D 273 -19.93 14.06 -34.59
N GLU D 274 -20.21 14.18 -35.89
CA GLU D 274 -21.59 14.10 -36.34
C GLU D 274 -22.17 12.74 -35.99
N LEU D 275 -23.39 12.74 -35.46
CA LEU D 275 -23.97 11.54 -34.87
C LEU D 275 -24.43 10.57 -35.95
N TYR D 276 -24.28 9.28 -35.65
CA TYR D 276 -24.78 8.19 -36.48
C TYR D 276 -25.85 7.47 -35.66
N GLN D 277 -27.08 7.94 -35.76
CA GLN D 277 -28.18 7.38 -34.98
C GLN D 277 -28.47 5.95 -35.40
N ILE D 278 -28.80 5.11 -34.41
CA ILE D 278 -29.20 3.73 -34.68
C ILE D 278 -30.68 3.79 -35.06
N ASN D 279 -30.93 3.94 -36.35
CA ASN D 279 -32.26 3.89 -36.92
C ASN D 279 -32.39 2.60 -37.73
N ILE D 280 -33.63 2.26 -38.08
CA ILE D 280 -33.88 1.00 -38.79
C ILE D 280 -34.64 1.32 -40.07
N PRO D 281 -33.95 1.80 -41.11
CA PRO D 281 -34.63 2.01 -42.39
C PRO D 281 -35.01 0.69 -43.03
N LEU D 282 -36.09 0.73 -43.82
CA LEU D 282 -36.58 -0.47 -44.50
C LEU D 282 -35.77 -0.70 -45.78
N PHE D 283 -34.99 -1.77 -45.80
CA PHE D 283 -34.16 -2.13 -46.95
C PHE D 283 -34.51 -3.55 -47.38
N LEU D 284 -34.95 -3.69 -48.63
CA LEU D 284 -35.29 -4.99 -49.18
C LEU D 284 -35.50 -4.86 -50.68
N GLY D 285 -35.16 -5.91 -51.41
CA GLY D 285 -35.43 -5.97 -52.84
C GLY D 285 -34.40 -5.22 -53.66
N LYS D 286 -34.56 -5.34 -54.97
CA LYS D 286 -33.69 -4.68 -55.94
C LYS D 286 -34.53 -3.75 -56.81
N GLN D 287 -34.03 -2.54 -57.03
CA GLN D 287 -34.67 -1.55 -57.87
C GLN D 287 -33.97 -1.50 -59.22
N ILE D 288 -34.64 -2.01 -60.25
CA ILE D 288 -34.11 -2.02 -61.61
C ILE D 288 -34.57 -0.72 -62.26
N ILE D 289 -33.63 0.18 -62.52
CA ILE D 289 -33.90 1.43 -63.22
C ILE D 289 -33.16 1.43 -64.54
N SER D 290 -33.83 1.01 -65.61
CA SER D 290 -33.23 1.06 -66.92
C SER D 290 -32.91 2.51 -67.30
N THR D 291 -31.73 2.70 -67.89
CA THR D 291 -31.24 4.03 -68.26
C THR D 291 -31.15 4.96 -67.06
N LEU E 13 49.97 6.46 61.43
CA LEU E 13 50.65 6.92 60.23
C LEU E 13 49.74 7.80 59.39
N ARG E 14 50.24 8.98 59.02
CA ARG E 14 49.48 9.86 58.14
C ARG E 14 49.45 9.35 56.71
N ASN E 15 50.35 8.45 56.33
CA ASN E 15 50.48 8.01 54.95
C ASN E 15 50.89 6.54 54.97
N PHE E 16 49.92 5.64 54.75
CA PHE E 16 50.21 4.21 54.66
C PHE E 16 50.64 3.78 53.26
N CYS E 17 50.55 4.65 52.27
CA CYS E 17 50.96 4.28 50.91
C CYS E 17 52.45 4.02 50.87
N VAL E 18 52.83 2.90 50.25
CA VAL E 18 54.25 2.61 50.07
C VAL E 18 54.89 3.63 49.14
N PHE E 19 54.17 4.01 48.09
CA PHE E 19 54.66 5.00 47.12
C PHE E 19 54.35 6.42 47.55
N SER E 20 54.04 6.64 48.83
CA SER E 20 53.87 7.99 49.34
C SER E 20 55.16 8.79 49.26
N SER E 21 56.29 8.17 49.57
CA SER E 21 57.60 8.81 49.45
C SER E 21 58.20 8.49 48.08
N VAL E 22 57.60 9.10 47.06
CA VAL E 22 58.10 9.04 45.68
C VAL E 22 58.26 10.48 45.23
N LYS E 23 59.49 10.99 45.25
CA LYS E 23 59.76 12.39 45.01
C LYS E 23 60.87 12.57 43.99
N PRO E 24 60.74 13.53 43.08
CA PRO E 24 61.89 13.90 42.23
C PRO E 24 62.89 14.73 43.03
N LEU E 25 63.90 15.23 42.31
CA LEU E 25 64.91 16.07 42.95
C LEU E 25 64.30 17.34 43.52
N ASP E 26 63.57 18.09 42.71
CA ASP E 26 62.78 19.23 43.17
C ASP E 26 61.32 18.80 43.14
N PHE E 27 60.80 18.40 44.31
CA PHE E 27 59.59 17.59 44.35
C PHE E 27 58.36 18.44 44.58
N CYS E 28 57.57 18.58 43.52
CA CYS E 28 56.13 18.83 43.60
C CYS E 28 55.49 17.60 42.98
N ASP E 29 55.20 16.60 43.82
CA ASP E 29 55.08 15.22 43.39
C ASP E 29 54.18 15.08 42.17
N GLN E 30 54.54 14.16 41.28
CA GLN E 30 53.96 14.04 39.95
C GLN E 30 52.44 14.08 40.02
N TYR E 31 51.84 13.05 40.64
CA TYR E 31 50.46 13.06 41.13
C TYR E 31 49.51 13.90 40.30
N SER E 32 49.37 13.58 39.00
CA SER E 32 48.41 14.27 38.16
C SER E 32 47.03 14.23 38.82
N SER E 33 46.70 13.07 39.37
CA SER E 33 45.61 12.94 40.32
C SER E 33 46.20 12.78 41.71
N PRO E 34 45.96 13.72 42.63
CA PRO E 34 46.59 13.64 43.95
C PRO E 34 46.18 12.37 44.70
N CYS E 35 47.11 11.89 45.52
CA CYS E 35 46.88 10.66 46.28
C CYS E 35 45.65 10.79 47.16
N SER E 36 44.78 9.78 47.10
CA SER E 36 43.55 9.81 47.86
C SER E 36 43.82 9.69 49.36
N SER E 37 42.83 10.10 50.15
CA SER E 37 42.94 10.00 51.60
C SER E 37 42.91 8.56 52.10
N ASP E 38 42.85 7.58 51.19
CA ASP E 38 42.89 6.18 51.60
C ASP E 38 44.25 5.81 52.20
N ALA E 39 45.32 6.47 51.75
CA ALA E 39 46.63 6.21 52.35
C ALA E 39 46.67 6.62 53.82
N THR E 40 45.80 7.56 54.22
CA THR E 40 45.79 8.00 55.61
C THR E 40 45.29 6.90 56.54
N VAL E 41 44.28 6.15 56.11
CA VAL E 41 43.66 5.12 56.94
C VAL E 41 44.35 3.78 56.69
N ASP E 42 44.17 2.86 57.65
CA ASP E 42 44.78 1.53 57.58
C ASP E 42 43.74 0.51 57.12
N ASP E 43 43.55 0.45 55.81
CA ASP E 43 42.72 -0.62 55.23
C ASP E 43 43.52 -1.86 54.90
N GLY E 44 44.84 -1.81 54.98
CA GLY E 44 45.70 -2.96 54.79
C GLY E 44 46.34 -3.08 53.42
N TRP E 45 45.79 -2.40 52.41
CA TRP E 45 46.42 -2.43 51.09
C TRP E 45 47.79 -1.75 51.11
N PHE E 46 47.92 -0.69 51.92
CA PHE E 46 49.15 0.09 52.03
C PHE E 46 49.54 0.75 50.72
N VAL E 47 48.60 0.88 49.79
CA VAL E 47 48.79 1.61 48.55
C VAL E 47 47.56 2.49 48.33
N CYS E 48 47.78 3.71 47.86
CA CYS E 48 46.67 4.60 47.59
C CYS E 48 45.97 4.18 46.29
N GLU E 49 44.81 4.79 46.04
CA GLU E 49 44.03 4.46 44.85
C GLU E 49 44.79 4.81 43.57
N TYR E 50 45.47 5.96 43.56
CA TYR E 50 46.21 6.36 42.37
C TYR E 50 47.33 5.39 42.05
N HIS E 51 48.10 4.99 43.06
CA HIS E 51 49.21 4.07 42.82
C HIS E 51 48.70 2.67 42.48
N ALA E 52 47.59 2.25 43.08
CA ALA E 52 47.01 0.96 42.75
C ALA E 52 46.53 0.92 41.31
N SER E 53 45.90 2.01 40.85
CA SER E 53 45.41 2.05 39.48
C SER E 53 46.55 2.19 38.48
N ARG E 54 47.58 2.97 38.82
CA ARG E 54 48.66 3.23 37.88
C ARG E 54 49.56 2.01 37.70
N PHE E 55 49.92 1.35 38.80
CA PHE E 55 50.87 0.24 38.76
C PHE E 55 50.19 -1.11 38.63
N PHE E 56 49.32 -1.44 39.59
CA PHE E 56 48.65 -2.74 39.61
C PHE E 56 47.40 -2.79 38.74
N LYS E 57 47.03 -1.66 38.12
CA LYS E 57 45.90 -1.60 37.19
C LYS E 57 44.61 -2.09 37.84
N MET E 58 44.39 -1.70 39.09
CA MET E 58 43.16 -2.05 39.79
C MET E 58 42.73 -0.89 40.67
N GLU E 59 41.42 -0.83 40.93
CA GLU E 59 40.83 0.16 41.82
C GLU E 59 40.31 -0.55 43.07
N LYS E 60 39.77 0.24 43.98
CA LYS E 60 39.30 -0.26 45.27
C LYS E 60 37.78 -0.16 45.35
N LEU E 61 37.14 -1.22 45.84
CA LEU E 61 35.69 -1.27 45.95
C LEU E 61 35.29 -1.71 47.34
N ALA E 62 34.20 -1.15 47.84
CA ALA E 62 33.66 -1.46 49.16
C ALA E 62 32.64 -2.57 49.01
N LEU E 63 33.06 -3.81 49.29
CA LEU E 63 32.18 -4.97 49.24
C LEU E 63 31.26 -4.94 50.46
N ALA E 64 29.97 -4.77 50.22
CA ALA E 64 28.97 -4.70 51.28
C ALA E 64 28.19 -6.01 51.34
N ILE E 65 28.08 -6.58 52.54
CA ILE E 65 27.39 -7.85 52.72
C ILE E 65 26.15 -7.65 53.57
N PRO E 66 24.97 -7.54 52.96
CA PRO E 66 23.74 -7.38 53.76
C PRO E 66 23.37 -8.66 54.49
N ASP E 67 22.63 -8.50 55.58
CA ASP E 67 22.18 -9.63 56.38
C ASP E 67 20.69 -9.56 56.72
N GLY E 68 19.95 -8.60 56.19
CA GLY E 68 18.53 -8.48 56.43
C GLY E 68 18.13 -7.48 57.49
N THR E 69 19.06 -6.67 57.99
CA THR E 69 18.77 -5.68 59.01
C THR E 69 19.11 -4.26 58.58
N GLY E 70 20.21 -4.07 57.88
CA GLY E 70 20.62 -2.74 57.44
C GLY E 70 22.11 -2.51 57.55
N ASN E 71 22.74 -3.15 58.53
CA ASN E 71 24.19 -3.07 58.66
C ASN E 71 24.87 -4.05 57.70
N ASN E 72 25.98 -3.63 57.14
CA ASN E 72 26.71 -4.40 56.14
C ASN E 72 28.13 -4.68 56.61
N TYR E 73 28.55 -5.93 56.52
CA TYR E 73 29.92 -6.32 56.86
C TYR E 73 30.83 -5.84 55.73
N TYR E 74 31.31 -4.60 55.86
CA TYR E 74 32.10 -3.99 54.81
C TYR E 74 33.45 -4.71 54.65
N ARG E 75 33.96 -4.69 53.43
CA ARG E 75 35.23 -5.31 53.10
C ARG E 75 35.83 -4.55 51.93
N THR E 76 37.12 -4.73 51.72
CA THR E 76 37.83 -4.12 50.60
C THR E 76 38.09 -5.17 49.52
N VAL E 77 37.82 -4.83 48.27
CA VAL E 77 38.02 -5.74 47.16
C VAL E 77 38.65 -4.99 46.00
N GLY E 78 39.33 -5.73 45.12
CA GLY E 78 39.96 -5.14 43.96
C GLY E 78 39.03 -5.15 42.75
N LYS E 79 39.06 -4.05 42.00
CA LYS E 79 38.25 -3.87 40.81
C LYS E 79 39.17 -3.83 39.61
N SER E 80 38.94 -4.74 38.66
CA SER E 80 39.82 -4.87 37.51
C SER E 80 39.67 -3.68 36.58
N LEU E 81 40.80 -3.23 36.02
CA LEU E 81 40.82 -2.13 35.07
C LEU E 81 41.25 -2.55 33.67
N VAL E 82 41.64 -3.79 33.48
CA VAL E 82 42.07 -4.27 32.17
C VAL E 82 40.83 -4.62 31.35
N ASP E 83 40.97 -4.54 30.03
CA ASP E 83 39.88 -4.82 29.11
C ASP E 83 39.94 -6.27 28.62
N ASP E 84 38.79 -6.76 28.16
CA ASP E 84 38.73 -8.13 27.64
C ASP E 84 39.57 -8.29 26.39
N LYS E 85 39.76 -7.23 25.62
CA LYS E 85 40.54 -7.29 24.39
C LYS E 85 42.04 -7.47 24.63
N ALA E 86 42.51 -7.24 25.86
CA ALA E 86 43.94 -7.28 26.14
C ALA E 86 44.50 -8.70 26.10
N GLU E 87 45.80 -8.79 25.84
CA GLU E 87 46.57 -10.03 25.85
C GLU E 87 48.01 -9.73 26.24
N GLY E 88 48.68 -10.70 26.87
CA GLY E 88 50.09 -10.59 27.15
C GLY E 88 50.43 -10.13 28.55
N ILE E 89 51.49 -9.32 28.66
CA ILE E 89 51.90 -8.78 29.96
C ILE E 89 50.94 -7.70 30.43
N GLU E 90 49.95 -7.32 29.61
CA GLU E 90 48.99 -6.31 30.02
C GLU E 90 47.88 -6.88 30.88
N ARG E 91 47.56 -8.16 30.73
CA ARG E 91 46.44 -8.77 31.47
C ARG E 91 46.79 -9.13 32.91
N ILE E 92 48.07 -9.06 33.30
CA ILE E 92 48.49 -9.41 34.65
C ILE E 92 48.23 -8.21 35.56
N LEU E 93 47.49 -8.44 36.65
CA LEU E 93 47.21 -7.36 37.58
C LEU E 93 48.39 -7.11 38.52
N ILE E 94 48.98 -8.19 39.04
CA ILE E 94 50.12 -8.09 39.96
C ILE E 94 51.18 -9.07 39.52
N PRO E 95 52.40 -8.63 39.22
CA PRO E 95 53.45 -9.55 38.78
C PRO E 95 54.23 -10.15 39.95
N SER E 96 54.94 -11.23 39.63
CA SER E 96 55.83 -11.90 40.58
C SER E 96 57.27 -11.53 40.26
N GLN E 97 58.21 -12.19 40.94
CA GLN E 97 59.63 -11.90 40.72
C GLN E 97 60.10 -12.26 39.32
N ASN E 98 59.33 -13.08 38.59
CA ASN E 98 59.79 -13.58 37.30
C ASN E 98 59.91 -12.47 36.27
N ASN E 99 58.86 -11.65 36.12
CA ASN E 99 58.84 -10.67 35.04
C ASN E 99 58.23 -9.33 35.49
N TYR E 100 58.40 -8.96 36.75
CA TYR E 100 57.82 -7.70 37.22
C TYR E 100 58.50 -6.49 36.59
N GLU E 101 59.77 -6.62 36.19
CA GLU E 101 60.45 -5.51 35.53
C GLU E 101 59.76 -5.13 34.23
N THR E 102 59.38 -6.13 33.42
CA THR E 102 58.70 -5.85 32.16
C THR E 102 57.24 -5.47 32.40
N VAL E 103 56.60 -6.07 33.39
CA VAL E 103 55.19 -5.78 33.66
C VAL E 103 55.01 -4.34 34.11
N LEU E 104 55.81 -3.92 35.09
CA LEU E 104 55.69 -2.57 35.62
C LEU E 104 56.45 -1.54 34.77
N ASN E 105 57.23 -2.00 33.80
CA ASN E 105 58.03 -1.12 32.93
C ASN E 105 58.92 -0.20 33.76
N LEU E 106 59.76 -0.83 34.58
CA LEU E 106 60.64 -0.11 35.49
C LEU E 106 61.80 0.59 34.78
N SER E 107 61.97 0.36 33.47
CA SER E 107 63.13 0.91 32.77
C SER E 107 63.10 2.44 32.77
N LEU E 108 61.93 3.04 32.53
CA LEU E 108 61.81 4.49 32.41
C LEU E 108 61.12 5.13 33.61
N LEU E 109 60.86 4.38 34.66
CA LEU E 109 60.20 4.94 35.83
C LEU E 109 61.19 5.79 36.64
N GLY E 110 60.63 6.68 37.46
CA GLY E 110 61.42 7.54 38.31
C GLY E 110 62.23 6.75 39.32
N PRO E 111 63.41 7.25 39.68
CA PRO E 111 64.31 6.47 40.54
C PRO E 111 63.72 6.09 41.88
N ALA E 112 62.87 6.95 42.46
CA ALA E 112 62.21 6.57 43.71
C ALA E 112 61.28 5.38 43.50
N GLU E 113 60.52 5.38 42.41
CA GLU E 113 59.63 4.27 42.10
C GLU E 113 60.44 2.99 41.85
N ARG E 114 61.54 3.11 41.11
CA ARG E 114 62.40 1.95 40.87
C ARG E 114 62.92 1.37 42.18
N LEU E 115 63.43 2.24 43.06
CA LEU E 115 63.92 1.79 44.36
C LEU E 115 62.83 1.08 45.15
N VAL E 116 61.66 1.71 45.24
CA VAL E 116 60.58 1.15 46.05
C VAL E 116 60.18 -0.22 45.53
N PHE E 117 59.98 -0.33 44.20
CA PHE E 117 59.56 -1.61 43.64
C PHE E 117 60.64 -2.67 43.81
N TYR E 118 61.91 -2.30 43.59
CA TYR E 118 62.99 -3.28 43.67
C TYR E 118 63.16 -3.81 45.09
N MET E 119 63.10 -2.95 46.09
CA MET E 119 63.26 -3.47 47.45
C MET E 119 61.97 -4.05 48.00
N ILE E 120 60.83 -3.81 47.35
CA ILE E 120 59.64 -4.61 47.64
C ILE E 120 59.84 -6.03 47.13
N TYR E 121 60.40 -6.17 45.92
CA TYR E 121 60.68 -7.49 45.39
C TYR E 121 62.02 -8.05 45.87
N ASP E 122 62.82 -7.24 46.56
CA ASP E 122 64.01 -7.69 47.29
C ASP E 122 65.02 -8.37 46.36
N ASN E 123 65.56 -7.58 45.45
CA ASN E 123 66.68 -7.98 44.60
C ASN E 123 67.87 -7.03 44.80
N LYS E 124 68.84 -7.48 45.60
CA LYS E 124 69.82 -6.58 46.22
C LYS E 124 70.56 -5.73 45.18
N GLU E 125 71.05 -6.37 44.12
CA GLU E 125 71.94 -5.68 43.19
C GLU E 125 71.26 -4.50 42.52
N LYS E 126 69.94 -4.56 42.30
CA LYS E 126 69.26 -3.47 41.61
C LYS E 126 69.27 -2.19 42.44
N GLN E 127 68.84 -2.26 43.71
CA GLN E 127 68.92 -1.05 44.52
C GLN E 127 70.36 -0.69 44.87
N ASN E 128 71.28 -1.66 44.84
CA ASN E 128 72.69 -1.32 44.99
C ASN E 128 73.15 -0.40 43.86
N GLU E 129 72.85 -0.77 42.61
CA GLU E 129 73.27 0.08 41.49
C GLU E 129 72.45 1.37 41.45
N ILE E 130 71.22 1.34 41.96
CA ILE E 130 70.47 2.59 42.12
C ILE E 130 71.19 3.53 43.07
N CYS E 131 71.70 3.00 44.19
CA CYS E 131 72.48 3.83 45.11
C CYS E 131 73.76 4.34 44.46
N GLN E 132 74.42 3.49 43.68
CA GLN E 132 75.65 3.92 43.01
C GLN E 132 75.37 5.06 42.03
N GLN E 133 74.28 4.96 41.26
CA GLN E 133 73.93 6.04 40.33
C GLN E 133 73.33 7.24 41.04
N LEU E 134 72.80 7.06 42.25
CA LEU E 134 72.22 8.13 43.05
C LEU E 134 73.25 8.87 43.88
N ARG E 135 74.47 8.34 43.96
CA ARG E 135 75.54 9.01 44.68
C ARG E 135 75.76 10.43 44.18
N MET E 136 75.61 10.66 42.86
CA MET E 136 75.77 12.00 42.31
C MET E 136 74.72 12.95 42.85
N TYR E 137 73.46 12.50 42.93
CA TYR E 137 72.41 13.31 43.53
C TYR E 137 72.63 13.48 45.03
N GLU E 138 73.32 12.52 45.66
CA GLU E 138 73.45 12.51 47.12
C GLU E 138 74.11 13.78 47.64
N ARG E 139 75.00 14.39 46.87
CA ARG E 139 75.71 15.58 47.35
C ARG E 139 74.80 16.79 47.48
N PHE E 140 73.66 16.80 46.79
CA PHE E 140 72.69 17.88 46.92
C PHE E 140 71.66 17.63 48.01
N ARG E 141 71.17 16.40 48.13
CA ARG E 141 70.08 16.08 49.05
C ARG E 141 70.48 14.84 49.85
N PRO E 142 71.39 14.99 50.83
CA PRO E 142 71.91 13.83 51.55
C PRO E 142 71.02 13.32 52.68
N GLU E 143 69.78 13.79 52.80
CA GLU E 143 68.91 13.41 53.91
C GLU E 143 67.63 12.71 53.50
N VAL E 144 67.13 12.95 52.28
CA VAL E 144 65.86 12.35 51.88
C VAL E 144 65.99 10.85 51.65
N VAL E 145 67.16 10.39 51.21
CA VAL E 145 67.31 8.98 50.85
C VAL E 145 67.16 8.08 52.07
N GLU E 146 67.82 8.44 53.17
CA GLU E 146 67.78 7.60 54.36
C GLU E 146 66.38 7.54 54.95
N GLU E 147 65.68 8.68 55.04
CA GLU E 147 64.34 8.68 55.60
C GLU E 147 63.36 7.95 54.69
N LEU E 148 63.52 8.10 53.37
CA LEU E 148 62.68 7.35 52.43
C LEU E 148 62.88 5.85 52.60
N TYR E 149 64.13 5.42 52.66
CA TYR E 149 64.42 3.99 52.85
C TYR E 149 63.86 3.49 54.18
N ASN E 150 64.03 4.28 55.24
CA ASN E 150 63.52 3.87 56.55
C ASN E 150 62.00 3.73 56.54
N SER E 151 61.30 4.70 55.95
CA SER E 151 59.85 4.64 55.93
C SER E 151 59.36 3.46 55.11
N THR E 152 59.95 3.24 53.93
CA THR E 152 59.50 2.13 53.10
C THR E 152 59.83 0.80 53.76
N LEU E 153 61.01 0.68 54.37
CA LEU E 153 61.39 -0.55 55.03
C LEU E 153 60.50 -0.84 56.23
N ARG E 154 60.12 0.18 56.99
CA ARG E 154 59.22 -0.05 58.11
C ARG E 154 57.82 -0.41 57.64
N VAL E 155 57.38 0.14 56.50
CA VAL E 155 56.10 -0.29 55.93
C VAL E 155 56.15 -1.76 55.53
N LEU E 156 57.24 -2.16 54.86
CA LEU E 156 57.40 -3.58 54.49
C LEU E 156 57.45 -4.48 55.73
N ALA E 157 58.13 -4.02 56.80
CA ALA E 157 58.17 -4.80 58.03
C ALA E 157 56.79 -4.92 58.65
N LEU E 158 56.01 -3.83 58.63
CA LEU E 158 54.66 -3.88 59.16
C LEU E 158 53.79 -4.85 58.38
N THR E 159 53.92 -4.85 57.05
CA THR E 159 53.16 -5.80 56.24
C THR E 159 53.82 -7.17 56.15
N ASN E 160 55.00 -7.34 56.76
CA ASN E 160 55.68 -8.62 56.75
C ASN E 160 55.01 -9.57 57.75
N PRO E 161 54.57 -10.76 57.32
CA PRO E 161 53.99 -11.70 58.30
C PRO E 161 54.95 -12.10 59.41
N ASP E 162 56.25 -12.15 59.13
CA ASP E 162 57.26 -12.45 60.15
C ASP E 162 58.12 -11.23 60.43
N ALA E 163 58.18 -10.84 61.70
CA ALA E 163 58.94 -9.68 62.16
C ALA E 163 59.10 -9.81 63.67
N TYR E 164 59.56 -8.74 64.32
CA TYR E 164 59.55 -8.72 65.78
C TYR E 164 58.15 -8.91 66.33
N CYS E 165 57.25 -7.96 66.04
CA CYS E 165 55.88 -8.09 66.52
C CYS E 165 55.17 -9.26 65.86
N ALA E 166 55.26 -9.35 64.53
CA ALA E 166 54.68 -10.46 63.76
C ALA E 166 53.21 -10.69 64.14
N GLN E 167 52.43 -9.61 64.04
CA GLN E 167 51.01 -9.69 64.35
C GLN E 167 50.32 -10.67 63.42
N THR E 168 49.90 -11.81 63.97
CA THR E 168 49.34 -12.89 63.19
C THR E 168 47.92 -13.19 63.66
N ASN E 169 47.00 -13.34 62.71
CA ASN E 169 45.62 -13.70 62.97
C ASN E 169 45.35 -15.01 62.25
N THR E 170 45.60 -16.13 62.95
CA THR E 170 45.45 -17.45 62.34
C THR E 170 43.97 -17.77 62.09
N ASN E 171 43.06 -17.07 62.76
CA ASN E 171 41.63 -17.35 62.61
C ASN E 171 41.16 -17.13 61.17
N GLU E 172 41.61 -16.06 60.51
CA GLU E 172 41.32 -15.88 59.09
C GLU E 172 42.24 -16.79 58.27
N SER E 173 41.64 -17.53 57.35
CA SER E 173 42.40 -18.38 56.43
C SER E 173 41.95 -18.08 55.01
N ARG E 174 42.91 -18.01 54.09
CA ARG E 174 42.65 -17.72 52.68
C ARG E 174 43.09 -18.89 51.82
N SER E 175 42.20 -19.38 50.96
CA SER E 175 42.50 -20.41 49.99
C SER E 175 42.40 -19.83 48.60
N PHE E 176 43.40 -20.09 47.76
CA PHE E 176 43.48 -19.54 46.42
C PHE E 176 43.39 -20.65 45.37
N GLY E 177 42.51 -21.61 45.60
CA GLY E 177 42.32 -22.70 44.67
C GLY E 177 42.46 -24.07 45.32
N LEU E 178 41.89 -25.09 44.70
CA LEU E 178 41.98 -26.46 45.21
C LEU E 178 43.15 -27.22 44.63
N SER E 179 43.99 -26.58 43.81
CA SER E 179 45.12 -27.21 43.17
C SER E 179 46.41 -26.88 43.92
N VAL E 180 47.38 -27.81 43.84
CA VAL E 180 48.64 -27.63 44.54
C VAL E 180 49.46 -26.51 43.93
N GLU E 181 49.45 -26.39 42.59
CA GLU E 181 50.29 -25.41 41.93
C GLU E 181 49.89 -23.99 42.32
N ASP E 182 48.59 -23.72 42.48
CA ASP E 182 48.14 -22.37 42.74
C ASP E 182 48.67 -21.84 44.07
N ASP E 183 48.46 -22.58 45.16
CA ASP E 183 48.92 -22.10 46.46
C ASP E 183 50.43 -22.25 46.61
N LEU E 184 51.04 -23.27 45.98
CA LEU E 184 52.49 -23.37 46.02
C LEU E 184 53.16 -22.19 45.33
N ALA E 185 52.58 -21.72 44.22
CA ALA E 185 53.09 -20.52 43.59
C ALA E 185 52.80 -19.28 44.42
N PHE E 186 51.60 -19.20 45.01
CA PHE E 186 51.25 -18.04 45.83
C PHE E 186 52.16 -17.93 47.06
N ASN E 187 52.73 -19.06 47.51
CA ASN E 187 53.60 -19.02 48.68
C ASN E 187 54.86 -18.19 48.43
N VAL E 188 55.40 -18.27 47.20
CA VAL E 188 56.70 -17.63 46.93
C VAL E 188 56.57 -16.16 46.54
N LEU E 189 55.36 -15.60 46.54
CA LEU E 189 55.22 -14.16 46.30
C LEU E 189 55.80 -13.36 47.46
N PRO E 190 56.21 -12.13 47.20
CA PRO E 190 56.74 -11.28 48.28
C PRO E 190 55.69 -11.01 49.35
N THR E 191 56.17 -10.70 50.55
CA THR E 191 55.30 -10.54 51.70
C THR E 191 54.28 -9.43 51.49
N PHE E 192 54.73 -8.27 51.00
CA PHE E 192 53.80 -7.20 50.70
C PHE E 192 52.86 -7.58 49.56
N ILE E 193 53.38 -8.26 48.55
CA ILE E 193 52.54 -8.73 47.45
C ILE E 193 51.51 -9.73 47.96
N GLN E 194 51.92 -10.63 48.86
CA GLN E 194 50.98 -11.59 49.43
C GLN E 194 49.90 -10.88 50.23
N ASN E 195 50.28 -9.88 51.04
CA ASN E 195 49.30 -9.14 51.83
C ASN E 195 48.32 -8.41 50.93
N LEU E 196 48.82 -7.79 49.86
CA LEU E 196 47.93 -7.09 48.93
C LEU E 196 46.99 -8.06 48.22
N ILE E 197 47.51 -9.21 47.82
CA ILE E 197 46.69 -10.18 47.07
C ILE E 197 45.61 -10.77 47.97
N ARG E 198 45.96 -11.12 49.21
CA ARG E 198 44.98 -11.73 50.11
C ARG E 198 43.83 -10.79 50.40
N LYS E 199 44.06 -9.48 50.36
CA LYS E 199 43.06 -8.49 50.75
C LYS E 199 42.59 -7.64 49.58
N CYS E 200 42.69 -8.14 48.36
CA CYS E 200 42.11 -7.49 47.19
C CYS E 200 41.11 -8.36 46.45
N VAL E 201 41.21 -9.68 46.56
CA VAL E 201 40.31 -10.61 45.89
C VAL E 201 39.25 -11.07 46.89
N ALA E 202 37.99 -10.95 46.49
CA ALA E 202 36.92 -11.41 47.37
C ALA E 202 36.83 -12.93 47.34
N PRO E 203 36.46 -13.55 48.45
CA PRO E 203 36.32 -15.01 48.47
C PRO E 203 35.17 -15.48 47.60
N GLU E 204 35.35 -16.66 47.00
CA GLU E 204 34.25 -17.29 46.26
C GLU E 204 33.12 -17.66 47.20
N SER E 205 33.46 -18.23 48.36
CA SER E 205 32.48 -18.64 49.37
C SER E 205 33.03 -18.25 50.73
N LEU E 206 32.50 -17.17 51.30
CA LEU E 206 32.95 -16.70 52.61
C LEU E 206 32.42 -17.63 53.69
N THR E 207 33.31 -18.46 54.25
CA THR E 207 32.94 -19.38 55.32
C THR E 207 33.13 -18.65 56.64
N ILE E 208 32.02 -18.25 57.25
CA ILE E 208 32.04 -17.45 58.47
C ILE E 208 31.28 -18.22 59.56
N GLY E 209 31.89 -18.30 60.74
CA GLY E 209 31.26 -19.01 61.83
C GLY E 209 31.03 -20.46 61.48
N THR E 210 29.77 -20.90 61.55
CA THR E 210 29.38 -22.25 61.16
C THR E 210 28.60 -22.28 59.85
N GLU E 211 28.62 -21.20 59.08
CA GLU E 211 27.87 -21.14 57.84
C GLU E 211 28.77 -20.64 56.70
N ASP E 212 28.26 -20.76 55.49
CA ASP E 212 28.96 -20.31 54.29
C ASP E 212 28.05 -19.41 53.48
N LEU E 213 28.57 -18.24 53.08
CA LEU E 213 27.87 -17.29 52.24
C LEU E 213 28.50 -17.34 50.86
N GLN E 214 27.75 -17.81 49.86
CA GLN E 214 28.24 -17.91 48.50
C GLN E 214 28.18 -16.54 47.85
N LEU E 215 29.31 -15.82 47.93
CA LEU E 215 29.38 -14.50 47.32
C LEU E 215 29.35 -14.60 45.79
N ARG E 216 30.08 -15.56 45.23
CA ARG E 216 30.13 -15.73 43.79
C ARG E 216 30.55 -17.16 43.47
N ASN E 217 29.93 -17.74 42.45
CA ASN E 217 30.22 -19.10 42.02
C ASN E 217 31.26 -19.17 40.91
N CYS E 218 31.79 -18.02 40.48
CA CYS E 218 32.73 -17.97 39.37
C CYS E 218 33.90 -17.07 39.74
N ASN E 219 35.09 -17.48 39.32
CA ASN E 219 36.30 -16.72 39.59
C ASN E 219 36.54 -15.69 38.51
N THR E 220 36.94 -14.48 38.92
CA THR E 220 37.20 -13.38 38.01
C THR E 220 38.68 -13.11 37.82
N CYS E 221 39.55 -13.95 38.37
CA CYS E 221 41.00 -13.78 38.25
C CYS E 221 41.65 -15.15 38.40
N ARG E 222 42.98 -15.16 38.52
CA ARG E 222 43.73 -16.39 38.67
C ARG E 222 45.06 -16.07 39.33
N ILE E 223 45.52 -16.98 40.20
CA ILE E 223 46.82 -16.88 40.84
C ILE E 223 47.72 -17.96 40.25
N THR E 224 48.81 -17.53 39.61
CA THR E 224 49.75 -18.46 38.99
C THR E 224 51.19 -18.11 39.37
N SER E 225 52.15 -18.80 38.77
CA SER E 225 53.56 -18.61 39.12
C SER E 225 54.03 -17.18 38.88
N GLU E 226 53.45 -16.48 37.91
CA GLU E 226 53.82 -15.11 37.63
C GLU E 226 53.00 -14.09 38.40
N GLY E 227 52.02 -14.53 39.18
CA GLY E 227 51.28 -13.61 40.03
C GLY E 227 49.78 -13.63 39.84
N LEU E 228 49.13 -12.48 40.03
CA LEU E 228 47.68 -12.35 39.94
C LEU E 228 47.31 -11.81 38.57
N LEU E 229 46.47 -12.54 37.84
CA LEU E 229 46.11 -12.20 36.48
C LEU E 229 44.59 -12.13 36.35
N ALA E 230 44.14 -11.35 35.37
CA ALA E 230 42.73 -11.36 34.95
C ALA E 230 42.59 -12.36 33.82
N SER E 231 42.63 -13.64 34.19
CA SER E 231 42.64 -14.71 33.20
C SER E 231 41.36 -14.72 32.38
N VAL E 232 40.21 -14.55 33.02
CA VAL E 232 38.94 -14.59 32.31
C VAL E 232 38.76 -13.32 31.50
N ARG E 233 38.25 -13.47 30.29
CA ARG E 233 37.97 -12.32 29.41
C ARG E 233 36.63 -11.67 29.73
N LEU E 234 36.42 -11.36 31.00
CA LEU E 234 35.22 -10.63 31.39
C LEU E 234 35.25 -9.22 30.80
N TYR E 235 34.11 -8.77 30.30
CA TYR E 235 34.06 -7.50 29.59
C TYR E 235 34.11 -6.34 30.58
N ASN E 236 35.13 -5.50 30.44
CA ASN E 236 35.34 -4.34 31.31
C ASN E 236 35.48 -3.09 30.44
N SER E 237 34.80 -2.01 30.82
CA SER E 237 34.89 -0.76 30.07
C SER E 237 34.83 0.46 30.96
N VAL E 238 35.33 0.37 32.19
CA VAL E 238 35.36 1.50 33.10
C VAL E 238 36.65 2.29 32.88
N GLN E 239 36.54 3.61 32.92
CA GLN E 239 37.74 4.43 32.74
C GLN E 239 38.33 4.82 34.09
N PRO E 240 39.65 4.78 34.23
CA PRO E 240 40.26 5.19 35.50
C PRO E 240 40.17 6.69 35.70
N LYS E 241 39.66 7.09 36.88
CA LYS E 241 39.53 8.50 37.21
C LYS E 241 40.82 9.09 37.77
N TYR E 242 41.84 8.27 38.01
CA TYR E 242 43.14 8.74 38.46
C TYR E 242 44.22 8.39 37.45
N LEU E 243 43.97 8.71 36.18
CA LEU E 243 44.88 8.35 35.10
C LEU E 243 46.23 9.05 35.28
N TYR E 244 47.23 8.56 34.55
CA TYR E 244 48.58 9.11 34.68
C TYR E 244 48.63 10.56 34.20
N GLY E 245 47.95 10.87 33.10
CA GLY E 245 47.75 12.24 32.69
C GLY E 245 49.01 12.97 32.25
N VAL E 246 50.10 12.26 32.00
CA VAL E 246 51.34 12.90 31.57
C VAL E 246 51.29 13.15 30.07
N ASN E 247 51.86 14.29 29.66
CA ASN E 247 51.98 14.63 28.25
C ASN E 247 52.62 13.48 27.48
N GLU E 248 51.88 12.89 26.55
CA GLU E 248 52.30 11.66 25.88
C GLU E 248 52.82 11.99 24.48
N ASN E 249 54.11 12.31 24.40
CA ASN E 249 54.77 12.36 23.10
C ASN E 249 55.05 10.97 22.57
N ARG E 250 54.93 9.95 23.42
CA ARG E 250 55.05 8.56 23.03
C ARG E 250 53.64 7.98 22.94
N LEU E 251 53.22 7.61 21.74
CA LEU E 251 51.82 7.35 21.45
C LEU E 251 51.49 5.88 21.61
N GLN E 252 50.44 5.60 22.39
CA GLN E 252 49.90 4.26 22.57
C GLN E 252 48.55 4.18 21.88
N ILE E 253 48.51 3.55 20.70
CA ILE E 253 47.28 3.39 19.94
C ILE E 253 46.60 2.10 20.37
N ARG E 254 45.28 2.15 20.52
CA ARG E 254 44.51 1.03 21.03
C ARG E 254 43.26 0.84 20.18
N ASN E 255 42.75 -0.39 20.17
CA ASN E 255 41.57 -0.76 19.37
C ASN E 255 40.34 -0.55 20.23
N VAL E 256 39.68 0.60 20.04
CA VAL E 256 38.50 0.97 20.82
C VAL E 256 37.26 0.36 20.17
N LEU E 257 36.32 -0.10 20.99
CA LEU E 257 35.06 -0.63 20.52
C LEU E 257 33.96 0.39 20.81
N GLN E 258 33.27 0.84 19.77
CA GLN E 258 32.25 1.87 19.88
C GLN E 258 31.02 1.47 19.07
N PHE E 259 29.85 1.74 19.63
CA PHE E 259 28.59 1.54 18.93
C PHE E 259 27.82 2.86 18.86
N GLN E 260 27.07 3.00 17.77
CA GLN E 260 26.21 4.16 17.57
C GLN E 260 24.84 3.89 18.18
N GLY E 261 24.02 4.92 18.22
CA GLY E 261 22.66 4.77 18.72
C GLY E 261 21.92 6.09 18.68
N ASN E 262 20.59 5.97 18.67
CA ASN E 262 19.69 7.11 18.71
C ASN E 262 19.12 7.24 20.12
N ALA E 263 18.15 8.14 20.27
CA ALA E 263 17.49 8.29 21.57
C ALA E 263 16.69 7.05 21.94
N ASN E 264 16.18 6.33 20.94
CA ASN E 264 15.40 5.12 21.22
C ASN E 264 16.29 3.99 21.70
N ALA E 265 17.43 3.76 21.04
CA ALA E 265 18.34 2.72 21.47
C ALA E 265 18.98 3.06 22.81
N LEU E 266 19.27 4.34 23.06
CA LEU E 266 19.76 4.79 24.36
C LEU E 266 18.54 5.03 25.25
N GLN E 267 18.02 3.94 25.82
CA GLN E 267 16.78 4.01 26.57
C GLN E 267 16.96 4.76 27.88
N GLN E 268 16.69 6.07 27.86
CA GLN E 268 16.76 6.87 29.08
C GLN E 268 15.68 6.48 30.08
N LYS E 269 14.54 5.99 29.60
CA LYS E 269 13.45 5.60 30.48
C LYS E 269 13.82 4.43 31.38
N LEU E 270 14.84 3.66 30.98
CA LEU E 270 15.29 2.55 31.83
C LEU E 270 16.19 3.03 32.97
N SER E 271 16.56 4.31 32.99
CA SER E 271 17.52 4.81 33.96
C SER E 271 16.94 4.96 35.36
N ARG E 272 15.61 4.98 35.51
CA ARG E 272 15.03 5.20 36.83
C ARG E 272 15.34 4.05 37.79
N TYR E 273 15.41 2.82 37.29
CA TYR E 273 15.83 1.70 38.12
C TYR E 273 17.28 1.93 38.55
N GLU E 274 17.61 1.52 39.78
CA GLU E 274 18.98 1.66 40.25
C GLU E 274 19.92 0.86 39.35
N LEU E 275 21.03 1.48 38.98
CA LEU E 275 21.90 0.92 37.96
C LEU E 275 22.72 -0.25 38.50
N TYR E 276 22.94 -1.24 37.63
CA TYR E 276 23.81 -2.37 37.91
C TYR E 276 24.98 -2.28 36.93
N GLN E 277 26.03 -1.56 37.34
CA GLN E 277 27.17 -1.34 36.47
C GLN E 277 27.91 -2.64 36.20
N ILE E 278 28.41 -2.79 34.98
CA ILE E 278 29.23 -3.94 34.61
C ILE E 278 30.64 -3.62 35.09
N ASN E 279 30.93 -4.02 36.33
CA ASN E 279 32.26 -3.91 36.91
C ASN E 279 32.83 -5.32 37.05
N ILE E 280 34.14 -5.39 37.29
CA ILE E 280 34.81 -6.69 37.36
C ILE E 280 35.53 -6.78 38.71
N PRO E 281 34.82 -7.05 39.79
CA PRO E 281 35.49 -7.25 41.08
C PRO E 281 36.30 -8.54 41.08
N LEU E 282 37.36 -8.54 41.88
CA LEU E 282 38.25 -9.71 41.96
C LEU E 282 37.65 -10.71 42.93
N PHE E 283 37.24 -11.87 42.40
CA PHE E 283 36.64 -12.94 43.19
C PHE E 283 37.43 -14.22 42.95
N LEU E 284 37.98 -14.78 44.03
CA LEU E 284 38.75 -16.01 43.95
C LEU E 284 39.02 -16.52 45.36
N GLY E 285 39.07 -17.84 45.50
CA GLY E 285 39.44 -18.46 46.76
C GLY E 285 38.30 -18.52 47.75
N LYS E 286 38.59 -19.17 48.87
CA LYS E 286 37.64 -19.31 49.97
C LYS E 286 38.22 -18.69 51.22
N GLN E 287 37.39 -17.92 51.93
CA GLN E 287 37.77 -17.28 53.18
C GLN E 287 37.19 -18.07 54.35
N ILE E 288 38.05 -18.77 55.08
CA ILE E 288 37.66 -19.55 56.24
C ILE E 288 37.75 -18.63 57.44
N ILE E 289 36.60 -18.28 58.02
CA ILE E 289 36.55 -17.46 59.22
C ILE E 289 35.93 -18.29 60.34
N SER E 290 36.77 -18.93 61.15
CA SER E 290 36.29 -19.67 62.30
C SER E 290 35.58 -18.73 63.26
N THR E 291 34.44 -19.19 63.78
CA THR E 291 33.60 -18.40 64.69
C THR E 291 33.14 -17.10 64.03
N LEU F 13 -0.57 2.09 25.21
CA LEU F 13 -1.24 1.55 26.39
C LEU F 13 -0.77 2.26 27.66
N ARG F 14 -1.72 2.73 28.47
CA ARG F 14 -1.37 3.34 29.74
C ARG F 14 -0.92 2.32 30.77
N ASN F 15 -1.22 1.04 30.56
CA ASN F 15 -0.96 0.01 31.56
C ASN F 15 -0.60 -1.28 30.83
N PHE F 16 0.69 -1.58 30.72
CA PHE F 16 1.14 -2.83 30.12
C PHE F 16 1.16 -3.99 31.08
N CYS F 17 0.94 -3.76 32.38
CA CYS F 17 0.94 -4.85 33.34
C CYS F 17 -0.24 -5.79 33.07
N VAL F 18 0.05 -7.09 33.05
CA VAL F 18 -1.02 -8.07 32.90
C VAL F 18 -1.94 -8.04 34.10
N PHE F 19 -1.37 -7.89 35.30
CA PHE F 19 -2.15 -7.83 36.54
C PHE F 19 -2.62 -6.42 36.86
N SER F 20 -2.62 -5.53 35.86
CA SER F 20 -3.18 -4.19 36.06
C SER F 20 -4.67 -4.26 36.34
N SER F 21 -5.40 -5.13 35.63
CA SER F 21 -6.83 -5.32 35.87
C SER F 21 -7.01 -6.48 36.86
N VAL F 22 -6.67 -6.21 38.10
CA VAL F 22 -6.90 -7.12 39.22
C VAL F 22 -7.67 -6.33 40.27
N LYS F 23 -8.98 -6.53 40.31
CA LYS F 23 -9.85 -5.72 41.14
C LYS F 23 -10.78 -6.59 41.98
N PRO F 24 -11.01 -6.24 43.24
CA PRO F 24 -12.09 -6.89 44.00
C PRO F 24 -13.46 -6.39 43.56
N LEU F 25 -14.48 -6.83 44.29
CA LEU F 25 -15.84 -6.40 43.98
C LEU F 25 -15.99 -4.89 44.15
N ASP F 26 -15.61 -4.35 45.29
CA ASP F 26 -15.53 -2.91 45.51
C ASP F 26 -14.06 -2.54 45.53
N PHE F 27 -13.56 -2.06 44.39
CA PHE F 27 -12.13 -2.07 44.13
C PHE F 27 -11.50 -0.72 44.48
N CYS F 28 -10.74 -0.74 45.57
CA CYS F 28 -9.63 0.18 45.80
C CYS F 28 -8.40 -0.72 45.85
N ASP F 29 -7.78 -0.93 44.70
CA ASP F 29 -6.95 -2.11 44.45
C ASP F 29 -5.94 -2.33 45.57
N GLN F 30 -5.71 -3.61 45.88
CA GLN F 30 -4.98 -4.03 47.08
C GLN F 30 -3.68 -3.24 47.23
N TYR F 31 -2.75 -3.43 46.29
CA TYR F 31 -1.62 -2.54 46.03
C TYR F 31 -1.09 -1.84 47.28
N SER F 32 -0.66 -2.61 48.29
CA SER F 32 -0.04 -2.02 49.47
C SER F 32 1.08 -1.09 49.05
N SER F 33 1.87 -1.53 48.07
CA SER F 33 2.75 -0.68 47.30
C SER F 33 2.13 -0.44 45.93
N PRO F 34 1.79 0.80 45.59
CA PRO F 34 1.11 1.04 44.31
C PRO F 34 1.97 0.63 43.12
N CYS F 35 1.30 0.20 42.06
CA CYS F 35 2.00 -0.26 40.87
C CYS F 35 2.89 0.84 40.31
N SER F 36 4.13 0.47 39.99
CA SER F 36 5.09 1.44 39.50
C SER F 36 4.72 1.90 38.09
N SER F 37 5.29 3.05 37.70
CA SER F 37 5.06 3.58 36.37
C SER F 37 5.71 2.75 35.28
N ASP F 38 6.36 1.64 35.63
CA ASP F 38 6.93 0.76 34.62
C ASP F 38 5.87 0.10 33.77
N ALA F 39 4.67 -0.13 34.33
CA ALA F 39 3.58 -0.67 33.51
C ALA F 39 3.17 0.29 32.40
N THR F 40 3.41 1.60 32.59
CA THR F 40 3.04 2.57 31.57
C THR F 40 3.89 2.41 30.31
N VAL F 41 5.18 2.13 30.46
CA VAL F 41 6.11 2.05 29.35
C VAL F 41 6.18 0.60 28.86
N ASP F 42 6.66 0.43 27.63
CA ASP F 42 6.77 -0.88 27.00
C ASP F 42 8.23 -1.35 27.06
N ASP F 43 8.59 -1.91 28.22
CA ASP F 43 9.89 -2.57 28.34
C ASP F 43 9.83 -4.04 27.95
N GLY F 44 8.65 -4.60 27.74
CA GLY F 44 8.49 -5.96 27.27
C GLY F 44 8.16 -6.98 28.34
N TRP F 45 8.44 -6.68 29.62
CA TRP F 45 8.07 -7.61 30.68
C TRP F 45 6.56 -7.75 30.79
N PHE F 46 5.83 -6.65 30.56
CA PHE F 46 4.37 -6.60 30.67
C PHE F 46 3.88 -6.90 32.08
N VAL F 47 4.76 -6.77 33.07
CA VAL F 47 4.40 -6.89 34.47
C VAL F 47 5.07 -5.75 35.22
N CYS F 48 4.35 -5.16 36.17
CA CYS F 48 4.92 -4.08 36.96
C CYS F 48 5.89 -4.66 37.99
N GLU F 49 6.63 -3.76 38.64
CA GLU F 49 7.62 -4.18 39.63
C GLU F 49 6.96 -4.87 40.82
N TYR F 50 5.81 -4.34 41.26
CA TYR F 50 5.13 -4.94 42.41
C TYR F 50 4.67 -6.35 42.10
N HIS F 51 4.06 -6.56 40.93
CA HIS F 51 3.57 -7.89 40.58
C HIS F 51 4.72 -8.85 40.30
N ALA F 52 5.82 -8.35 39.71
CA ALA F 52 6.98 -9.19 39.49
C ALA F 52 7.60 -9.65 40.81
N SER F 53 7.69 -8.74 41.79
CA SER F 53 8.27 -9.11 43.08
C SER F 53 7.32 -10.01 43.88
N ARG F 54 6.02 -9.75 43.81
CA ARG F 54 5.07 -10.51 44.61
C ARG F 54 4.90 -11.94 44.10
N PHE F 55 4.77 -12.10 42.78
CA PHE F 55 4.47 -13.40 42.19
C PHE F 55 5.74 -14.15 41.76
N PHE F 56 6.53 -13.54 40.88
CA PHE F 56 7.73 -14.18 40.36
C PHE F 56 8.95 -14.01 41.26
N LYS F 57 8.81 -13.28 42.35
CA LYS F 57 9.87 -13.12 43.35
C LYS F 57 11.15 -12.57 42.71
N MET F 58 11.00 -11.59 41.83
CA MET F 58 12.14 -10.95 41.20
C MET F 58 11.85 -9.47 41.02
N GLU F 59 12.91 -8.68 40.99
CA GLU F 59 12.85 -7.25 40.73
C GLU F 59 13.49 -6.95 39.37
N LYS F 60 13.47 -5.68 38.99
CA LYS F 60 13.94 -5.24 37.70
C LYS F 60 15.20 -4.40 37.87
N LEU F 61 16.21 -4.66 37.03
CA LEU F 61 17.47 -3.95 37.10
C LEU F 61 17.86 -3.46 35.71
N ALA F 62 18.48 -2.28 35.68
CA ALA F 62 18.93 -1.65 34.43
C ALA F 62 20.37 -2.05 34.19
N LEU F 63 20.56 -3.05 33.31
CA LEU F 63 21.89 -3.52 32.94
C LEU F 63 22.51 -2.51 32.00
N ALA F 64 23.59 -1.86 32.45
CA ALA F 64 24.28 -0.84 31.67
C ALA F 64 25.58 -1.42 31.12
N ILE F 65 25.80 -1.24 29.83
CA ILE F 65 26.99 -1.78 29.17
C ILE F 65 27.86 -0.63 28.67
N PRO F 66 28.91 -0.26 29.39
CA PRO F 66 29.79 0.81 28.92
C PRO F 66 30.63 0.36 27.74
N ASP F 67 31.07 1.34 26.95
CA ASP F 67 31.91 1.08 25.78
C ASP F 67 33.12 2.00 25.71
N GLY F 68 33.37 2.83 26.72
CA GLY F 68 34.52 3.71 26.74
C GLY F 68 34.24 5.14 26.31
N THR F 69 32.99 5.53 26.12
CA THR F 69 32.64 6.88 25.72
C THR F 69 31.72 7.58 26.70
N GLY F 70 30.75 6.86 27.27
CA GLY F 70 29.82 7.46 28.22
C GLY F 70 28.40 6.97 28.03
N ASN F 71 28.03 6.64 26.79
CA ASN F 71 26.72 6.06 26.54
C ASN F 71 26.73 4.57 26.84
N ASN F 72 25.62 4.08 27.39
CA ASN F 72 25.50 2.70 27.82
C ASN F 72 24.34 2.04 27.10
N TYR F 73 24.58 0.84 26.56
CA TYR F 73 23.54 0.06 25.91
C TYR F 73 22.66 -0.54 27.00
N TYR F 74 21.63 0.22 27.39
CA TYR F 74 20.78 -0.20 28.50
C TYR F 74 19.98 -1.45 28.14
N ARG F 75 19.69 -2.24 29.16
CA ARG F 75 18.92 -3.47 29.00
C ARG F 75 18.17 -3.72 30.31
N THR F 76 17.16 -4.58 30.25
CA THR F 76 16.41 -4.97 31.43
C THR F 76 16.81 -6.38 31.85
N VAL F 77 17.05 -6.57 33.15
CA VAL F 77 17.45 -7.86 33.68
C VAL F 77 16.68 -8.13 34.97
N GLY F 78 16.56 -9.40 35.31
CA GLY F 78 15.88 -9.81 36.52
C GLY F 78 16.85 -9.92 37.70
N LYS F 79 16.38 -9.46 38.85
CA LYS F 79 17.15 -9.48 40.09
C LYS F 79 16.49 -10.45 41.05
N SER F 80 17.23 -11.45 41.49
CA SER F 80 16.68 -12.50 42.34
C SER F 80 16.36 -11.96 43.73
N LEU F 81 15.24 -12.42 44.28
CA LEU F 81 14.80 -12.05 45.62
C LEU F 81 14.80 -13.21 46.60
N VAL F 82 15.10 -14.42 46.14
CA VAL F 82 15.13 -15.59 47.03
C VAL F 82 16.46 -15.63 47.75
N ASP F 83 16.46 -16.25 48.92
CA ASP F 83 17.66 -16.35 49.74
C ASP F 83 18.37 -17.69 49.49
N ASP F 84 19.66 -17.72 49.82
CA ASP F 84 20.43 -18.95 49.65
C ASP F 84 19.95 -20.05 50.58
N LYS F 85 19.35 -19.69 51.72
CA LYS F 85 18.88 -20.68 52.67
C LYS F 85 17.63 -21.42 52.19
N ALA F 86 16.96 -20.92 51.16
CA ALA F 86 15.69 -21.50 50.71
C ALA F 86 15.90 -22.85 50.01
N GLU F 87 14.84 -23.67 50.04
CA GLU F 87 14.78 -24.96 49.36
C GLU F 87 13.32 -25.24 48.97
N GLY F 88 13.14 -25.99 47.90
CA GLY F 88 11.81 -26.47 47.52
C GLY F 88 11.12 -25.64 46.46
N ILE F 89 9.81 -25.49 46.60
CA ILE F 89 9.03 -24.69 45.66
C ILE F 89 9.29 -23.20 45.86
N GLU F 90 10.06 -22.83 46.88
CA GLU F 90 10.36 -21.42 47.10
C GLU F 90 11.49 -20.91 46.22
N ARG F 91 12.40 -21.79 45.80
CA ARG F 91 13.57 -21.37 45.01
C ARG F 91 13.25 -21.15 43.54
N ILE F 92 12.07 -21.53 43.07
CA ILE F 92 11.70 -21.36 41.67
C ILE F 92 11.23 -19.93 41.46
N LEU F 93 11.85 -19.25 40.49
CA LEU F 93 11.46 -17.88 40.19
C LEU F 93 10.20 -17.82 39.34
N ILE F 94 10.13 -18.68 38.31
CA ILE F 94 8.99 -18.72 37.40
C ILE F 94 8.58 -20.17 37.19
N PRO F 95 7.35 -20.56 37.52
CA PRO F 95 6.94 -21.95 37.34
C PRO F 95 6.40 -22.24 35.95
N SER F 96 6.34 -23.53 35.64
CA SER F 96 5.78 -24.02 34.39
C SER F 96 4.38 -24.59 34.65
N GLN F 97 3.80 -25.23 33.64
CA GLN F 97 2.46 -25.79 33.77
C GLN F 97 2.40 -26.93 34.78
N ASN F 98 3.55 -27.51 35.14
CA ASN F 98 3.55 -28.70 35.99
C ASN F 98 3.04 -28.38 37.40
N ASN F 99 3.59 -27.35 38.04
CA ASN F 99 3.27 -27.09 39.44
C ASN F 99 3.10 -25.60 39.74
N TYR F 100 2.61 -24.82 38.77
CA TYR F 100 2.45 -23.40 39.02
C TYR F 100 1.36 -23.10 40.04
N GLU F 101 0.38 -23.99 40.18
CA GLU F 101 -0.67 -23.80 41.17
C GLU F 101 -0.08 -23.77 42.58
N THR F 102 0.81 -24.70 42.87
CA THR F 102 1.44 -24.75 44.19
C THR F 102 2.49 -23.66 44.35
N VAL F 103 3.21 -23.34 43.28
CA VAL F 103 4.27 -22.33 43.36
C VAL F 103 3.67 -20.96 43.65
N LEU F 104 2.65 -20.56 42.88
CA LEU F 104 2.03 -19.26 43.06
C LEU F 104 0.99 -19.25 44.17
N ASN F 105 0.65 -20.42 44.72
CA ASN F 105 -0.34 -20.55 45.78
C ASN F 105 -1.66 -19.90 45.36
N LEU F 106 -2.20 -20.39 44.25
CA LEU F 106 -3.43 -19.86 43.67
C LEU F 106 -4.67 -20.23 44.47
N SER F 107 -4.55 -21.08 45.48
CA SER F 107 -5.72 -21.54 46.21
C SER F 107 -6.44 -20.39 46.92
N LEU F 108 -5.68 -19.49 47.55
CA LEU F 108 -6.26 -18.41 48.33
C LEU F 108 -6.12 -17.04 47.67
N LEU F 109 -5.67 -16.99 46.42
CA LEU F 109 -5.52 -15.72 45.73
C LEU F 109 -6.87 -15.19 45.29
N GLY F 110 -6.92 -13.88 45.04
CA GLY F 110 -8.13 -13.22 44.60
C GLY F 110 -8.57 -13.73 43.24
N PRO F 111 -9.88 -13.77 43.00
CA PRO F 111 -10.40 -14.40 41.78
C PRO F 111 -9.87 -13.78 40.50
N ALA F 112 -9.62 -12.46 40.48
CA ALA F 112 -9.03 -11.84 39.30
C ALA F 112 -7.63 -12.39 39.05
N GLU F 113 -6.83 -12.52 40.12
CA GLU F 113 -5.49 -13.07 39.99
C GLU F 113 -5.53 -14.53 39.52
N ARG F 114 -6.46 -15.31 40.08
CA ARG F 114 -6.62 -16.69 39.65
C ARG F 114 -6.95 -16.78 38.17
N LEU F 115 -7.93 -15.98 37.73
CA LEU F 115 -8.30 -15.96 36.32
C LEU F 115 -7.11 -15.58 35.44
N VAL F 116 -6.41 -14.51 35.80
CA VAL F 116 -5.31 -14.04 34.97
C VAL F 116 -4.23 -15.12 34.85
N PHE F 117 -3.84 -15.71 35.98
CA PHE F 117 -2.79 -16.73 35.95
C PHE F 117 -3.24 -17.96 35.17
N TYR F 118 -4.49 -18.39 35.38
CA TYR F 118 -4.97 -19.60 34.72
C TYR F 118 -5.04 -19.43 33.21
N MET F 119 -5.53 -18.29 32.73
CA MET F 119 -5.59 -18.13 31.27
C MET F 119 -4.26 -17.70 30.69
N ILE F 120 -3.30 -17.26 31.51
CA ILE F 120 -1.93 -17.17 31.05
C ILE F 120 -1.35 -18.55 30.82
N TYR F 121 -1.61 -19.48 31.74
CA TYR F 121 -1.16 -20.86 31.56
C TYR F 121 -2.11 -21.69 30.71
N ASP F 122 -3.29 -21.16 30.38
CA ASP F 122 -4.20 -21.73 29.38
C ASP F 122 -4.62 -23.15 29.75
N ASN F 123 -5.36 -23.23 30.86
CA ASN F 123 -6.03 -24.47 31.28
C ASN F 123 -7.55 -24.23 31.38
N LYS F 124 -8.28 -24.67 30.35
CA LYS F 124 -9.63 -24.18 30.10
C LYS F 124 -10.55 -24.38 31.30
N GLU F 125 -10.54 -25.58 31.89
CA GLU F 125 -11.53 -25.92 32.92
C GLU F 125 -11.42 -25.01 34.13
N LYS F 126 -10.22 -24.52 34.44
CA LYS F 126 -10.06 -23.70 35.64
C LYS F 126 -10.79 -22.36 35.50
N GLN F 127 -10.54 -21.63 34.41
CA GLN F 127 -11.30 -20.40 34.25
C GLN F 127 -12.76 -20.65 33.92
N ASN F 128 -13.09 -21.83 33.38
CA ASN F 128 -14.50 -22.19 33.24
C ASN F 128 -15.20 -22.25 34.59
N GLU F 129 -14.60 -22.95 35.56
CA GLU F 129 -15.23 -23.03 36.88
C GLU F 129 -15.13 -21.69 37.61
N ILE F 130 -14.11 -20.89 37.30
CA ILE F 130 -14.09 -19.52 37.83
C ILE F 130 -15.28 -18.73 37.33
N CYS F 131 -15.62 -18.86 36.05
CA CYS F 131 -16.80 -18.19 35.52
C CYS F 131 -18.07 -18.72 36.17
N GLN F 132 -18.15 -20.03 36.37
CA GLN F 132 -19.33 -20.60 37.01
C GLN F 132 -19.51 -20.07 38.42
N GLN F 133 -18.43 -19.97 39.19
CA GLN F 133 -18.52 -19.43 40.55
C GLN F 133 -18.66 -17.91 40.55
N LEU F 134 -18.28 -17.24 39.47
CA LEU F 134 -18.38 -15.80 39.33
C LEU F 134 -19.74 -15.35 38.81
N ARG F 135 -20.56 -16.31 38.35
CA ARG F 135 -21.90 -15.98 37.89
C ARG F 135 -22.70 -15.25 38.96
N MET F 136 -22.51 -15.61 40.23
CA MET F 136 -23.24 -14.94 41.30
C MET F 136 -22.84 -13.47 41.41
N TYR F 137 -21.54 -13.18 41.30
CA TYR F 137 -21.09 -11.80 41.27
C TYR F 137 -21.56 -11.09 40.00
N GLU F 138 -21.77 -11.84 38.92
CA GLU F 138 -22.07 -11.24 37.62
C GLU F 138 -23.32 -10.37 37.65
N ARG F 139 -24.30 -10.70 38.50
CA ARG F 139 -25.53 -9.93 38.54
C ARG F 139 -25.33 -8.53 39.09
N PHE F 140 -24.27 -8.29 39.85
CA PHE F 140 -23.97 -6.96 40.36
C PHE F 140 -23.09 -6.14 39.41
N ARG F 141 -22.08 -6.77 38.80
CA ARG F 141 -21.10 -6.08 37.97
C ARG F 141 -20.96 -6.82 36.65
N PRO F 142 -21.94 -6.69 35.75
CA PRO F 142 -21.92 -7.47 34.51
C PRO F 142 -21.05 -6.91 33.40
N GLU F 143 -20.21 -5.91 33.67
CA GLU F 143 -19.42 -5.28 32.62
C GLU F 143 -17.91 -5.36 32.84
N VAL F 144 -17.44 -5.51 34.07
CA VAL F 144 -16.01 -5.53 34.32
C VAL F 144 -15.36 -6.82 33.80
N VAL F 145 -16.10 -7.93 33.84
CA VAL F 145 -15.51 -9.23 33.49
C VAL F 145 -15.10 -9.26 32.02
N GLU F 146 -15.99 -8.80 31.13
CA GLU F 146 -15.70 -8.87 29.70
C GLU F 146 -14.53 -7.96 29.34
N GLU F 147 -14.49 -6.74 29.88
CA GLU F 147 -13.39 -5.84 29.55
C GLU F 147 -12.07 -6.33 30.14
N LEU F 148 -12.11 -6.90 31.35
CA LEU F 148 -10.92 -7.49 31.93
C LEU F 148 -10.38 -8.63 31.07
N TYR F 149 -11.27 -9.53 30.65
CA TYR F 149 -10.86 -10.64 29.80
C TYR F 149 -10.30 -10.14 28.48
N ASN F 150 -10.95 -9.14 27.88
CA ASN F 150 -10.49 -8.60 26.61
C ASN F 150 -9.10 -7.98 26.74
N SER F 151 -8.88 -7.19 27.79
CA SER F 151 -7.59 -6.54 27.97
C SER F 151 -6.49 -7.57 28.22
N THR F 152 -6.75 -8.56 29.07
CA THR F 152 -5.73 -9.55 29.36
C THR F 152 -5.45 -10.41 28.12
N LEU F 153 -6.50 -10.78 27.38
CA LEU F 153 -6.32 -11.58 26.18
C LEU F 153 -5.55 -10.82 25.11
N ARG F 154 -5.81 -9.52 24.96
CA ARG F 154 -5.06 -8.75 23.98
C ARG F 154 -3.61 -8.56 24.41
N VAL F 155 -3.35 -8.47 25.71
CA VAL F 155 -1.96 -8.43 26.18
C VAL F 155 -1.25 -9.75 25.85
N LEU F 156 -1.92 -10.87 26.12
CA LEU F 156 -1.33 -12.17 25.76
C LEU F 156 -1.10 -12.29 24.26
N ALA F 157 -2.05 -11.80 23.45
CA ALA F 157 -1.86 -11.84 22.01
C ALA F 157 -0.69 -10.98 21.57
N LEU F 158 -0.53 -9.81 22.20
CA LEU F 158 0.59 -8.94 21.87
C LEU F 158 1.93 -9.60 22.23
N THR F 159 1.98 -10.28 23.37
CA THR F 159 3.19 -11.00 23.75
C THR F 159 3.28 -12.38 23.12
N ASN F 160 2.27 -12.79 22.36
CA ASN F 160 2.29 -14.09 21.69
C ASN F 160 3.21 -14.01 20.46
N PRO F 161 4.21 -14.89 20.34
CA PRO F 161 5.04 -14.87 19.13
C PRO F 161 4.26 -15.11 17.85
N ASP F 162 3.19 -15.90 17.90
CA ASP F 162 2.34 -16.14 16.75
C ASP F 162 0.96 -15.51 16.95
N ALA F 163 0.57 -14.67 15.99
CA ALA F 163 -0.71 -13.96 16.04
C ALA F 163 -0.97 -13.45 14.63
N TYR F 164 -1.97 -12.56 14.49
CA TYR F 164 -2.16 -11.87 13.21
C TYR F 164 -0.91 -11.08 12.83
N CYS F 165 -0.56 -10.08 13.62
CA CYS F 165 0.64 -9.29 13.31
C CYS F 165 1.90 -10.13 13.45
N ALA F 166 2.03 -10.86 14.56
CA ALA F 166 3.16 -11.76 14.81
C ALA F 166 4.50 -11.05 14.56
N GLN F 167 4.67 -9.92 15.24
CA GLN F 167 5.90 -9.15 15.10
C GLN F 167 7.09 -9.98 15.57
N THR F 168 7.93 -10.37 14.60
CA THR F 168 9.04 -11.28 14.87
C THR F 168 10.35 -10.60 14.49
N ASN F 169 11.34 -10.71 15.38
CA ASN F 169 12.68 -10.19 15.16
C ASN F 169 13.64 -11.38 15.22
N THR F 170 13.87 -12.00 14.07
CA THR F 170 14.71 -13.20 14.03
C THR F 170 16.18 -12.85 14.27
N ASN F 171 16.55 -11.58 14.11
CA ASN F 171 17.94 -11.17 14.31
C ASN F 171 18.43 -11.44 15.73
N GLU F 172 17.61 -11.15 16.74
CA GLU F 172 17.95 -11.55 18.11
C GLU F 172 17.70 -13.03 18.30
N SER F 173 18.68 -13.74 18.85
CA SER F 173 18.56 -15.15 19.17
C SER F 173 18.97 -15.36 20.62
N ARG F 174 18.22 -16.20 21.33
CA ARG F 174 18.50 -16.49 22.73
C ARG F 174 18.77 -17.98 22.90
N SER F 175 19.89 -18.31 23.54
CA SER F 175 20.25 -19.68 23.89
C SER F 175 20.23 -19.83 25.40
N PHE F 176 19.59 -20.89 25.88
CA PHE F 176 19.44 -21.13 27.31
C PHE F 176 20.17 -22.39 27.73
N GLY F 177 21.37 -22.59 27.20
CA GLY F 177 22.17 -23.75 27.54
C GLY F 177 22.62 -24.53 26.31
N LEU F 178 23.69 -25.30 26.46
CA LEU F 178 24.21 -26.14 25.38
C LEU F 178 23.62 -27.53 25.39
N SER F 179 22.70 -27.83 26.30
CA SER F 179 22.10 -29.15 26.42
C SER F 179 20.73 -29.17 25.77
N VAL F 180 20.34 -30.36 25.29
CA VAL F 180 19.08 -30.52 24.59
C VAL F 180 17.90 -30.36 25.55
N GLU F 181 18.02 -30.88 26.77
CA GLU F 181 16.90 -30.84 27.70
C GLU F 181 16.51 -29.41 28.06
N ASP F 182 17.50 -28.52 28.20
CA ASP F 182 17.20 -27.16 28.66
C ASP F 182 16.32 -26.42 27.66
N ASP F 183 16.73 -26.37 26.39
CA ASP F 183 15.93 -25.64 25.41
C ASP F 183 14.67 -26.41 25.01
N LEU F 184 14.71 -27.74 25.03
CA LEU F 184 13.50 -28.51 24.74
C LEU F 184 12.45 -28.26 25.82
N ALA F 185 12.86 -28.13 27.08
CA ALA F 185 11.92 -27.77 28.14
C ALA F 185 11.47 -26.32 28.00
N PHE F 186 12.40 -25.42 27.68
CA PHE F 186 12.04 -24.02 27.52
C PHE F 186 11.04 -23.81 26.39
N ASN F 187 11.03 -24.71 25.40
CA ASN F 187 10.11 -24.56 24.28
C ASN F 187 8.65 -24.66 24.73
N VAL F 188 8.37 -25.54 25.69
CA VAL F 188 6.97 -25.81 26.06
C VAL F 188 6.43 -24.84 27.10
N LEU F 189 7.20 -23.83 27.51
CA LEU F 189 6.68 -22.80 28.40
C LEU F 189 5.63 -21.95 27.67
N PRO F 190 4.72 -21.33 28.41
CA PRO F 190 3.72 -20.47 27.78
C PRO F 190 4.37 -19.27 27.09
N THR F 191 3.64 -18.72 26.13
CA THR F 191 4.18 -17.65 25.29
C THR F 191 4.56 -16.43 26.13
N PHE F 192 3.68 -16.00 27.03
CA PHE F 192 4.00 -14.89 27.91
C PHE F 192 5.15 -15.25 28.85
N ILE F 193 5.15 -16.48 29.36
CA ILE F 193 6.25 -16.93 30.22
C ILE F 193 7.56 -16.94 29.44
N GLN F 194 7.52 -17.40 28.19
CA GLN F 194 8.72 -17.40 27.36
C GLN F 194 9.22 -15.98 27.12
N ASN F 195 8.31 -15.05 26.82
CA ASN F 195 8.70 -13.68 26.58
C ASN F 195 9.32 -13.06 27.83
N LEU F 196 8.72 -13.33 29.00
CA LEU F 196 9.26 -12.80 30.25
C LEU F 196 10.64 -13.40 30.55
N ILE F 197 10.80 -14.71 30.31
CA ILE F 197 12.06 -15.37 30.62
C ILE F 197 13.18 -14.88 29.70
N ARG F 198 12.88 -14.75 28.40
CA ARG F 198 13.91 -14.32 27.46
C ARG F 198 14.42 -12.92 27.77
N LYS F 199 13.60 -12.08 28.39
CA LYS F 199 13.94 -10.68 28.62
C LYS F 199 14.09 -10.35 30.10
N CYS F 200 14.40 -11.35 30.94
CA CYS F 200 14.74 -11.12 32.33
C CYS F 200 16.11 -11.62 32.71
N VAL F 201 16.65 -12.61 31.99
CA VAL F 201 17.96 -13.18 32.27
C VAL F 201 18.97 -12.55 31.32
N ALA F 202 20.06 -12.04 31.88
CA ALA F 202 21.11 -11.47 31.04
C ALA F 202 21.91 -12.58 30.37
N PRO F 203 22.39 -12.35 29.16
CA PRO F 203 23.21 -13.37 28.49
C PRO F 203 24.54 -13.57 29.18
N GLU F 204 25.03 -14.81 29.15
CA GLU F 204 26.38 -15.09 29.64
C GLU F 204 27.42 -14.39 28.79
N SER F 205 27.26 -14.45 27.47
CA SER F 205 28.17 -13.82 26.52
C SER F 205 27.34 -13.17 25.43
N LEU F 206 27.21 -11.84 25.49
CA LEU F 206 26.43 -11.11 24.50
C LEU F 206 27.19 -11.07 23.18
N THR F 207 26.76 -11.84 22.21
CA THR F 207 27.38 -11.86 20.88
C THR F 207 26.70 -10.80 20.03
N ILE F 208 27.39 -9.69 19.82
CA ILE F 208 26.83 -8.54 19.10
C ILE F 208 27.72 -8.25 17.90
N GLY F 209 27.10 -8.07 16.74
CA GLY F 209 27.84 -7.78 15.53
C GLY F 209 28.78 -8.93 15.21
N THR F 210 30.08 -8.62 15.12
CA THR F 210 31.11 -9.61 14.87
C THR F 210 31.97 -9.86 16.11
N GLU F 211 31.53 -9.43 17.29
CA GLU F 211 32.31 -9.58 18.51
C GLU F 211 31.44 -10.17 19.61
N ASP F 212 32.08 -10.58 20.70
CA ASP F 212 31.42 -11.13 21.87
C ASP F 212 31.87 -10.38 23.11
N LEU F 213 30.91 -9.94 23.92
CA LEU F 213 31.17 -9.28 25.20
C LEU F 213 30.81 -10.25 26.30
N GLN F 214 31.82 -10.69 27.06
CA GLN F 214 31.62 -11.64 28.15
C GLN F 214 31.08 -10.89 29.36
N LEU F 215 29.76 -10.85 29.47
CA LEU F 215 29.14 -10.18 30.61
C LEU F 215 29.40 -10.94 31.91
N ARG F 216 29.30 -12.27 31.87
CA ARG F 216 29.52 -13.08 33.06
C ARG F 216 29.89 -14.50 32.62
N ASN F 217 30.83 -15.10 33.34
CA ASN F 217 31.28 -16.46 33.05
C ASN F 217 30.55 -17.52 33.87
N CYS F 218 29.61 -17.11 34.71
CA CYS F 218 28.90 -18.03 35.58
C CYS F 218 27.40 -17.75 35.53
N ASN F 219 26.61 -18.82 35.55
CA ASN F 219 25.17 -18.72 35.50
C ASN F 219 24.60 -18.56 36.91
N THR F 220 23.62 -17.66 37.05
CA THR F 220 22.99 -17.38 38.32
C THR F 220 21.59 -17.97 38.43
N CYS F 221 21.17 -18.76 37.44
CA CYS F 221 19.84 -19.38 37.45
C CYS F 221 19.91 -20.65 36.61
N ARG F 222 18.76 -21.24 36.33
CA ARG F 222 18.67 -22.45 35.53
C ARG F 222 17.28 -22.56 34.93
N ILE F 223 17.22 -23.05 33.69
CA ILE F 223 15.95 -23.30 33.01
C ILE F 223 15.77 -24.81 32.92
N THR F 224 14.70 -25.32 33.54
CA THR F 224 14.40 -26.74 33.55
C THR F 224 12.95 -26.99 33.19
N SER F 225 12.51 -28.25 33.28
CA SER F 225 11.15 -28.62 32.88
C SER F 225 10.09 -27.90 33.69
N GLU F 226 10.38 -27.53 34.93
CA GLU F 226 9.42 -26.82 35.76
C GLU F 226 9.56 -25.31 35.65
N GLY F 227 10.52 -24.80 34.89
CA GLY F 227 10.62 -23.37 34.66
C GLY F 227 11.96 -22.75 35.00
N LEU F 228 11.93 -21.50 35.45
CA LEU F 228 13.15 -20.75 35.76
C LEU F 228 13.37 -20.79 37.28
N LEU F 229 14.55 -21.27 37.68
CA LEU F 229 14.88 -21.48 39.08
C LEU F 229 16.18 -20.74 39.42
N ALA F 230 16.32 -20.39 40.70
CA ALA F 230 17.59 -19.91 41.24
C ALA F 230 18.34 -21.12 41.79
N SER F 231 18.87 -21.92 40.87
CA SER F 231 19.50 -23.18 41.25
C SER F 231 20.72 -22.97 42.13
N VAL F 232 21.55 -21.98 41.79
CA VAL F 232 22.77 -21.72 42.56
C VAL F 232 22.41 -21.06 43.88
N ARG F 233 23.09 -21.48 44.95
CA ARG F 233 22.89 -20.90 46.28
C ARG F 233 23.70 -19.61 46.46
N LEU F 234 23.57 -18.70 45.51
CA LEU F 234 24.21 -17.40 45.65
C LEU F 234 23.58 -16.64 46.81
N TYR F 235 24.42 -15.99 47.61
CA TYR F 235 23.94 -15.33 48.82
C TYR F 235 23.21 -14.04 48.47
N ASN F 236 21.94 -13.96 48.85
CA ASN F 236 21.10 -12.80 48.60
C ASN F 236 20.48 -12.34 49.91
N SER F 237 20.51 -11.02 50.16
CA SER F 237 19.93 -10.48 51.39
C SER F 237 19.28 -9.12 51.17
N VAL F 238 18.73 -8.88 49.98
CA VAL F 238 18.05 -7.61 49.70
C VAL F 238 16.58 -7.76 50.10
N GLN F 239 16.03 -6.69 50.68
CA GLN F 239 14.63 -6.75 51.07
C GLN F 239 13.75 -6.11 49.98
N PRO F 240 12.60 -6.70 49.66
CA PRO F 240 11.72 -6.12 48.66
C PRO F 240 11.06 -4.85 49.18
N LYS F 241 11.15 -3.78 48.40
CA LYS F 241 10.54 -2.50 48.77
C LYS F 241 9.07 -2.42 48.39
N TYR F 242 8.56 -3.42 47.68
CA TYR F 242 7.13 -3.49 47.33
C TYR F 242 6.50 -4.73 47.92
N LEU F 243 6.73 -4.96 49.21
CA LEU F 243 6.24 -6.16 49.88
C LEU F 243 4.71 -6.19 49.88
N TYR F 244 4.17 -7.38 50.16
CA TYR F 244 2.72 -7.56 50.13
C TYR F 244 2.04 -6.72 51.20
N GLY F 245 2.63 -6.66 52.40
CA GLY F 245 2.19 -5.73 53.43
C GLY F 245 0.81 -5.99 53.99
N VAL F 246 0.23 -7.15 53.74
CA VAL F 246 -1.10 -7.47 54.25
C VAL F 246 -1.00 -7.96 55.69
N ASN F 247 -1.97 -7.56 56.51
CA ASN F 247 -2.07 -8.01 57.89
C ASN F 247 -1.99 -9.53 57.96
N GLU F 248 -0.94 -10.05 58.61
CA GLU F 248 -0.62 -11.47 58.57
C GLU F 248 -1.06 -12.12 59.88
N ASN F 249 -2.32 -12.54 59.94
CA ASN F 249 -2.76 -13.41 61.02
C ASN F 249 -2.26 -14.84 60.82
N ARG F 250 -1.78 -15.14 59.62
CA ARG F 250 -1.17 -16.42 59.30
C ARG F 250 0.35 -16.21 59.29
N LEU F 251 1.04 -16.84 60.24
CA LEU F 251 2.42 -16.50 60.56
C LEU F 251 3.39 -17.37 59.77
N GLN F 252 4.34 -16.71 59.09
CA GLN F 252 5.42 -17.37 58.39
C GLN F 252 6.73 -17.10 59.13
N ILE F 253 7.21 -18.09 59.87
CA ILE F 253 8.46 -17.97 60.64
C ILE F 253 9.61 -18.42 59.75
N ARG F 254 10.71 -17.67 59.79
CA ARG F 254 11.86 -17.91 58.94
C ARG F 254 13.14 -17.84 59.76
N ASN F 255 14.18 -18.52 59.27
CA ASN F 255 15.46 -18.60 59.95
C ASN F 255 16.34 -17.44 59.45
N VAL F 256 16.37 -16.36 60.22
CA VAL F 256 17.12 -15.17 59.85
C VAL F 256 18.57 -15.32 60.31
N LEU F 257 19.50 -14.84 59.49
CA LEU F 257 20.92 -14.84 59.82
C LEU F 257 21.34 -13.42 60.17
N GLN F 258 21.86 -13.23 61.39
CA GLN F 258 22.23 -11.92 61.89
C GLN F 258 23.59 -12.00 62.57
N PHE F 259 24.42 -10.98 62.34
CA PHE F 259 25.69 -10.85 63.03
C PHE F 259 25.73 -9.53 63.80
N GLN F 260 26.46 -9.55 64.92
CA GLN F 260 26.67 -8.37 65.73
C GLN F 260 27.91 -7.63 65.25
N GLY F 261 28.13 -6.44 65.80
CA GLY F 261 29.31 -5.68 65.45
C GLY F 261 29.33 -4.36 66.18
N ASN F 262 30.54 -3.82 66.31
CA ASN F 262 30.76 -2.52 66.91
C ASN F 262 31.02 -1.50 65.80
N ALA F 263 31.41 -0.29 66.20
CA ALA F 263 31.75 0.74 65.22
C ALA F 263 33.00 0.37 64.43
N ASN F 264 33.91 -0.39 65.04
CA ASN F 264 35.13 -0.79 64.33
C ASN F 264 34.84 -1.85 63.27
N ALA F 265 34.05 -2.86 63.62
CA ALA F 265 33.69 -3.89 62.64
C ALA F 265 32.82 -3.32 61.53
N LEU F 266 31.92 -2.38 61.87
CA LEU F 266 31.11 -1.69 60.87
C LEU F 266 31.95 -0.51 60.36
N GLN F 267 32.84 -0.82 59.42
CA GLN F 267 33.80 0.18 58.95
C GLN F 267 33.11 1.25 58.11
N GLN F 268 32.71 2.35 58.76
CA GLN F 268 32.12 3.48 58.05
C GLN F 268 33.12 4.16 57.13
N LYS F 269 34.42 4.12 57.48
CA LYS F 269 35.43 4.76 56.65
C LYS F 269 35.56 4.11 55.29
N LEU F 270 35.09 2.87 55.14
CA LEU F 270 35.12 2.22 53.84
C LEU F 270 33.98 2.66 52.95
N SER F 271 33.04 3.45 53.47
CA SER F 271 31.84 3.81 52.71
C SER F 271 32.10 4.85 51.63
N ARG F 272 33.22 5.57 51.67
CA ARG F 272 33.45 6.62 50.68
C ARG F 272 33.61 6.05 49.27
N TYR F 273 34.20 4.87 49.15
CA TYR F 273 34.27 4.21 47.85
C TYR F 273 32.85 3.88 47.39
N GLU F 274 32.61 3.98 46.09
CA GLU F 274 31.29 3.65 45.56
C GLU F 274 30.98 2.18 45.86
N LEU F 275 29.76 1.94 46.33
CA LEU F 275 29.41 0.64 46.86
C LEU F 275 29.19 -0.38 45.75
N TYR F 276 29.58 -1.62 46.03
CA TYR F 276 29.33 -2.77 45.15
C TYR F 276 28.39 -3.70 45.91
N GLN F 277 27.09 -3.48 45.75
CA GLN F 277 26.10 -4.27 46.47
C GLN F 277 26.12 -5.72 46.01
N ILE F 278 25.91 -6.63 46.96
CA ILE F 278 25.80 -8.05 46.64
C ILE F 278 24.36 -8.27 46.20
N ASN F 279 24.13 -8.13 44.90
CA ASN F 279 22.87 -8.43 44.26
C ASN F 279 23.02 -9.68 43.42
N ILE F 280 21.89 -10.26 43.00
CA ILE F 280 21.92 -11.52 42.27
C ILE F 280 21.17 -11.32 40.95
N PRO F 281 21.78 -10.68 39.95
CA PRO F 281 21.14 -10.57 38.65
C PRO F 281 21.05 -11.92 37.96
N LEU F 282 20.03 -12.06 37.12
CA LEU F 282 19.81 -13.31 36.40
C LEU F 282 20.69 -13.33 35.17
N PHE F 283 21.68 -14.24 35.15
CA PHE F 283 22.60 -14.39 34.04
C PHE F 283 22.56 -15.83 33.56
N LEU F 284 22.22 -16.03 32.29
CA LEU F 284 22.16 -17.36 31.69
C LEU F 284 21.98 -17.22 30.19
N GLY F 285 22.56 -18.16 29.45
CA GLY F 285 22.37 -18.23 28.01
C GLY F 285 23.26 -17.27 27.26
N LYS F 286 23.19 -17.38 25.93
CA LYS F 286 23.95 -16.53 25.03
C LYS F 286 22.99 -15.76 24.13
N GLN F 287 23.25 -14.47 23.96
CA GLN F 287 22.45 -13.60 23.11
C GLN F 287 23.19 -13.37 21.81
N ILE F 288 22.69 -13.97 20.74
CA ILE F 288 23.25 -13.84 19.40
C ILE F 288 22.57 -12.64 18.75
N ILE F 289 23.34 -11.56 18.56
CA ILE F 289 22.85 -10.36 17.88
C ILE F 289 23.63 -10.18 16.59
N SER F 290 23.10 -10.69 15.48
CA SER F 290 23.74 -10.48 14.19
C SER F 290 23.78 -9.00 13.86
N THR F 291 24.92 -8.55 13.34
CA THR F 291 25.16 -7.15 13.01
C THR F 291 25.01 -6.26 14.25
N LEU G 13 -20.67 0.33 24.22
CA LEU G 13 -19.97 0.51 22.96
C LEU G 13 -20.63 1.61 22.12
N ARG G 14 -19.82 2.56 21.66
CA ARG G 14 -20.34 3.60 20.79
C ARG G 14 -20.63 3.09 19.38
N ASN G 15 -20.09 1.94 19.00
CA ASN G 15 -20.20 1.44 17.64
C ASN G 15 -20.26 -0.08 17.70
N PHE G 16 -21.47 -0.64 17.60
CA PHE G 16 -21.65 -2.08 17.56
C PHE G 16 -21.49 -2.68 16.17
N CYS G 17 -21.38 -1.84 15.13
CA CYS G 17 -21.21 -2.36 13.78
C CYS G 17 -19.87 -3.07 13.66
N VAL G 18 -19.91 -4.28 13.07
CA VAL G 18 -18.66 -4.99 12.81
C VAL G 18 -17.81 -4.25 11.79
N PHE G 19 -18.45 -3.69 10.77
CA PHE G 19 -17.76 -2.94 9.72
C PHE G 19 -17.59 -1.47 10.09
N SER G 20 -17.71 -1.14 11.39
CA SER G 20 -17.42 0.22 11.83
C SER G 20 -15.96 0.58 11.63
N SER G 21 -15.06 -0.36 11.89
CA SER G 21 -13.63 -0.15 11.65
C SER G 21 -13.27 -0.68 10.27
N VAL G 22 -13.72 0.05 9.26
CA VAL G 22 -13.37 -0.21 7.87
C VAL G 22 -12.81 1.10 7.33
N LYS G 23 -11.48 1.19 7.24
CA LYS G 23 -10.83 2.44 6.92
C LYS G 23 -9.79 2.24 5.82
N PRO G 24 -9.68 3.16 4.87
CA PRO G 24 -8.55 3.14 3.94
C PRO G 24 -7.28 3.63 4.62
N LEU G 25 -6.22 3.77 3.82
CA LEU G 25 -4.96 4.27 4.35
C LEU G 25 -5.10 5.69 4.89
N ASP G 26 -5.62 6.61 4.08
CA ASP G 26 -5.99 7.94 4.54
C ASP G 26 -7.51 7.98 4.63
N PHE G 27 -8.03 7.81 5.83
CA PHE G 27 -9.42 7.41 6.00
C PHE G 27 -10.31 8.62 6.26
N CYS G 28 -11.11 8.96 5.25
CA CYS G 28 -12.37 9.64 5.41
C CYS G 28 -13.42 8.66 4.91
N ASP G 29 -13.93 7.83 5.81
CA ASP G 29 -14.51 6.53 5.46
C ASP G 29 -15.50 6.66 4.31
N GLN G 30 -15.50 5.63 3.45
CA GLN G 30 -16.19 5.67 2.17
C GLN G 30 -17.62 6.18 2.32
N TYR G 31 -18.46 5.40 3.03
CA TYR G 31 -19.72 5.86 3.61
C TYR G 31 -20.43 6.93 2.79
N SER G 32 -20.77 6.63 1.54
CA SER G 32 -21.53 7.57 0.71
C SER G 32 -22.78 7.96 1.47
N SER G 33 -23.43 6.99 2.10
CA SER G 33 -24.42 7.22 3.12
C SER G 33 -23.80 6.94 4.48
N PRO G 34 -23.68 7.91 5.37
CA PRO G 34 -23.00 7.68 6.65
C PRO G 34 -23.72 6.63 7.48
N CYS G 35 -22.93 5.91 8.27
CA CYS G 35 -23.47 4.84 9.09
C CYS G 35 -24.53 5.38 10.04
N SER G 36 -25.66 4.68 10.09
CA SER G 36 -26.76 5.12 10.93
C SER G 36 -26.43 4.95 12.40
N SER G 37 -27.18 5.67 13.24
CA SER G 37 -27.00 5.59 14.69
C SER G 37 -27.43 4.24 15.26
N ASP G 38 -27.86 3.29 14.42
CA ASP G 38 -28.22 1.97 14.89
C ASP G 38 -27.00 1.22 15.41
N ALA G 39 -25.81 1.50 14.86
CA ALA G 39 -24.60 0.87 15.38
C ALA G 39 -24.33 1.29 16.83
N THR G 40 -24.83 2.45 17.24
CA THR G 40 -24.60 2.92 18.60
C THR G 40 -25.35 2.06 19.62
N VAL G 41 -26.56 1.63 19.29
CA VAL G 41 -27.40 0.87 20.21
C VAL G 41 -27.18 -0.61 19.99
N ASP G 42 -27.57 -1.41 21.00
CA ASP G 42 -27.40 -2.86 20.97
C ASP G 42 -28.73 -3.51 20.62
N ASP G 43 -29.04 -3.56 19.33
CA ASP G 43 -30.19 -4.32 18.87
C ASP G 43 -29.85 -5.77 18.54
N GLY G 44 -28.57 -6.13 18.54
CA GLY G 44 -28.13 -7.49 18.34
C GLY G 44 -27.66 -7.84 16.95
N TRP G 45 -28.05 -7.06 15.94
CA TRP G 45 -27.56 -7.32 14.59
C TRP G 45 -26.05 -7.10 14.50
N PHE G 46 -25.54 -6.11 15.22
CA PHE G 46 -24.13 -5.75 15.22
C PHE G 46 -23.65 -5.28 13.85
N VAL G 47 -24.58 -4.89 12.99
CA VAL G 47 -24.27 -4.29 11.69
C VAL G 47 -25.18 -3.07 11.52
N CYS G 48 -24.63 -1.99 10.96
CA CYS G 48 -25.43 -0.82 10.72
C CYS G 48 -26.32 -1.03 9.49
N GLU G 49 -27.25 -0.10 9.29
CA GLU G 49 -28.18 -0.21 8.17
C GLU G 49 -27.45 -0.15 6.84
N TYR G 50 -26.46 0.73 6.72
CA TYR G 50 -25.72 0.86 5.47
C TYR G 50 -24.99 -0.43 5.12
N HIS G 51 -24.30 -1.02 6.10
CA HIS G 51 -23.56 -2.25 5.83
C HIS G 51 -24.49 -3.43 5.60
N ALA G 52 -25.63 -3.46 6.30
CA ALA G 52 -26.60 -4.52 6.07
C ALA G 52 -27.17 -4.44 4.66
N SER G 53 -27.48 -3.24 4.19
CA SER G 53 -28.04 -3.08 2.84
C SER G 53 -26.98 -3.33 1.78
N ARG G 54 -25.75 -2.89 2.01
CA ARG G 54 -24.71 -3.01 0.99
C ARG G 54 -24.25 -4.46 0.82
N PHE G 55 -24.02 -5.17 1.93
CA PHE G 55 -23.46 -6.51 1.87
C PHE G 55 -24.55 -7.58 1.87
N PHE G 56 -25.40 -7.61 2.89
CA PHE G 56 -26.43 -8.64 3.02
C PHE G 56 -27.69 -8.32 2.23
N LYS G 57 -27.75 -7.15 1.59
CA LYS G 57 -28.87 -6.76 0.73
C LYS G 57 -30.20 -6.81 1.48
N MET G 58 -30.19 -6.33 2.72
CA MET G 58 -31.41 -6.26 3.51
C MET G 58 -31.39 -5.01 4.36
N GLU G 59 -32.59 -4.53 4.70
CA GLU G 59 -32.78 -3.39 5.57
C GLU G 59 -33.40 -3.86 6.88
N LYS G 60 -33.60 -2.91 7.80
CA LYS G 60 -34.09 -3.20 9.14
C LYS G 60 -35.50 -2.64 9.31
N LEU G 61 -36.40 -3.43 9.89
CA LEU G 61 -37.77 -3.03 10.09
C LEU G 61 -38.19 -3.29 11.53
N ALA G 62 -39.01 -2.39 12.06
CA ALA G 62 -39.51 -2.49 13.44
C ALA G 62 -40.84 -3.23 13.41
N LEU G 63 -40.80 -4.52 13.73
CA LEU G 63 -41.99 -5.36 13.79
C LEU G 63 -42.76 -5.01 15.06
N ALA G 64 -43.95 -4.45 14.89
CA ALA G 64 -44.79 -4.04 16.02
C ALA G 64 -45.93 -5.03 16.19
N ILE G 65 -46.12 -5.52 17.41
CA ILE G 65 -47.15 -6.51 17.71
C ILE G 65 -48.20 -5.90 18.62
N PRO G 66 -49.34 -5.45 18.10
CA PRO G 66 -50.38 -4.89 18.96
C PRO G 66 -51.07 -5.97 19.78
N ASP G 67 -51.65 -5.56 20.90
CA ASP G 67 -52.36 -6.47 21.79
C ASP G 67 -53.72 -5.93 22.22
N GLY G 68 -54.17 -4.80 21.68
CA GLY G 68 -55.46 -4.24 22.01
C GLY G 68 -55.46 -3.13 23.04
N THR G 69 -54.28 -2.65 23.44
CA THR G 69 -54.18 -1.58 24.42
C THR G 69 -53.45 -0.36 23.90
N GLY G 70 -52.40 -0.53 23.11
CA GLY G 70 -51.64 0.59 22.59
C GLY G 70 -50.14 0.35 22.59
N ASN G 71 -49.66 -0.42 23.56
CA ASN G 71 -48.25 -0.80 23.60
C ASN G 71 -48.00 -1.96 22.64
N ASN G 72 -46.84 -1.93 21.99
CA ASN G 72 -46.48 -2.92 20.99
C ASN G 72 -45.18 -3.61 21.38
N TYR G 73 -45.17 -4.93 21.32
CA TYR G 73 -43.97 -5.72 21.60
C TYR G 73 -43.04 -5.57 20.39
N TYR G 74 -42.20 -4.54 20.42
CA TYR G 74 -41.33 -4.25 19.30
C TYR G 74 -40.29 -5.34 19.09
N ARG G 75 -39.90 -5.52 17.83
CA ARG G 75 -38.91 -6.52 17.46
C ARG G 75 -38.19 -6.01 16.21
N THR G 76 -37.03 -6.60 15.92
CA THR G 76 -36.28 -6.26 14.73
C THR G 76 -36.42 -7.38 13.70
N VAL G 77 -36.68 -7.00 12.45
CA VAL G 77 -36.85 -7.97 11.37
C VAL G 77 -36.11 -7.47 10.14
N GLY G 78 -35.76 -8.42 9.27
CA GLY G 78 -35.07 -8.09 8.03
C GLY G 78 -36.05 -7.84 6.89
N LYS G 79 -35.74 -6.83 6.09
CA LYS G 79 -36.55 -6.43 4.95
C LYS G 79 -35.75 -6.72 3.68
N SER G 80 -36.32 -7.55 2.80
CA SER G 80 -35.62 -7.97 1.59
C SER G 80 -35.47 -6.82 0.62
N LEU G 81 -34.30 -6.76 -0.04
CA LEU G 81 -34.02 -5.74 -1.04
C LEU G 81 -33.83 -6.31 -2.43
N VAL G 82 -33.87 -7.63 -2.59
CA VAL G 82 -33.72 -8.26 -3.90
C VAL G 82 -35.06 -8.22 -4.62
N ASP G 83 -35.00 -8.24 -5.94
CA ASP G 83 -36.18 -8.18 -6.78
C ASP G 83 -36.61 -9.59 -7.19
N ASP G 84 -37.89 -9.72 -7.56
CA ASP G 84 -38.41 -11.01 -7.99
C ASP G 84 -37.77 -11.47 -9.30
N LYS G 85 -37.31 -10.53 -10.12
CA LYS G 85 -36.69 -10.88 -11.40
C LYS G 85 -35.30 -11.50 -11.25
N ALA G 86 -34.69 -11.40 -10.07
CA ALA G 86 -33.32 -11.87 -9.87
C ALA G 86 -33.24 -13.39 -9.88
N GLU G 87 -32.05 -13.90 -10.21
CA GLU G 87 -31.71 -15.31 -10.19
C GLU G 87 -30.21 -15.46 -9.90
N GLY G 88 -29.84 -16.57 -9.28
CA GLY G 88 -28.44 -16.90 -9.09
C GLY G 88 -27.87 -16.53 -7.74
N ILE G 89 -26.60 -16.08 -7.74
CA ILE G 89 -25.94 -15.66 -6.51
C ILE G 89 -26.49 -14.32 -6.02
N GLU G 90 -27.37 -13.69 -6.80
CA GLU G 90 -27.94 -12.40 -6.38
C GLU G 90 -29.11 -12.58 -5.42
N ARG G 91 -29.82 -13.70 -5.48
CA ARG G 91 -31.00 -13.92 -4.64
C ARG G 91 -30.67 -14.33 -3.22
N ILE G 92 -29.42 -14.64 -2.92
CA ILE G 92 -29.02 -15.05 -1.57
C ILE G 92 -28.82 -13.81 -0.71
N LEU G 93 -29.51 -13.78 0.43
CA LEU G 93 -29.37 -12.63 1.32
C LEU G 93 -28.11 -12.74 2.17
N ILE G 94 -27.83 -13.93 2.70
CA ILE G 94 -26.66 -14.16 3.55
C ILE G 94 -25.98 -15.45 3.10
N PRO G 95 -24.71 -15.41 2.69
CA PRO G 95 -24.03 -16.62 2.23
C PRO G 95 -23.39 -17.40 3.37
N SER G 96 -23.08 -18.65 3.07
CA SER G 96 -22.37 -19.53 3.99
C SER G 96 -20.91 -19.65 3.56
N GLN G 97 -20.17 -20.55 4.21
CA GLN G 97 -18.76 -20.72 3.89
C GLN G 97 -18.53 -21.25 2.48
N ASN G 98 -19.56 -21.81 1.85
CA ASN G 98 -19.38 -22.47 0.56
C ASN G 98 -19.00 -21.47 -0.53
N ASN G 99 -19.76 -20.37 -0.66
CA ASN G 99 -19.56 -19.47 -1.78
C ASN G 99 -19.70 -18.00 -1.38
N TYR G 100 -19.31 -17.65 -0.14
CA TYR G 100 -19.45 -16.27 0.30
C TYR G 100 -18.48 -15.35 -0.44
N GLU G 101 -17.35 -15.88 -0.91
CA GLU G 101 -16.40 -15.06 -1.66
C GLU G 101 -17.04 -14.52 -2.93
N THR G 102 -17.76 -15.36 -3.66
CA THR G 102 -18.43 -14.93 -4.89
C THR G 102 -19.68 -14.11 -4.59
N VAL G 103 -20.40 -14.45 -3.52
CA VAL G 103 -21.62 -13.73 -3.18
C VAL G 103 -21.31 -12.29 -2.78
N LEU G 104 -20.35 -12.11 -1.88
CA LEU G 104 -20.00 -10.77 -1.42
C LEU G 104 -19.04 -10.06 -2.36
N ASN G 105 -18.50 -10.77 -3.36
CA ASN G 105 -17.55 -10.21 -4.32
C ASN G 105 -16.35 -9.58 -3.59
N LEU G 106 -15.68 -10.42 -2.80
CA LEU G 106 -14.56 -9.97 -1.99
C LEU G 106 -13.31 -9.70 -2.81
N SER G 107 -13.31 -10.01 -4.11
CA SER G 107 -12.10 -9.86 -4.91
C SER G 107 -11.66 -8.40 -4.99
N LEU G 108 -12.60 -7.48 -5.18
CA LEU G 108 -12.27 -6.07 -5.37
C LEU G 108 -12.63 -5.21 -4.17
N LEU G 109 -13.03 -5.82 -3.06
CA LEU G 109 -13.39 -5.05 -1.88
C LEU G 109 -12.14 -4.51 -1.18
N GLY G 110 -12.33 -3.48 -0.37
CA GLY G 110 -11.25 -2.88 0.38
C GLY G 110 -10.66 -3.84 1.38
N PRO G 111 -9.35 -3.72 1.63
CA PRO G 111 -8.66 -4.74 2.46
C PRO G 111 -9.25 -4.86 3.86
N ALA G 112 -9.73 -3.77 4.46
CA ALA G 112 -10.39 -3.88 5.76
C ALA G 112 -11.65 -4.73 5.68
N GLU G 113 -12.45 -4.52 4.63
CA GLU G 113 -13.66 -5.32 4.43
C GLU G 113 -13.32 -6.79 4.21
N ARG G 114 -12.29 -7.05 3.39
CA ARG G 114 -11.84 -8.42 3.15
C ARG G 114 -11.43 -9.09 4.45
N LEU G 115 -10.61 -8.40 5.25
CA LEU G 115 -10.19 -8.96 6.53
C LEU G 115 -11.38 -9.25 7.43
N VAL G 116 -12.30 -8.28 7.56
CA VAL G 116 -13.42 -8.46 8.47
C VAL G 116 -14.26 -9.65 8.05
N PHE G 117 -14.58 -9.74 6.75
CA PHE G 117 -15.42 -10.84 6.28
C PHE G 117 -14.71 -12.18 6.43
N TYR G 118 -13.42 -12.23 6.10
CA TYR G 118 -12.68 -13.49 6.17
C TYR G 118 -12.57 -14.01 7.60
N MET G 119 -12.29 -13.13 8.56
CA MET G 119 -12.20 -13.64 9.93
C MET G 119 -13.56 -13.78 10.59
N ILE G 120 -14.62 -13.21 10.02
CA ILE G 120 -15.96 -13.59 10.41
C ILE G 120 -16.26 -15.02 9.96
N TYR G 121 -15.86 -15.36 8.73
CA TYR G 121 -16.04 -16.72 8.25
C TYR G 121 -14.90 -17.66 8.67
N ASP G 122 -13.84 -17.12 9.27
CA ASP G 122 -12.79 -17.88 9.94
C ASP G 122 -12.12 -18.88 8.99
N ASN G 123 -11.44 -18.32 8.00
CA ASN G 123 -10.55 -19.08 7.11
C ASN G 123 -9.13 -18.54 7.18
N LYS G 124 -8.27 -19.25 7.94
CA LYS G 124 -7.03 -18.67 8.44
C LYS G 124 -6.14 -18.13 7.32
N GLU G 125 -5.95 -18.92 6.25
CA GLU G 125 -4.97 -18.57 5.24
C GLU G 125 -5.30 -17.25 4.55
N LYS G 126 -6.58 -16.90 4.43
CA LYS G 126 -6.95 -15.68 3.74
C LYS G 126 -6.49 -14.44 4.49
N GLN G 127 -6.81 -14.34 5.78
CA GLN G 127 -6.30 -13.19 6.53
C GLN G 127 -4.80 -13.28 6.76
N ASN G 128 -4.24 -14.49 6.72
CA ASN G 128 -2.77 -14.60 6.76
C ASN G 128 -2.14 -13.91 5.56
N GLU G 129 -2.64 -14.20 4.35
CA GLU G 129 -2.07 -13.56 3.17
C GLU G 129 -2.45 -12.07 3.12
N ILE G 130 -3.58 -11.71 3.70
CA ILE G 130 -3.90 -10.29 3.85
C ILE G 130 -2.85 -9.59 4.70
N CYS G 131 -2.45 -10.22 5.80
CA CYS G 131 -1.38 -9.65 6.63
C CYS G 131 -0.06 -9.57 5.87
N GLN G 132 0.25 -10.62 5.11
CA GLN G 132 1.49 -10.61 4.32
C GLN G 132 1.50 -9.46 3.32
N GLN G 133 0.38 -9.24 2.63
CA GLN G 133 0.30 -8.14 1.66
C GLN G 133 0.15 -6.78 2.35
N LEU G 134 -0.30 -6.75 3.61
CA LEU G 134 -0.47 -5.53 4.37
C LEU G 134 0.80 -5.14 5.10
N ARG G 135 1.81 -6.02 5.13
CA ARG G 135 3.09 -5.68 5.74
C ARG G 135 3.69 -4.41 5.16
N MET G 136 3.51 -4.20 3.84
CA MET G 136 4.04 -2.99 3.22
C MET G 136 3.38 -1.74 3.77
N TYR G 137 2.05 -1.78 3.95
CA TYR G 137 1.35 -0.67 4.59
C TYR G 137 1.72 -0.53 6.05
N GLU G 138 2.13 -1.63 6.68
CA GLU G 138 2.36 -1.64 8.12
C GLU G 138 3.42 -0.63 8.55
N ARG G 139 4.41 -0.34 7.68
CA ARG G 139 5.47 0.57 8.05
C ARG G 139 4.99 2.01 8.19
N PHE G 140 3.85 2.36 7.57
CA PHE G 140 3.28 3.69 7.70
C PHE G 140 2.32 3.81 8.87
N ARG G 141 1.48 2.80 9.09
CA ARG G 141 0.42 2.84 10.10
C ARG G 141 0.48 1.57 10.93
N PRO G 142 1.46 1.46 11.83
CA PRO G 142 1.65 0.21 12.59
C PRO G 142 0.74 0.04 13.80
N GLU G 143 -0.29 0.88 13.97
CA GLU G 143 -1.13 0.81 15.15
C GLU G 143 -2.60 0.55 14.85
N VAL G 144 -3.09 0.88 13.66
CA VAL G 144 -4.51 0.71 13.37
C VAL G 144 -4.87 -0.77 13.22
N VAL G 145 -3.94 -1.59 12.72
CA VAL G 145 -4.25 -2.99 12.42
C VAL G 145 -4.58 -3.75 13.69
N GLU G 146 -3.75 -3.59 14.73
CA GLU G 146 -3.97 -4.33 15.97
C GLU G 146 -5.27 -3.93 16.64
N GLU G 147 -5.56 -2.64 16.72
CA GLU G 147 -6.80 -2.21 17.36
C GLU G 147 -8.02 -2.62 16.55
N LEU G 148 -7.93 -2.57 15.23
CA LEU G 148 -9.02 -3.03 14.38
C LEU G 148 -9.29 -4.52 14.61
N TYR G 149 -8.23 -5.33 14.61
CA TYR G 149 -8.38 -6.76 14.86
C TYR G 149 -8.96 -7.02 16.24
N ASN G 150 -8.48 -6.30 17.25
CA ASN G 150 -8.99 -6.49 18.61
C ASN G 150 -10.47 -6.16 18.71
N SER G 151 -10.88 -5.03 18.12
CA SER G 151 -12.29 -4.63 18.19
C SER G 151 -13.17 -5.63 17.46
N THR G 152 -12.77 -6.05 16.26
CA THR G 152 -13.60 -6.99 15.51
C THR G 152 -13.65 -8.35 16.22
N LEU G 153 -12.52 -8.80 16.76
CA LEU G 153 -12.48 -10.08 17.46
C LEU G 153 -13.34 -10.05 18.73
N ARG G 154 -13.32 -8.93 19.45
CA ARG G 154 -14.15 -8.84 20.65
C ARG G 154 -15.63 -8.75 20.28
N VAL G 155 -15.96 -8.13 19.14
CA VAL G 155 -17.35 -8.15 18.68
C VAL G 155 -17.78 -9.58 18.35
N LEU G 156 -16.93 -10.33 17.64
CA LEU G 156 -17.24 -11.72 17.34
C LEU G 156 -17.37 -12.55 18.62
N ALA G 157 -16.51 -12.31 19.61
CA ALA G 157 -16.61 -13.03 20.86
C ALA G 157 -17.91 -12.69 21.59
N LEU G 158 -18.32 -11.42 21.55
CA LEU G 158 -19.58 -11.02 22.18
C LEU G 158 -20.76 -11.70 21.50
N THR G 159 -20.74 -11.79 20.17
CA THR G 159 -21.81 -12.46 19.46
C THR G 159 -21.61 -13.98 19.40
N ASN G 160 -20.51 -14.49 19.93
CA ASN G 160 -20.26 -15.92 19.95
C ASN G 160 -21.10 -16.59 21.03
N PRO G 161 -21.92 -17.58 20.71
CA PRO G 161 -22.68 -18.28 21.75
C PRO G 161 -21.81 -18.91 22.82
N ASP G 162 -20.61 -19.38 22.46
CA ASP G 162 -19.68 -19.95 23.44
C ASP G 162 -18.46 -19.04 23.59
N ALA G 163 -18.19 -18.66 24.84
CA ALA G 163 -17.07 -17.79 25.19
C ALA G 163 -16.84 -17.92 26.69
N TYR G 164 -16.04 -17.02 27.25
CA TYR G 164 -15.93 -16.96 28.71
C TYR G 164 -17.27 -16.68 29.35
N CYS G 165 -17.85 -15.51 29.07
CA CYS G 165 -19.14 -15.19 29.64
C CYS G 165 -20.23 -16.10 29.09
N ALA G 166 -20.28 -16.25 27.77
CA ALA G 166 -21.23 -17.15 27.09
C ALA G 166 -22.66 -16.90 27.58
N GLN G 167 -23.08 -15.63 27.47
CA GLN G 167 -24.42 -15.26 27.89
C GLN G 167 -25.46 -16.00 27.05
N THR G 168 -26.16 -16.94 27.68
CA THR G 168 -27.08 -17.82 26.99
C THR G 168 -28.48 -17.64 27.57
N ASN G 169 -29.46 -17.53 26.69
CA ASN G 169 -30.88 -17.43 27.06
C ASN G 169 -31.59 -18.63 26.42
N THR G 170 -31.65 -19.73 27.15
CA THR G 170 -32.25 -20.95 26.62
C THR G 170 -33.76 -20.82 26.49
N ASN G 171 -34.36 -19.85 27.19
CA ASN G 171 -35.81 -19.67 27.13
C ASN G 171 -36.30 -19.36 25.72
N GLU G 172 -35.61 -18.50 24.99
CA GLU G 172 -35.92 -18.28 23.58
C GLU G 172 -35.40 -19.45 22.75
N SER G 173 -36.26 -20.00 21.90
CA SER G 173 -35.88 -21.07 20.98
C SER G 173 -36.31 -20.68 19.58
N ARG G 174 -35.46 -20.95 18.60
CA ARG G 174 -35.74 -20.62 17.20
C ARG G 174 -35.73 -21.90 16.37
N SER G 175 -36.80 -22.11 15.59
CA SER G 175 -36.89 -23.22 14.66
C SER G 175 -36.92 -22.67 13.25
N PHE G 176 -36.11 -23.25 12.37
CA PHE G 176 -35.98 -22.79 10.99
C PHE G 176 -36.49 -23.84 10.01
N GLY G 177 -37.60 -24.48 10.35
CA GLY G 177 -38.19 -25.49 9.49
C GLY G 177 -38.41 -26.80 10.19
N LEU G 178 -39.33 -27.62 9.67
CA LEU G 178 -39.63 -28.92 10.24
C LEU G 178 -38.79 -30.03 9.63
N SER G 179 -37.87 -29.71 8.72
CA SER G 179 -37.04 -30.69 8.05
C SER G 179 -35.65 -30.75 8.69
N VAL G 180 -35.03 -31.93 8.60
CA VAL G 180 -33.73 -32.14 9.20
C VAL G 180 -32.65 -31.34 8.49
N GLU G 181 -32.74 -31.27 7.15
CA GLU G 181 -31.67 -30.60 6.38
C GLU G 181 -31.58 -29.12 6.73
N ASP G 182 -32.73 -28.47 6.95
CA ASP G 182 -32.72 -27.02 7.18
C ASP G 182 -31.94 -26.66 8.43
N ASP G 183 -32.29 -27.27 9.58
CA ASP G 183 -31.61 -26.91 10.81
C ASP G 183 -30.21 -27.53 10.88
N LEU G 184 -30.00 -28.69 10.26
CA LEU G 184 -28.64 -29.25 10.23
C LEU G 184 -27.71 -28.36 9.43
N ALA G 185 -28.20 -27.76 8.34
CA ALA G 185 -27.39 -26.79 7.60
C ALA G 185 -27.22 -25.50 8.39
N PHE G 186 -28.29 -25.03 9.05
CA PHE G 186 -28.19 -23.81 9.83
C PHE G 186 -27.20 -23.94 10.99
N ASN G 187 -26.98 -25.17 11.46
CA ASN G 187 -26.06 -25.38 12.57
C ASN G 187 -24.63 -25.00 12.20
N VAL G 188 -24.22 -25.27 10.95
CA VAL G 188 -22.82 -25.06 10.56
C VAL G 188 -22.52 -23.65 10.09
N LEU G 189 -23.49 -22.73 10.16
CA LEU G 189 -23.21 -21.34 9.85
C LEU G 189 -22.32 -20.72 10.92
N PRO G 190 -21.57 -19.68 10.58
CA PRO G 190 -20.72 -19.02 11.58
C PRO G 190 -21.55 -18.40 12.70
N THR G 191 -20.89 -18.21 13.85
CA THR G 191 -21.60 -17.77 15.04
C THR G 191 -22.23 -16.40 14.83
N PHE G 192 -21.48 -15.45 14.27
CA PHE G 192 -22.06 -14.15 13.96
C PHE G 192 -23.16 -14.26 12.91
N ILE G 193 -22.95 -15.10 11.89
CA ILE G 193 -23.99 -15.31 10.88
C ILE G 193 -25.22 -15.92 11.52
N GLN G 194 -25.05 -16.89 12.43
CA GLN G 194 -26.19 -17.48 13.11
C GLN G 194 -26.94 -16.45 13.94
N ASN G 195 -26.20 -15.60 14.67
CA ASN G 195 -26.85 -14.58 15.48
C ASN G 195 -27.62 -13.59 14.61
N LEU G 196 -27.03 -13.18 13.48
CA LEU G 196 -27.73 -12.28 12.58
C LEU G 196 -28.97 -12.92 11.98
N ILE G 197 -28.87 -14.20 11.60
CA ILE G 197 -30.00 -14.88 10.96
C ILE G 197 -31.14 -15.08 11.95
N ARG G 198 -30.82 -15.49 13.19
CA ARG G 198 -31.87 -15.73 14.17
C ARG G 198 -32.65 -14.46 14.50
N LYS G 199 -32.02 -13.30 14.37
CA LYS G 199 -32.63 -12.04 14.77
C LYS G 199 -32.92 -11.12 13.59
N CYS G 200 -33.07 -11.67 12.39
CA CYS G 200 -33.51 -10.90 11.23
C CYS G 200 -34.78 -11.43 10.61
N VAL G 201 -35.09 -12.71 10.78
CA VAL G 201 -36.28 -13.34 10.21
C VAL G 201 -37.34 -13.41 11.30
N ALA G 202 -38.54 -12.93 10.99
CA ALA G 202 -39.62 -12.99 11.94
C ALA G 202 -40.19 -14.42 12.00
N PRO G 203 -40.64 -14.86 13.16
CA PRO G 203 -41.22 -16.20 13.26
C PRO G 203 -42.52 -16.31 12.50
N GLU G 204 -42.76 -17.51 11.95
CA GLU G 204 -44.05 -17.79 11.32
C GLU G 204 -45.17 -17.77 12.35
N SER G 205 -44.93 -18.38 13.50
CA SER G 205 -45.91 -18.43 14.59
C SER G 205 -45.16 -18.19 15.90
N LEU G 206 -45.29 -16.98 16.44
CA LEU G 206 -44.61 -16.64 17.70
C LEU G 206 -45.31 -17.34 18.85
N THR G 207 -44.69 -18.38 19.40
CA THR G 207 -45.24 -19.11 20.53
C THR G 207 -44.73 -18.44 21.80
N ILE G 208 -45.61 -17.69 22.47
CA ILE G 208 -45.26 -16.91 23.64
C ILE G 208 -46.12 -17.36 24.81
N GLY G 209 -45.49 -17.61 25.95
CA GLY G 209 -46.22 -18.05 27.12
C GLY G 209 -46.91 -19.37 26.85
N THR G 210 -48.23 -19.39 27.02
CA THR G 210 -49.04 -20.55 26.73
C THR G 210 -49.89 -20.39 25.48
N GLU G 211 -49.61 -19.38 24.65
CA GLU G 211 -50.40 -19.14 23.46
C GLU G 211 -49.48 -18.97 22.25
N ASP G 212 -50.09 -18.96 21.06
CA ASP G 212 -49.38 -18.79 19.81
C ASP G 212 -50.02 -17.67 19.02
N LEU G 213 -49.20 -16.74 18.53
CA LEU G 213 -49.64 -15.64 17.69
C LEU G 213 -49.16 -15.92 16.27
N GLN G 214 -50.10 -16.16 15.36
CA GLN G 214 -49.77 -16.45 13.96
C GLN G 214 -49.45 -15.15 13.25
N LEU G 215 -48.16 -14.80 13.22
CA LEU G 215 -47.72 -13.59 12.54
C LEU G 215 -47.90 -13.72 11.02
N ARG G 216 -47.55 -14.88 10.46
CA ARG G 216 -47.67 -15.10 9.03
C ARG G 216 -47.74 -16.59 8.76
N ASN G 217 -48.58 -16.99 7.81
CA ASN G 217 -48.76 -18.38 7.44
C ASN G 217 -47.88 -18.80 6.27
N CYS G 218 -47.06 -17.88 5.74
CA CYS G 218 -46.23 -18.17 4.58
C CYS G 218 -44.81 -17.66 4.83
N ASN G 219 -43.84 -18.42 4.35
CA ASN G 219 -42.44 -18.08 4.51
C ASN G 219 -41.98 -17.20 3.35
N THR G 220 -41.20 -16.17 3.68
CA THR G 220 -40.69 -15.23 2.70
C THR G 220 -39.21 -15.44 2.40
N CYS G 221 -38.60 -16.49 2.94
CA CYS G 221 -37.19 -16.78 2.72
C CYS G 221 -36.98 -18.28 2.90
N ARG G 222 -35.71 -18.70 2.92
CA ARG G 222 -35.37 -20.10 3.11
C ARG G 222 -33.95 -20.20 3.65
N ILE G 223 -33.74 -21.17 4.54
CA ILE G 223 -32.42 -21.46 5.08
C ILE G 223 -31.95 -22.78 4.49
N THR G 224 -30.83 -22.73 3.76
CA THR G 224 -30.27 -23.92 3.13
C THR G 224 -28.78 -24.02 3.40
N SER G 225 -28.12 -25.01 2.77
CA SER G 225 -26.70 -25.24 3.02
C SER G 225 -25.83 -24.05 2.69
N GLU G 226 -26.24 -23.23 1.72
CA GLU G 226 -25.48 -22.04 1.34
C GLU G 226 -25.90 -20.80 2.12
N GLY G 227 -26.90 -20.89 2.98
CA GLY G 227 -27.25 -19.77 3.83
C GLY G 227 -28.70 -19.32 3.74
N LEU G 228 -28.93 -18.02 3.90
CA LEU G 228 -30.28 -17.47 3.91
C LEU G 228 -30.57 -16.85 2.53
N LEU G 229 -31.65 -17.31 1.90
CA LEU G 229 -32.00 -16.92 0.55
C LEU G 229 -33.42 -16.38 0.52
N ALA G 230 -33.69 -15.53 -0.47
CA ALA G 230 -35.05 -15.11 -0.80
C ALA G 230 -35.58 -16.06 -1.87
N SER G 231 -35.91 -17.28 -1.44
CA SER G 231 -36.30 -18.33 -2.36
C SER G 231 -37.58 -17.96 -3.11
N VAL G 232 -38.57 -17.42 -2.40
CA VAL G 232 -39.85 -17.08 -3.02
C VAL G 232 -39.67 -15.84 -3.89
N ARG G 233 -40.31 -15.85 -5.07
CA ARG G 233 -40.30 -14.71 -5.98
C ARG G 233 -41.33 -13.66 -5.61
N LEU G 234 -41.34 -13.26 -4.33
CA LEU G 234 -42.22 -12.18 -3.90
C LEU G 234 -41.81 -10.87 -4.56
N TYR G 235 -42.79 -10.11 -5.02
CA TYR G 235 -42.51 -8.91 -5.79
C TYR G 235 -42.02 -7.79 -4.86
N ASN G 236 -40.80 -7.31 -5.10
CA ASN G 236 -40.18 -6.26 -4.32
C ASN G 236 -39.72 -5.14 -5.26
N SER G 237 -40.00 -3.89 -4.88
CA SER G 237 -39.60 -2.76 -5.71
C SER G 237 -39.21 -1.54 -4.88
N VAL G 238 -38.66 -1.75 -3.68
CA VAL G 238 -38.22 -0.66 -2.83
C VAL G 238 -36.78 -0.32 -3.17
N GLN G 239 -36.46 0.97 -3.20
CA GLN G 239 -35.10 1.37 -3.49
C GLN G 239 -34.31 1.60 -2.21
N PRO G 240 -33.06 1.15 -2.14
CA PRO G 240 -32.26 1.39 -0.94
C PRO G 240 -31.86 2.85 -0.81
N LYS G 241 -32.13 3.42 0.37
CA LYS G 241 -31.79 4.81 0.65
C LYS G 241 -30.35 4.99 1.08
N TYR G 242 -29.61 3.90 1.29
CA TYR G 242 -28.20 3.96 1.64
C TYR G 242 -27.36 3.26 0.57
N LEU G 243 -27.60 3.60 -0.69
CA LEU G 243 -26.93 2.94 -1.80
C LEU G 243 -25.42 3.20 -1.75
N TYR G 244 -24.68 2.39 -2.51
CA TYR G 244 -23.22 2.50 -2.50
C TYR G 244 -22.76 3.84 -3.05
N GLY G 245 -23.41 4.33 -4.11
CA GLY G 245 -23.19 5.68 -4.59
C GLY G 245 -21.82 5.97 -5.14
N VAL G 246 -21.02 4.95 -5.43
CA VAL G 246 -19.68 5.16 -5.95
C VAL G 246 -19.76 5.37 -7.47
N ASN G 247 -18.91 6.26 -7.98
CA ASN G 247 -18.80 6.51 -9.41
C ASN G 247 -18.60 5.19 -10.16
N GLU G 248 -19.55 4.83 -11.00
CA GLU G 248 -19.59 3.51 -11.63
C GLU G 248 -19.10 3.63 -13.08
N ASN G 249 -17.78 3.53 -13.26
CA ASN G 249 -17.24 3.33 -14.60
C ASN G 249 -17.45 1.90 -15.08
N ARG G 250 -17.81 1.01 -14.17
CA ARG G 250 -18.16 -0.37 -14.49
C ARG G 250 -19.67 -0.47 -14.46
N LEU G 251 -20.28 -0.73 -15.62
CA LEU G 251 -21.71 -0.55 -15.80
C LEU G 251 -22.47 -1.85 -15.54
N GLN G 252 -23.48 -1.76 -14.68
CA GLN G 252 -24.39 -2.87 -14.40
C GLN G 252 -25.76 -2.54 -15.00
N ILE G 253 -26.08 -3.15 -16.13
CA ILE G 253 -27.35 -2.95 -16.81
C ILE G 253 -28.35 -3.95 -16.27
N ARG G 254 -29.58 -3.49 -16.04
CA ARG G 254 -30.62 -4.30 -15.43
C ARG G 254 -31.93 -4.12 -16.18
N ASN G 255 -32.80 -5.12 -16.09
CA ASN G 255 -34.08 -5.13 -16.80
C ASN G 255 -35.13 -4.52 -15.88
N VAL G 256 -35.41 -3.23 -16.08
CA VAL G 256 -36.35 -2.50 -15.24
C VAL G 256 -37.76 -2.69 -15.79
N LEU G 257 -38.73 -2.82 -14.88
CA LEU G 257 -40.14 -2.95 -15.24
C LEU G 257 -40.83 -1.63 -14.93
N GLN G 258 -41.44 -1.02 -15.94
CA GLN G 258 -42.07 0.28 -15.83
C GLN G 258 -43.42 0.26 -16.53
N PHE G 259 -44.42 0.88 -15.91
CA PHE G 259 -45.72 1.07 -16.52
C PHE G 259 -46.04 2.56 -16.61
N GLN G 260 -46.81 2.91 -17.65
CA GLN G 260 -47.28 4.28 -17.86
C GLN G 260 -48.61 4.45 -17.15
N GLY G 261 -49.07 5.70 -17.11
CA GLY G 261 -50.36 5.98 -16.51
C GLY G 261 -50.67 7.46 -16.57
N ASN G 262 -51.95 7.76 -16.49
CA ASN G 262 -52.46 9.12 -16.46
C ASN G 262 -52.85 9.47 -15.02
N ALA G 263 -53.48 10.63 -14.85
CA ALA G 263 -53.96 11.01 -13.53
C ALA G 263 -55.08 10.10 -13.04
N ASN G 264 -55.86 9.54 -13.96
CA ASN G 264 -56.95 8.64 -13.57
C ASN G 264 -56.41 7.31 -13.09
N ALA G 265 -55.46 6.72 -13.82
CA ALA G 265 -54.87 5.46 -13.39
C ALA G 265 -54.06 5.61 -12.11
N LEU G 266 -53.39 6.75 -11.96
CA LEU G 266 -52.68 7.07 -10.71
C LEU G 266 -53.69 7.70 -9.76
N GLN G 267 -54.47 6.84 -9.10
CA GLN G 267 -55.58 7.31 -8.28
C GLN G 267 -55.06 8.01 -7.02
N GLN G 268 -54.92 9.33 -7.09
CA GLN G 268 -54.51 10.10 -5.91
C GLN G 268 -55.59 10.10 -4.83
N LYS G 269 -56.85 9.97 -5.22
CA LYS G 269 -57.94 9.97 -4.25
C LYS G 269 -57.88 8.76 -3.32
N LEU G 270 -57.18 7.71 -3.73
CA LEU G 270 -57.02 6.54 -2.87
C LEU G 270 -55.94 6.74 -1.81
N SER G 271 -55.19 7.85 -1.89
CA SER G 271 -54.05 8.05 -0.99
C SER G 271 -54.46 8.42 0.44
N ARG G 272 -55.69 8.84 0.66
CA ARG G 272 -56.08 9.28 2.01
C ARG G 272 -56.07 8.12 3.00
N TYR G 273 -56.41 6.91 2.55
CA TYR G 273 -56.28 5.75 3.41
C TYR G 273 -54.81 5.53 3.73
N GLU G 274 -54.54 5.07 4.96
CA GLU G 274 -53.16 4.79 5.33
C GLU G 274 -52.58 3.71 4.42
N LEU G 275 -51.36 3.94 3.95
CA LEU G 275 -50.79 3.11 2.90
C LEU G 275 -50.34 1.77 3.45
N TYR G 276 -50.49 0.73 2.62
CA TYR G 276 -50.00 -0.61 2.90
C TYR G 276 -48.93 -0.91 1.85
N GLN G 277 -47.69 -0.54 2.15
CA GLN G 277 -46.60 -0.71 1.20
C GLN G 277 -46.33 -2.19 0.95
N ILE G 278 -46.00 -2.53 -0.30
CA ILE G 278 -45.59 -3.88 -0.66
C ILE G 278 -44.12 -4.00 -0.28
N ASN G 279 -43.87 -4.43 0.95
CA ASN G 279 -42.54 -4.73 1.43
C ASN G 279 -42.41 -6.24 1.61
N ILE G 280 -41.18 -6.71 1.78
CA ILE G 280 -40.94 -8.14 1.87
C ILE G 280 -40.19 -8.42 3.16
N PRO G 281 -40.85 -8.42 4.31
CA PRO G 281 -40.18 -8.79 5.56
C PRO G 281 -39.80 -10.27 5.57
N LEU G 282 -38.74 -10.58 6.29
CA LEU G 282 -38.26 -11.95 6.39
C LEU G 282 -39.06 -12.69 7.44
N PHE G 283 -39.85 -13.67 7.00
CA PHE G 283 -40.68 -14.48 7.88
C PHE G 283 -40.35 -15.95 7.66
N LEU G 284 -39.90 -16.63 8.73
CA LEU G 284 -39.58 -18.04 8.66
C LEU G 284 -39.36 -18.57 10.07
N GLY G 285 -39.72 -19.83 10.27
CA GLY G 285 -39.45 -20.50 11.53
C GLY G 285 -40.47 -20.17 12.60
N LYS G 286 -40.32 -20.85 13.74
CA LYS G 286 -41.18 -20.66 14.89
C LYS G 286 -40.34 -20.20 16.08
N GLN G 287 -40.84 -19.20 16.80
CA GLN G 287 -40.18 -18.68 17.99
C GLN G 287 -40.88 -19.21 19.23
N ILE G 288 -40.23 -20.12 19.93
CA ILE G 288 -40.75 -20.71 21.16
C ILE G 288 -40.28 -19.84 22.31
N ILE G 289 -41.22 -19.12 22.93
CA ILE G 289 -40.94 -18.29 24.09
C ILE G 289 -41.69 -18.86 25.29
N SER G 290 -41.02 -19.71 26.07
CA SER G 290 -41.62 -20.23 27.28
C SER G 290 -41.93 -19.09 28.24
N THR G 291 -43.11 -19.15 28.86
CA THR G 291 -43.59 -18.12 29.78
C THR G 291 -43.68 -16.75 29.08
N LEU H 13 -72.75 10.82 -8.44
CA LEU H 13 -73.44 10.55 -7.19
C LEU H 13 -72.68 11.11 -6.00
N ARG H 14 -73.38 11.88 -5.16
CA ARG H 14 -72.75 12.40 -3.95
C ARG H 14 -72.56 11.31 -2.90
N ASN H 15 -73.26 10.19 -3.01
CA ASN H 15 -73.25 9.16 -1.99
C ASN H 15 -73.37 7.80 -2.67
N PHE H 16 -72.24 7.10 -2.84
CA PHE H 16 -72.25 5.76 -3.42
C PHE H 16 -72.52 4.67 -2.39
N CYS H 17 -72.55 5.01 -1.10
CA CYS H 17 -72.82 4.00 -0.09
C CYS H 17 -74.25 3.47 -0.23
N VAL H 18 -74.37 2.13 -0.20
CA VAL H 18 -75.70 1.53 -0.23
C VAL H 18 -76.47 1.89 1.02
N PHE H 19 -75.80 1.89 2.17
CA PHE H 19 -76.42 2.22 3.45
C PHE H 19 -76.40 3.71 3.73
N SER H 20 -76.20 4.53 2.69
CA SER H 20 -76.31 5.98 2.86
C SER H 20 -77.73 6.39 3.24
N SER H 21 -78.73 5.77 2.63
CA SER H 21 -80.13 6.04 2.97
C SER H 21 -80.59 5.02 4.01
N VAL H 22 -80.09 5.21 5.23
CA VAL H 22 -80.49 4.45 6.39
C VAL H 22 -80.91 5.47 7.45
N LYS H 23 -82.21 5.68 7.59
CA LYS H 23 -82.72 6.75 8.43
C LYS H 23 -83.79 6.23 9.37
N PRO H 24 -83.82 6.68 10.62
CA PRO H 24 -84.97 6.42 11.49
C PRO H 24 -86.15 7.30 11.10
N LEU H 25 -87.20 7.22 11.92
CA LEU H 25 -88.38 8.05 11.68
C LEU H 25 -88.06 9.53 11.77
N ASP H 26 -87.44 9.96 12.87
CA ASP H 26 -86.91 11.31 13.01
C ASP H 26 -85.39 11.20 12.90
N PHE H 27 -84.85 11.47 11.72
CA PHE H 27 -83.53 11.01 11.36
C PHE H 27 -82.49 12.09 11.61
N CYS H 28 -81.68 11.88 12.65
CA CYS H 28 -80.33 12.41 12.75
C CYS H 28 -79.43 11.19 12.78
N ASP H 29 -79.00 10.75 11.60
CA ASP H 29 -78.60 9.37 11.36
C ASP H 29 -77.63 8.87 12.43
N GLN H 30 -77.78 7.60 12.79
CA GLN H 30 -77.12 7.01 13.95
C GLN H 30 -75.64 7.36 13.98
N TYR H 31 -74.88 6.86 12.99
CA TYR H 31 -73.56 7.34 12.61
C TYR H 31 -72.75 7.89 13.78
N SER H 32 -72.49 7.05 14.80
CA SER H 32 -71.64 7.46 15.91
C SER H 32 -70.31 7.97 15.37
N SER H 33 -69.79 7.28 14.36
CA SER H 33 -68.74 7.80 13.50
C SER H 33 -69.36 8.18 12.17
N PRO H 34 -69.33 9.45 11.78
CA PRO H 34 -70.00 9.85 10.53
C PRO H 34 -69.39 9.16 9.32
N CYS H 35 -70.25 8.94 8.32
CA CYS H 35 -69.83 8.24 7.11
C CYS H 35 -68.68 8.99 6.45
N SER H 36 -67.64 8.25 6.07
CA SER H 36 -66.47 8.86 5.47
C SER H 36 -66.79 9.38 4.07
N SER H 37 -65.93 10.27 3.58
CA SER H 37 -66.07 10.82 2.24
C SER H 37 -65.79 9.79 1.15
N ASP H 38 -65.51 8.54 1.52
CA ASP H 38 -65.31 7.49 0.53
C ASP H 38 -66.60 7.18 -0.23
N ALA H 39 -67.75 7.35 0.42
CA ALA H 39 -69.01 7.16 -0.30
C ALA H 39 -69.18 8.16 -1.42
N THR H 40 -68.54 9.32 -1.32
CA THR H 40 -68.68 10.34 -2.37
C THR H 40 -68.02 9.89 -3.67
N VAL H 41 -66.87 9.23 -3.58
CA VAL H 41 -66.10 8.82 -4.75
C VAL H 41 -66.51 7.42 -5.17
N ASP H 42 -66.20 7.07 -6.42
CA ASP H 42 -66.55 5.77 -6.98
C ASP H 42 -65.31 4.87 -6.99
N ASP H 43 -65.04 4.26 -5.84
CA ASP H 43 -64.02 3.23 -5.76
C ASP H 43 -64.54 1.84 -6.07
N GLY H 44 -65.86 1.68 -6.18
CA GLY H 44 -66.47 0.42 -6.56
C GLY H 44 -67.00 -0.42 -5.42
N TRP H 45 -66.56 -0.18 -4.18
CA TRP H 45 -67.10 -0.92 -3.05
C TRP H 45 -68.58 -0.58 -2.84
N PHE H 46 -68.95 0.68 -3.07
CA PHE H 46 -70.30 1.19 -2.88
C PHE H 46 -70.76 1.10 -1.43
N VAL H 47 -69.81 0.97 -0.51
CA VAL H 47 -70.07 1.02 0.92
C VAL H 47 -69.03 1.92 1.57
N CYS H 48 -69.46 2.73 2.53
CA CYS H 48 -68.52 3.59 3.22
C CYS H 48 -67.71 2.78 4.23
N GLU H 49 -66.67 3.42 4.78
CA GLU H 49 -65.79 2.73 5.72
C GLU H 49 -66.54 2.32 6.97
N TYR H 50 -67.42 3.18 7.48
CA TYR H 50 -68.18 2.87 8.69
C TYR H 50 -69.08 1.66 8.48
N HIS H 51 -69.80 1.62 7.37
CA HIS H 51 -70.69 0.50 7.12
C HIS H 51 -69.93 -0.78 6.81
N ALA H 52 -68.78 -0.66 6.14
CA ALA H 52 -67.95 -1.83 5.88
C ALA H 52 -67.41 -2.42 7.18
N SER H 53 -66.97 -1.56 8.10
CA SER H 53 -66.44 -2.05 9.36
C SER H 53 -67.54 -2.59 10.27
N ARG H 54 -68.71 -1.95 10.26
CA ARG H 54 -69.78 -2.35 11.17
C ARG H 54 -70.42 -3.66 10.74
N PHE H 55 -70.70 -3.82 9.45
CA PHE H 55 -71.42 -4.98 8.94
C PHE H 55 -70.48 -6.08 8.48
N PHE H 56 -69.61 -5.79 7.51
CA PHE H 56 -68.71 -6.78 6.95
C PHE H 56 -67.44 -6.97 7.76
N LYS H 57 -67.26 -6.20 8.83
CA LYS H 57 -66.12 -6.35 9.74
C LYS H 57 -64.78 -6.24 9.00
N MET H 58 -64.70 -5.29 8.07
CA MET H 58 -63.47 -5.06 7.35
C MET H 58 -63.30 -3.57 7.10
N GLU H 59 -62.05 -3.15 6.96
CA GLU H 59 -61.70 -1.78 6.63
C GLU H 59 -61.09 -1.73 5.23
N LYS H 60 -60.77 -0.52 4.79
CA LYS H 60 -60.27 -0.28 3.44
C LYS H 60 -58.81 0.13 3.49
N LEU H 61 -57.99 -0.46 2.61
CA LEU H 61 -56.57 -0.19 2.55
C LEU H 61 -56.16 0.12 1.12
N ALA H 62 -55.21 1.05 0.98
CA ALA H 62 -54.69 1.48 -0.32
C ALA H 62 -53.46 0.63 -0.63
N LEU H 63 -53.65 -0.39 -1.46
CA LEU H 63 -52.57 -1.26 -1.90
C LEU H 63 -51.73 -0.51 -2.93
N ALA H 64 -50.49 -0.22 -2.58
CA ALA H 64 -49.58 0.50 -3.46
C ALA H 64 -48.56 -0.46 -4.05
N ILE H 65 -48.40 -0.40 -5.37
CA ILE H 65 -47.49 -1.31 -6.07
C ILE H 65 -46.35 -0.50 -6.68
N PRO H 66 -45.18 -0.46 -6.04
CA PRO H 66 -44.05 0.27 -6.63
C PRO H 66 -43.48 -0.44 -7.83
N ASP H 67 -42.83 0.33 -8.70
CA ASP H 67 -42.20 -0.21 -9.91
C ASP H 67 -40.77 0.28 -10.11
N GLY H 68 -40.22 1.02 -9.16
CA GLY H 68 -38.85 1.51 -9.26
C GLY H 68 -38.69 2.93 -9.73
N THR H 69 -39.79 3.68 -9.86
CA THR H 69 -39.73 5.07 -10.31
C THR H 69 -40.32 6.04 -9.31
N GLY H 70 -41.40 5.68 -8.64
CA GLY H 70 -42.03 6.56 -7.67
C GLY H 70 -43.54 6.54 -7.74
N ASN H 71 -44.09 6.31 -8.93
CA ASN H 71 -45.53 6.16 -9.08
C ASN H 71 -45.96 4.75 -8.69
N ASN H 72 -47.11 4.64 -8.05
CA ASN H 72 -47.62 3.37 -7.54
C ASN H 72 -48.98 3.08 -8.15
N TYR H 73 -49.16 1.86 -8.65
CA TYR H 73 -50.45 1.42 -9.19
C TYR H 73 -51.38 1.16 -8.02
N TYR H 74 -52.09 2.21 -7.60
CA TYR H 74 -52.94 2.11 -6.42
C TYR H 74 -54.11 1.17 -6.67
N ARG H 75 -54.56 0.53 -5.59
CA ARG H 75 -55.68 -0.40 -5.63
C ARG H 75 -56.36 -0.37 -4.27
N THR H 76 -57.58 -0.88 -4.22
CA THR H 76 -58.33 -0.99 -2.98
C THR H 76 -58.35 -2.43 -2.51
N VAL H 77 -58.08 -2.65 -1.22
CA VAL H 77 -58.06 -3.99 -0.65
C VAL H 77 -58.77 -3.96 0.69
N GLY H 78 -59.25 -5.13 1.11
CA GLY H 78 -59.93 -5.27 2.38
C GLY H 78 -58.96 -5.64 3.50
N LYS H 79 -59.17 -5.02 4.65
CA LYS H 79 -58.35 -5.25 5.84
C LYS H 79 -59.21 -5.93 6.89
N SER H 80 -58.77 -7.11 7.33
CA SER H 80 -59.55 -7.91 8.26
C SER H 80 -59.58 -7.25 9.64
N LEU H 81 -60.75 -7.34 10.28
CA LEU H 81 -60.94 -6.80 11.63
C LEU H 81 -61.22 -7.88 12.67
N VAL H 82 -61.35 -9.13 12.26
CA VAL H 82 -61.63 -10.22 13.20
C VAL H 82 -60.31 -10.65 13.82
N ASP H 83 -60.40 -11.21 15.03
CA ASP H 83 -59.24 -11.66 15.77
C ASP H 83 -59.00 -13.15 15.55
N ASP H 84 -57.76 -13.57 15.80
CA ASP H 84 -57.42 -14.99 15.64
C ASP H 84 -58.15 -15.86 16.64
N LYS H 85 -58.51 -15.30 17.81
CA LYS H 85 -59.20 -16.06 18.84
C LYS H 85 -60.65 -16.39 18.47
N ALA H 86 -61.22 -15.74 17.47
CA ALA H 86 -62.62 -15.91 17.13
C ALA H 86 -62.89 -17.28 16.50
N GLU H 87 -64.14 -17.72 16.62
CA GLU H 87 -64.66 -18.94 16.02
C GLU H 87 -66.15 -18.78 15.75
N GLY H 88 -66.64 -19.47 14.72
CA GLY H 88 -68.07 -19.52 14.45
C GLY H 88 -68.55 -18.55 13.40
N ILE H 89 -69.75 -17.98 13.61
CA ILE H 89 -70.31 -17.02 12.69
C ILE H 89 -69.60 -15.67 12.79
N GLU H 90 -68.67 -15.53 13.73
CA GLU H 90 -67.93 -14.28 13.88
C GLU H 90 -66.76 -14.18 12.89
N ARG H 91 -66.20 -15.31 12.46
CA ARG H 91 -65.04 -15.29 11.59
C ARG H 91 -65.37 -15.02 10.12
N ILE H 92 -66.65 -15.03 9.75
CA ILE H 92 -67.06 -14.80 8.37
C ILE H 92 -67.08 -13.29 8.11
N LEU H 93 -66.36 -12.86 7.08
CA LEU H 93 -66.33 -11.45 6.74
C LEU H 93 -67.57 -11.03 5.95
N ILE H 94 -67.98 -11.85 4.98
CA ILE H 94 -69.15 -11.57 4.15
C ILE H 94 -69.99 -12.83 4.05
N PRO H 95 -71.25 -12.81 4.47
CA PRO H 95 -72.08 -14.01 4.40
C PRO H 95 -72.79 -14.15 3.06
N SER H 96 -73.27 -15.36 2.81
CA SER H 96 -74.05 -15.70 1.63
C SER H 96 -75.53 -15.80 2.02
N GLN H 97 -76.35 -16.24 1.07
CA GLN H 97 -77.79 -16.36 1.32
C GLN H 97 -78.12 -17.39 2.39
N ASN H 98 -77.17 -18.29 2.71
CA ASN H 98 -77.48 -19.39 3.61
C ASN H 98 -77.76 -18.90 5.02
N ASN H 99 -76.87 -18.07 5.57
CA ASN H 99 -76.99 -17.69 6.98
C ASN H 99 -76.66 -16.22 7.21
N TYR H 100 -76.97 -15.35 6.24
CA TYR H 100 -76.66 -13.93 6.42
C TYR H 100 -77.52 -13.29 7.50
N GLU H 101 -78.72 -13.83 7.74
CA GLU H 101 -79.57 -13.28 8.79
C GLU H 101 -78.91 -13.40 10.15
N THR H 102 -78.31 -14.55 10.44
CA THR H 102 -77.64 -14.75 11.72
C THR H 102 -76.29 -14.04 11.76
N VAL H 103 -75.59 -14.00 10.62
CA VAL H 103 -74.27 -13.36 10.59
C VAL H 103 -74.39 -11.86 10.83
N LEU H 104 -75.29 -11.20 10.11
CA LEU H 104 -75.47 -9.76 10.26
C LEU H 104 -76.36 -9.39 11.43
N ASN H 105 -77.01 -10.38 12.06
CA ASN H 105 -77.91 -10.16 13.19
C ASN H 105 -79.00 -9.14 12.83
N LEU H 106 -79.74 -9.49 11.78
CA LEU H 106 -80.79 -8.62 11.25
C LEU H 106 -82.01 -8.55 12.14
N SER H 107 -82.09 -9.36 13.20
CA SER H 107 -83.29 -9.42 14.03
C SER H 107 -83.56 -8.08 14.72
N LEU H 108 -82.51 -7.45 15.25
CA LEU H 108 -82.67 -6.21 16.01
C LEU H 108 -82.17 -4.99 15.27
N LEU H 109 -81.81 -5.11 14.00
CA LEU H 109 -81.34 -3.97 13.24
C LEU H 109 -82.50 -3.05 12.85
N GLY H 110 -82.15 -1.81 12.55
CA GLY H 110 -83.13 -0.82 12.14
C GLY H 110 -83.81 -1.21 10.85
N PRO H 111 -85.09 -0.83 10.70
CA PRO H 111 -85.86 -1.30 9.54
C PRO H 111 -85.27 -0.92 8.20
N ALA H 112 -84.63 0.26 8.10
CA ALA H 112 -83.96 0.62 6.85
C ALA H 112 -82.82 -0.34 6.55
N GLU H 113 -82.02 -0.68 7.56
CA GLU H 113 -80.93 -1.63 7.38
C GLU H 113 -81.46 -3.01 6.98
N ARG H 114 -82.53 -3.46 7.64
CA ARG H 114 -83.15 -4.73 7.30
C ARG H 114 -83.61 -4.74 5.85
N LEU H 115 -84.31 -3.70 5.43
CA LEU H 115 -84.77 -3.60 4.05
C LEU H 115 -83.60 -3.64 3.07
N VAL H 116 -82.57 -2.83 3.33
CA VAL H 116 -81.43 -2.74 2.41
C VAL H 116 -80.77 -4.10 2.27
N PHE H 117 -80.49 -4.76 3.41
CA PHE H 117 -79.81 -6.06 3.36
C PHE H 117 -80.68 -7.11 2.68
N TYR H 118 -81.98 -7.13 2.99
CA TYR H 118 -82.86 -8.15 2.42
C TYR H 118 -82.99 -8.01 0.91
N MET H 119 -83.14 -6.78 0.40
CA MET H 119 -83.25 -6.66 -1.04
C MET H 119 -81.91 -6.68 -1.74
N ILE H 120 -80.80 -6.53 -1.00
CA ILE H 120 -79.50 -6.89 -1.56
C ILE H 120 -79.41 -8.39 -1.75
N TYR H 121 -79.87 -9.16 -0.77
CA TYR H 121 -79.87 -10.61 -0.90
C TYR H 121 -81.10 -11.13 -1.65
N ASP H 122 -82.07 -10.26 -1.93
CA ASP H 122 -83.19 -10.56 -2.84
C ASP H 122 -84.00 -11.77 -2.36
N ASN H 123 -84.64 -11.58 -1.22
CA ASN H 123 -85.63 -12.53 -0.69
C ASN H 123 -86.98 -11.83 -0.50
N LYS H 124 -87.88 -12.06 -1.46
CA LYS H 124 -89.05 -11.17 -1.65
C LYS H 124 -89.88 -11.04 -0.38
N GLU H 125 -90.20 -12.17 0.26
CA GLU H 125 -91.16 -12.16 1.36
C GLU H 125 -90.69 -11.29 2.53
N LYS H 126 -89.38 -11.20 2.74
CA LYS H 126 -88.88 -10.42 3.88
C LYS H 126 -89.16 -8.94 3.72
N GLN H 127 -88.79 -8.35 2.58
CA GLN H 127 -89.14 -6.95 2.39
C GLN H 127 -90.63 -6.75 2.18
N ASN H 128 -91.35 -7.77 1.72
CA ASN H 128 -92.81 -7.69 1.69
C ASN H 128 -93.37 -7.48 3.08
N GLU H 129 -92.96 -8.31 4.04
CA GLU H 129 -93.47 -8.15 5.40
C GLU H 129 -92.92 -6.89 6.06
N ILE H 130 -91.73 -6.44 5.65
CA ILE H 130 -91.23 -5.15 6.10
C ILE H 130 -92.16 -4.04 5.64
N CYS H 131 -92.62 -4.08 4.38
CA CYS H 131 -93.57 -3.10 3.90
C CYS H 131 -94.89 -3.18 4.66
N GLN H 132 -95.36 -4.41 4.93
CA GLN H 132 -96.61 -4.57 5.68
C GLN H 132 -96.51 -3.96 7.07
N GLN H 133 -95.39 -4.18 7.76
CA GLN H 133 -95.20 -3.60 9.09
C GLN H 133 -94.87 -2.11 9.03
N LEU H 134 -94.39 -1.63 7.89
CA LEU H 134 -94.04 -0.23 7.69
C LEU H 134 -95.23 0.60 7.23
N ARG H 135 -96.34 -0.07 6.87
CA ARG H 135 -97.56 0.65 6.48
C ARG H 135 -98.01 1.62 7.56
N MET H 136 -97.84 1.26 8.84
CA MET H 136 -98.24 2.15 9.92
C MET H 136 -97.40 3.42 9.92
N TYR H 137 -96.09 3.29 9.70
CA TYR H 137 -95.24 4.47 9.58
C TYR H 137 -95.55 5.26 8.31
N GLU H 138 -96.08 4.57 7.29
CA GLU H 138 -96.27 5.20 5.98
C GLU H 138 -97.19 6.41 6.05
N ARG H 139 -98.14 6.43 6.98
CA ARG H 139 -99.08 7.55 7.05
C ARG H 139 -98.42 8.83 7.52
N PHE H 140 -97.27 8.75 8.20
CA PHE H 140 -96.54 9.94 8.61
C PHE H 140 -95.54 10.41 7.57
N ARG H 141 -94.82 9.49 6.93
CA ARG H 141 -93.73 9.82 6.00
C ARG H 141 -93.93 9.02 4.72
N PRO H 142 -94.88 9.42 3.88
CA PRO H 142 -95.21 8.64 2.69
C PRO H 142 -94.30 8.87 1.48
N GLU H 143 -93.18 9.57 1.65
CA GLU H 143 -92.31 9.90 0.52
C GLU H 143 -90.89 9.35 0.64
N VAL H 144 -90.40 9.10 1.86
CA VAL H 144 -89.02 8.64 2.01
C VAL H 144 -88.85 7.21 1.52
N VAL H 145 -89.89 6.38 1.66
CA VAL H 145 -89.75 4.96 1.35
C VAL H 145 -89.49 4.76 -0.14
N GLU H 146 -90.26 5.44 -1.00
CA GLU H 146 -90.11 5.25 -2.44
C GLU H 146 -88.75 5.73 -2.92
N GLU H 147 -88.30 6.89 -2.46
CA GLU H 147 -87.00 7.41 -2.89
C GLU H 147 -85.86 6.54 -2.36
N LEU H 148 -85.98 6.05 -1.13
CA LEU H 148 -84.98 5.14 -0.59
C LEU H 148 -84.89 3.87 -1.42
N TYR H 149 -86.04 3.27 -1.74
CA TYR H 149 -86.05 2.06 -2.55
C TYR H 149 -85.48 2.33 -3.94
N ASN H 150 -85.84 3.46 -4.54
CA ASN H 150 -85.32 3.79 -5.87
C ASN H 150 -83.81 3.95 -5.86
N SER H 151 -83.27 4.67 -4.87
CA SER H 151 -81.83 4.89 -4.80
C SER H 151 -81.09 3.57 -4.58
N THR H 152 -81.58 2.74 -3.65
CA THR H 152 -80.89 1.49 -3.39
C THR H 152 -80.99 0.55 -4.59
N LEU H 153 -82.15 0.51 -5.25
CA LEU H 153 -82.32 -0.35 -6.41
C LEU H 153 -81.44 0.11 -7.57
N ARG H 154 -81.30 1.42 -7.77
CA ARG H 154 -80.42 1.89 -8.83
C ARG H 154 -78.96 1.63 -8.51
N VAL H 155 -78.59 1.67 -7.23
CA VAL H 155 -77.23 1.29 -6.85
C VAL H 155 -76.98 -0.18 -7.16
N LEU H 156 -77.93 -1.05 -6.80
CA LEU H 156 -77.81 -2.47 -7.12
C LEU H 156 -77.74 -2.70 -8.61
N ALA H 157 -78.54 -1.96 -9.39
CA ALA H 157 -78.50 -2.10 -10.85
C ALA H 157 -77.15 -1.65 -11.40
N LEU H 158 -76.58 -0.57 -10.84
CA LEU H 158 -75.28 -0.11 -11.28
C LEU H 158 -74.20 -1.14 -10.98
N THR H 159 -74.27 -1.77 -9.81
CA THR H 159 -73.31 -2.82 -9.46
C THR H 159 -73.70 -4.18 -10.04
N ASN H 160 -74.84 -4.28 -10.71
CA ASN H 160 -75.27 -5.54 -11.32
C ASN H 160 -74.48 -5.78 -12.60
N PRO H 161 -73.80 -6.93 -12.74
CA PRO H 161 -73.10 -7.20 -14.01
C PRO H 161 -74.02 -7.23 -15.21
N ASP H 162 -75.27 -7.65 -15.05
CA ASP H 162 -76.24 -7.64 -16.14
C ASP H 162 -77.33 -6.60 -15.88
N ALA H 163 -77.52 -5.72 -16.84
CA ALA H 163 -78.51 -4.64 -16.77
C ALA H 163 -78.72 -4.11 -18.18
N TYR H 164 -79.39 -2.96 -18.29
CA TYR H 164 -79.46 -2.29 -19.58
C TYR H 164 -78.07 -1.94 -20.09
N CYS H 165 -77.35 -1.07 -19.36
CA CYS H 165 -76.01 -0.70 -19.79
C CYS H 165 -75.07 -1.89 -19.70
N ALA H 166 -75.07 -2.58 -18.56
CA ALA H 166 -74.26 -3.78 -18.35
C ALA H 166 -72.79 -3.53 -18.72
N GLN H 167 -72.23 -2.50 -18.11
CA GLN H 167 -70.84 -2.15 -18.36
C GLN H 167 -69.93 -3.30 -17.94
N THR H 168 -69.33 -3.96 -18.92
CA THR H 168 -68.53 -5.16 -18.69
C THR H 168 -67.11 -4.93 -19.18
N ASN H 169 -66.14 -5.31 -18.35
CA ASN H 169 -64.72 -5.25 -18.68
C ASN H 169 -64.18 -6.67 -18.62
N THR H 170 -64.24 -7.37 -19.76
CA THR H 170 -63.80 -8.77 -19.80
C THR H 170 -62.30 -8.89 -19.65
N ASN H 171 -61.56 -7.80 -19.90
CA ASN H 171 -60.11 -7.84 -19.82
C ASN H 171 -59.62 -8.21 -18.42
N GLU H 172 -60.23 -7.65 -17.38
CA GLU H 172 -59.92 -8.09 -16.02
C GLU H 172 -60.61 -9.42 -15.74
N SER H 173 -59.83 -10.38 -15.21
CA SER H 173 -60.37 -11.67 -14.81
C SER H 173 -59.94 -11.96 -13.39
N ARG H 174 -60.84 -12.50 -12.58
CA ARG H 174 -60.57 -12.83 -11.19
C ARG H 174 -60.75 -14.32 -10.96
N SER H 175 -59.74 -14.96 -10.38
CA SER H 175 -59.80 -16.36 -9.99
C SER H 175 -59.75 -16.46 -8.48
N PHE H 176 -60.65 -17.25 -7.90
CA PHE H 176 -60.75 -17.39 -6.46
C PHE H 176 -60.41 -18.81 -6.02
N GLY H 177 -59.37 -19.38 -6.62
CA GLY H 177 -58.94 -20.72 -6.27
C GLY H 177 -58.86 -21.64 -7.47
N LEU H 178 -58.06 -22.70 -7.35
CA LEU H 178 -57.92 -23.68 -8.42
C LEU H 178 -58.90 -24.83 -8.30
N SER H 179 -59.80 -24.79 -7.33
CA SER H 179 -60.76 -25.86 -7.09
C SER H 179 -62.13 -25.48 -7.66
N VAL H 180 -62.89 -26.51 -8.05
CA VAL H 180 -64.20 -26.28 -8.67
C VAL H 180 -65.19 -25.73 -7.65
N GLU H 181 -65.13 -26.22 -6.40
CA GLU H 181 -66.11 -25.82 -5.41
C GLU H 181 -66.02 -24.34 -5.09
N ASP H 182 -64.80 -23.79 -5.06
CA ASP H 182 -64.62 -22.40 -4.65
C ASP H 182 -65.31 -21.44 -5.63
N ASP H 183 -65.01 -21.56 -6.93
CA ASP H 183 -65.62 -20.64 -7.88
C ASP H 183 -67.07 -20.99 -8.17
N LEU H 184 -67.44 -22.27 -8.09
CA LEU H 184 -68.85 -22.62 -8.25
C LEU H 184 -69.69 -22.04 -7.13
N ALA H 185 -69.16 -22.01 -5.90
CA ALA H 185 -69.87 -21.34 -4.81
C ALA H 185 -69.86 -19.84 -4.98
N PHE H 186 -68.72 -19.27 -5.42
CA PHE H 186 -68.65 -17.82 -5.62
C PHE H 186 -69.61 -17.35 -6.70
N ASN H 187 -69.97 -18.23 -7.63
CA ASN H 187 -70.88 -17.84 -8.70
C ASN H 187 -72.27 -17.47 -8.16
N VAL H 188 -72.73 -18.19 -7.13
CA VAL H 188 -74.11 -18.00 -6.65
C VAL H 188 -74.24 -16.87 -5.64
N LEU H 189 -73.17 -16.15 -5.33
CA LEU H 189 -73.28 -14.99 -4.46
C LEU H 189 -74.06 -13.87 -5.17
N PRO H 190 -74.69 -12.98 -4.40
CA PRO H 190 -75.41 -11.87 -5.01
C PRO H 190 -74.48 -10.95 -5.79
N THR H 191 -75.08 -10.22 -6.74
CA THR H 191 -74.30 -9.40 -7.66
C THR H 191 -73.51 -8.34 -6.92
N PHE H 192 -74.14 -7.63 -5.99
CA PHE H 192 -73.42 -6.65 -5.18
C PHE H 192 -72.37 -7.32 -4.30
N ILE H 193 -72.71 -8.47 -3.72
CA ILE H 193 -71.75 -9.22 -2.93
C ILE H 193 -70.57 -9.66 -3.78
N GLN H 194 -70.84 -10.13 -5.00
CA GLN H 194 -69.76 -10.52 -5.91
C GLN H 194 -68.87 -9.34 -6.25
N ASN H 195 -69.47 -8.18 -6.54
CA ASN H 195 -68.68 -6.99 -6.86
C ASN H 195 -67.82 -6.57 -5.69
N LEU H 196 -68.38 -6.59 -4.48
CA LEU H 196 -67.61 -6.23 -3.29
C LEU H 196 -66.47 -7.23 -3.06
N ILE H 197 -66.74 -8.52 -3.23
CA ILE H 197 -65.72 -9.54 -2.97
C ILE H 197 -64.58 -9.44 -3.98
N ARG H 198 -64.91 -9.26 -5.27
CA ARG H 198 -63.88 -9.20 -6.29
C ARG H 198 -62.94 -8.03 -6.09
N LYS H 199 -63.43 -6.95 -5.46
CA LYS H 199 -62.65 -5.72 -5.33
C LYS H 199 -62.29 -5.41 -3.88
N CYS H 200 -62.24 -6.42 -3.02
CA CYS H 200 -61.75 -6.27 -1.66
C CYS H 200 -60.57 -7.18 -1.33
N VAL H 201 -60.41 -8.29 -2.04
CA VAL H 201 -59.32 -9.23 -1.82
C VAL H 201 -58.24 -8.98 -2.86
N ALA H 202 -57.00 -8.82 -2.41
CA ALA H 202 -55.91 -8.63 -3.33
C ALA H 202 -55.53 -9.95 -3.99
N PRO H 203 -55.10 -9.92 -5.25
CA PRO H 203 -54.69 -11.16 -5.91
C PRO H 203 -53.43 -11.74 -5.30
N GLU H 204 -53.36 -13.07 -5.30
CA GLU H 204 -52.13 -13.74 -4.88
C GLU H 204 -50.99 -13.43 -5.83
N SER H 205 -51.27 -13.47 -7.14
CA SER H 205 -50.27 -13.18 -8.18
C SER H 205 -50.95 -12.34 -9.25
N LEU H 206 -50.67 -11.04 -9.24
CA LEU H 206 -51.26 -10.13 -10.21
C LEU H 206 -50.61 -10.36 -11.58
N THR H 207 -51.34 -11.00 -12.49
CA THR H 207 -50.85 -11.24 -13.84
C THR H 207 -51.24 -10.04 -14.70
N ILE H 208 -50.26 -9.20 -15.01
CA ILE H 208 -50.48 -7.96 -15.74
C ILE H 208 -49.65 -8.00 -17.02
N GLY H 209 -50.28 -7.67 -18.15
CA GLY H 209 -49.57 -7.67 -19.42
C GLY H 209 -49.06 -9.06 -19.73
N THR H 210 -47.75 -9.16 -19.93
CA THR H 210 -47.09 -10.44 -20.18
C THR H 210 -46.26 -10.91 -18.99
N GLU H 211 -46.45 -10.32 -17.81
CA GLU H 211 -45.66 -10.68 -16.65
C GLU H 211 -46.59 -10.93 -15.45
N ASP H 212 -46.01 -11.49 -14.40
CA ASP H 212 -46.73 -11.77 -13.16
C ASP H 212 -45.98 -11.17 -11.99
N LEU H 213 -46.69 -10.43 -11.13
CA LEU H 213 -46.13 -9.85 -9.92
C LEU H 213 -46.70 -10.63 -8.74
N GLN H 214 -45.82 -11.34 -8.03
CA GLN H 214 -46.22 -12.15 -6.88
C GLN H 214 -46.40 -11.23 -5.68
N LEU H 215 -47.63 -10.77 -5.48
CA LEU H 215 -47.93 -9.91 -4.34
C LEU H 215 -47.82 -10.67 -3.03
N ARG H 216 -48.33 -11.91 -2.99
CA ARG H 216 -48.27 -12.71 -1.78
C ARG H 216 -48.39 -14.19 -2.17
N ASN H 217 -47.63 -15.03 -1.48
CA ASN H 217 -47.64 -16.47 -1.73
C ASN H 217 -48.59 -17.22 -0.81
N CYS H 218 -49.31 -16.53 0.07
CA CYS H 218 -50.20 -17.15 1.03
C CYS H 218 -51.53 -16.42 1.05
N ASN H 219 -52.60 -17.19 1.19
CA ASN H 219 -53.95 -16.64 1.23
C ASN H 219 -54.33 -16.28 2.66
N THR H 220 -54.97 -15.11 2.80
CA THR H 220 -55.39 -14.61 4.11
C THR H 220 -56.89 -14.74 4.33
N CYS H 221 -57.61 -15.39 3.41
CA CYS H 221 -59.04 -15.57 3.54
C CYS H 221 -59.43 -16.82 2.76
N ARG H 222 -60.73 -17.02 2.59
CA ARG H 222 -61.25 -18.17 1.86
C ARG H 222 -62.65 -17.86 1.35
N ILE H 223 -62.96 -18.35 0.15
CA ILE H 223 -64.29 -18.22 -0.43
C ILE H 223 -64.93 -19.59 -0.44
N THR H 224 -66.06 -19.71 0.28
CA THR H 224 -66.77 -20.98 0.37
C THR H 224 -68.26 -20.78 0.12
N SER H 225 -69.05 -21.84 0.31
CA SER H 225 -70.49 -21.78 0.01
C SER H 225 -71.21 -20.74 0.84
N GLU H 226 -70.73 -20.45 2.05
CA GLU H 226 -71.35 -19.44 2.91
C GLU H 226 -70.76 -18.05 2.71
N GLY H 227 -69.75 -17.90 1.86
CA GLY H 227 -69.24 -16.57 1.55
C GLY H 227 -67.75 -16.39 1.78
N LEU H 228 -67.35 -15.18 2.16
CA LEU H 228 -65.95 -14.84 2.36
C LEU H 228 -65.62 -14.90 3.85
N LEU H 229 -64.63 -15.70 4.20
CA LEU H 229 -64.28 -15.96 5.59
C LEU H 229 -62.79 -15.66 5.80
N ALA H 230 -62.46 -15.34 7.05
CA ALA H 230 -61.06 -15.27 7.48
C ALA H 230 -60.68 -16.63 8.05
N SER H 231 -60.49 -17.58 7.13
CA SER H 231 -60.25 -18.97 7.54
C SER H 231 -58.96 -19.11 8.33
N VAL H 232 -57.89 -18.45 7.89
CA VAL H 232 -56.60 -18.56 8.56
C VAL H 232 -56.64 -17.78 9.87
N ARG H 233 -56.05 -18.36 10.91
CA ARG H 233 -55.95 -17.71 12.22
C ARG H 233 -54.78 -16.73 12.29
N LEU H 234 -54.68 -15.85 11.30
CA LEU H 234 -53.67 -14.81 11.33
C LEU H 234 -53.94 -13.86 12.49
N TYR H 235 -52.88 -13.47 13.20
CA TYR H 235 -53.04 -12.67 14.41
C TYR H 235 -53.36 -11.23 14.04
N ASN H 236 -54.51 -10.74 14.49
CA ASN H 236 -54.98 -9.39 14.24
C ASN H 236 -55.31 -8.72 15.56
N SER H 237 -54.87 -7.47 15.73
CA SER H 237 -55.15 -6.74 16.97
C SER H 237 -55.37 -5.26 16.73
N VAL H 238 -55.91 -4.88 15.56
CA VAL H 238 -56.18 -3.48 15.27
C VAL H 238 -57.59 -3.15 15.76
N GLN H 239 -57.74 -1.94 16.32
CA GLN H 239 -59.06 -1.55 16.80
C GLN H 239 -59.78 -0.70 15.74
N PRO H 240 -61.07 -0.93 15.53
CA PRO H 240 -61.80 -0.12 14.56
C PRO H 240 -62.00 1.31 15.06
N LYS H 241 -61.64 2.27 14.22
CA LYS H 241 -61.79 3.68 14.55
C LYS H 241 -63.20 4.21 14.28
N TYR H 242 -64.06 3.40 13.65
CA TYR H 242 -65.45 3.77 13.39
C TYR H 242 -66.38 2.80 14.09
N LEU H 243 -66.14 2.55 15.37
CA LEU H 243 -66.92 1.59 16.12
C LEU H 243 -68.38 2.02 16.23
N TYR H 244 -69.24 1.07 16.60
CA TYR H 244 -70.67 1.35 16.68
C TYR H 244 -70.97 2.39 17.75
N GLY H 245 -70.31 2.30 18.90
CA GLY H 245 -70.36 3.34 19.91
C GLY H 245 -71.71 3.55 20.56
N VAL H 246 -72.63 2.60 20.41
CA VAL H 246 -73.95 2.74 21.02
C VAL H 246 -73.89 2.29 22.47
N ASN H 247 -74.63 2.99 23.34
CA ASN H 247 -74.76 2.63 24.74
C ASN H 247 -75.14 1.16 24.88
N GLU H 248 -74.26 0.36 25.49
CA GLU H 248 -74.40 -1.09 25.49
C GLU H 248 -74.91 -1.53 26.87
N ASN H 249 -76.23 -1.53 27.02
CA ASN H 249 -76.83 -2.19 28.18
C ASN H 249 -76.82 -3.71 28.02
N ARG H 250 -76.55 -4.19 26.81
CA ARG H 250 -76.38 -5.60 26.52
C ARG H 250 -74.89 -5.88 26.41
N LEU H 251 -74.35 -6.66 27.33
CA LEU H 251 -72.91 -6.75 27.54
C LEU H 251 -72.32 -7.90 26.74
N GLN H 252 -71.27 -7.60 25.97
CA GLN H 252 -70.49 -8.58 25.23
C GLN H 252 -69.13 -8.70 25.87
N ILE H 253 -68.91 -9.77 26.63
CA ILE H 253 -67.63 -10.02 27.30
C ILE H 253 -66.75 -10.83 26.37
N ARG H 254 -65.46 -10.47 26.31
CA ARG H 254 -64.52 -11.08 25.40
C ARG H 254 -63.22 -11.38 26.13
N ASN H 255 -62.49 -12.36 25.60
CA ASN H 255 -61.23 -12.82 26.20
C ASN H 255 -60.09 -12.01 25.59
N VAL H 256 -59.66 -10.97 26.30
CA VAL H 256 -58.61 -10.08 25.82
C VAL H 256 -57.25 -10.66 26.20
N LEU H 257 -56.28 -10.51 25.30
CA LEU H 257 -54.91 -10.95 25.54
C LEU H 257 -54.05 -9.72 25.79
N GLN H 258 -53.41 -9.67 26.95
CA GLN H 258 -52.61 -8.53 27.37
C GLN H 258 -51.29 -9.00 27.95
N PHE H 259 -50.21 -8.30 27.63
CA PHE H 259 -48.91 -8.54 28.23
C PHE H 259 -48.41 -7.29 28.93
N GLN H 260 -47.64 -7.50 29.99
CA GLN H 260 -47.01 -6.41 30.73
C GLN H 260 -45.64 -6.12 30.12
N GLY H 261 -45.03 -5.05 30.60
CA GLY H 261 -43.70 -4.70 30.14
C GLY H 261 -43.22 -3.42 30.80
N ASN H 262 -41.90 -3.28 30.82
CA ASN H 262 -41.24 -2.10 31.33
C ASN H 262 -40.76 -1.24 30.17
N ALA H 263 -39.99 -0.19 30.48
CA ALA H 263 -39.43 0.64 29.42
C ALA H 263 -38.42 -0.12 28.58
N ASN H 264 -37.74 -1.10 29.16
CA ASN H 264 -36.76 -1.88 28.40
C ASN H 264 -37.43 -2.83 27.42
N ALA H 265 -38.48 -3.54 27.87
CA ALA H 265 -39.21 -4.43 26.96
C ALA H 265 -39.95 -3.65 25.88
N LEU H 266 -40.49 -2.48 26.24
CA LEU H 266 -41.11 -1.59 25.25
C LEU H 266 -40.00 -0.75 24.63
N GLN H 267 -39.32 -1.35 23.65
CA GLN H 267 -38.14 -0.71 23.07
C GLN H 267 -38.53 0.50 22.22
N GLN H 268 -38.51 1.69 22.84
CA GLN H 268 -38.78 2.92 22.12
C GLN H 268 -37.70 3.23 21.10
N LYS H 269 -36.46 2.80 21.37
CA LYS H 269 -35.36 3.07 20.44
C LYS H 269 -35.54 2.37 19.11
N LEU H 270 -36.37 1.34 19.06
CA LEU H 270 -36.65 0.67 17.79
C LEU H 270 -37.67 1.43 16.95
N SER H 271 -38.28 2.48 17.49
CA SER H 271 -39.36 3.17 16.80
C SER H 271 -38.88 4.05 15.65
N ARG H 272 -37.59 4.38 15.58
CA ARG H 272 -37.12 5.28 14.53
C ARG H 272 -37.25 4.66 13.14
N TYR H 273 -37.06 3.34 13.04
CA TYR H 273 -37.31 2.66 11.78
C TYR H 273 -38.79 2.78 11.43
N GLU H 274 -39.08 2.91 10.14
CA GLU H 274 -40.48 2.98 9.72
C GLU H 274 -41.21 1.70 10.10
N LEU H 275 -42.40 1.86 10.67
CA LEU H 275 -43.10 0.74 11.29
C LEU H 275 -43.70 -0.18 10.25
N TYR H 276 -43.69 -1.48 10.56
CA TYR H 276 -44.34 -2.51 9.76
C TYR H 276 -45.47 -3.09 10.62
N GLN H 277 -46.64 -2.48 10.53
CA GLN H 277 -47.77 -2.89 11.36
C GLN H 277 -48.24 -4.29 10.97
N ILE H 278 -48.63 -5.07 11.98
CA ILE H 278 -49.21 -6.40 11.75
C ILE H 278 -50.68 -6.16 11.40
N ASN H 279 -50.94 -6.00 10.11
CA ASN H 279 -52.29 -5.90 9.57
C ASN H 279 -52.59 -7.18 8.79
N ILE H 280 -53.87 -7.38 8.48
CA ILE H 280 -54.28 -8.61 7.80
C ILE H 280 -55.04 -8.22 6.53
N PRO H 281 -54.33 -7.84 5.47
CA PRO H 281 -55.02 -7.56 4.20
C PRO H 281 -55.57 -8.84 3.59
N LEU H 282 -56.64 -8.69 2.83
CA LEU H 282 -57.29 -9.83 2.19
C LEU H 282 -56.55 -10.15 0.90
N PHE H 283 -55.90 -11.32 0.87
CA PHE H 283 -55.16 -11.78 -0.30
C PHE H 283 -55.68 -13.15 -0.70
N LEU H 284 -56.17 -13.26 -1.93
CA LEU H 284 -56.67 -14.53 -2.45
C LEU H 284 -56.92 -14.38 -3.95
N GLY H 285 -56.72 -15.49 -4.67
CA GLY H 285 -57.02 -15.53 -6.09
C GLY H 285 -55.94 -14.92 -6.95
N LYS H 286 -56.14 -15.04 -8.25
CA LYS H 286 -55.24 -14.48 -9.25
C LYS H 286 -55.98 -13.49 -10.12
N GLN H 287 -55.34 -12.35 -10.37
CA GLN H 287 -55.90 -11.30 -11.21
C GLN H 287 -55.22 -11.34 -12.58
N ILE H 288 -55.97 -11.79 -13.58
CA ILE H 288 -55.50 -11.88 -14.95
C ILE H 288 -55.82 -10.55 -15.62
N ILE H 289 -54.78 -9.77 -15.92
CA ILE H 289 -54.93 -8.50 -16.62
C ILE H 289 -54.22 -8.60 -17.97
N SER H 290 -54.97 -8.95 -19.01
CA SER H 290 -54.40 -9.00 -20.35
C SER H 290 -53.92 -7.60 -20.75
N THR H 291 -52.75 -7.55 -21.37
CA THR H 291 -52.12 -6.30 -21.78
C THR H 291 -51.88 -5.36 -20.59
#